data_2E5J
#
_entry.id   2E5J
#
_entity_poly.entity_id   1
_entity_poly.type   'polypeptide(L)'
_entity_poly.pdbx_seq_one_letter_code
;GSSGSSGPGSPPGEGAPLAADVYVGNLPRDARVSDLKRALRELGSVPLRLTWQGPRRRAFLHYPDSAAAQQAVSCLQGLR
LGTDTLRVALARQQRDK
;
_entity_poly.pdbx_strand_id   A
#
# COMPACT_ATOMS: atom_id res chain seq x y z
N GLY A 1 8.29 30.65 18.29
CA GLY A 1 7.57 29.85 17.32
C GLY A 1 6.88 30.68 16.27
N SER A 2 6.26 30.02 15.29
CA SER A 2 5.57 30.73 14.22
C SER A 2 4.71 29.76 13.41
N SER A 3 3.41 30.02 13.38
CA SER A 3 2.47 29.18 12.65
C SER A 3 1.09 29.81 12.59
N GLY A 4 0.28 29.37 11.64
CA GLY A 4 -1.06 29.91 11.50
C GLY A 4 -1.64 29.68 10.11
N SER A 5 -1.56 28.45 9.64
CA SER A 5 -2.07 28.10 8.32
C SER A 5 -2.58 26.65 8.30
N SER A 6 -3.61 26.40 7.48
CA SER A 6 -4.18 25.06 7.37
C SER A 6 -3.76 24.41 6.06
N GLY A 7 -3.98 23.10 5.97
CA GLY A 7 -3.61 22.37 4.77
C GLY A 7 -4.56 21.21 4.49
N PRO A 8 -5.84 21.53 4.27
CA PRO A 8 -6.87 20.52 3.98
C PRO A 8 -6.80 20.02 2.55
N GLY A 9 -7.47 18.90 2.29
CA GLY A 9 -7.47 18.33 0.96
C GLY A 9 -6.90 16.92 0.93
N SER A 10 -7.77 15.94 0.70
CA SER A 10 -7.35 14.54 0.66
C SER A 10 -8.15 13.77 -0.39
N PRO A 11 -7.47 12.82 -1.06
CA PRO A 11 -8.10 11.99 -2.10
C PRO A 11 -9.47 11.47 -1.67
N PRO A 12 -10.53 12.08 -2.21
CA PRO A 12 -11.90 11.69 -1.91
C PRO A 12 -12.10 10.19 -1.94
N GLY A 13 -13.18 9.71 -1.30
CA GLY A 13 -13.46 8.29 -1.28
C GLY A 13 -14.94 7.99 -1.40
N GLU A 14 -15.53 8.36 -2.53
CA GLU A 14 -16.95 8.12 -2.76
C GLU A 14 -17.25 7.95 -4.24
N GLY A 15 -18.01 6.92 -4.58
CA GLY A 15 -18.35 6.66 -5.96
C GLY A 15 -17.40 5.69 -6.62
N ALA A 16 -16.10 5.92 -6.44
CA ALA A 16 -15.09 5.04 -7.03
C ALA A 16 -15.06 3.69 -6.34
N PRO A 17 -14.58 2.67 -7.06
CA PRO A 17 -14.49 1.30 -6.54
C PRO A 17 -13.92 1.25 -5.13
N LEU A 18 -14.51 0.42 -4.27
CA LEU A 18 -14.05 0.28 -2.89
C LEU A 18 -12.82 -0.61 -2.81
N ALA A 19 -11.87 -0.40 -3.72
CA ALA A 19 -10.65 -1.18 -3.75
C ALA A 19 -9.77 -0.86 -2.54
N ALA A 20 -9.91 -1.66 -1.50
CA ALA A 20 -9.13 -1.47 -0.28
C ALA A 20 -7.88 -2.35 -0.29
N ASP A 21 -7.19 -2.38 -1.42
CA ASP A 21 -5.99 -3.19 -1.55
C ASP A 21 -4.76 -2.31 -1.76
N VAL A 22 -3.77 -2.47 -0.88
CA VAL A 22 -2.55 -1.69 -0.96
C VAL A 22 -1.43 -2.47 -1.64
N TYR A 23 -0.79 -1.85 -2.63
CA TYR A 23 0.29 -2.49 -3.36
C TYR A 23 1.63 -2.27 -2.66
N VAL A 24 2.49 -3.28 -2.71
CA VAL A 24 3.80 -3.20 -2.08
C VAL A 24 4.86 -3.90 -2.92
N GLY A 25 5.76 -3.10 -3.51
CA GLY A 25 6.81 -3.66 -4.33
C GLY A 25 8.19 -3.17 -3.93
N ASN A 26 9.22 -3.62 -4.65
CA ASN A 26 10.58 -3.23 -4.36
C ASN A 26 11.05 -3.83 -3.03
N LEU A 27 10.85 -5.13 -2.88
CA LEU A 27 11.25 -5.83 -1.66
C LEU A 27 12.67 -6.35 -1.77
N PRO A 28 13.38 -6.40 -0.64
CA PRO A 28 14.76 -6.87 -0.58
C PRO A 28 14.97 -8.15 -1.39
N ARG A 29 16.23 -8.52 -1.59
CA ARG A 29 16.56 -9.73 -2.34
C ARG A 29 15.88 -10.95 -1.74
N ASP A 30 16.12 -11.18 -0.45
CA ASP A 30 15.54 -12.32 0.26
C ASP A 30 14.68 -11.85 1.42
N ALA A 31 13.85 -10.84 1.18
CA ALA A 31 12.97 -10.31 2.21
C ALA A 31 12.11 -11.40 2.83
N ARG A 32 11.65 -11.16 4.05
CA ARG A 32 10.82 -12.13 4.75
C ARG A 32 9.50 -11.50 5.18
N VAL A 33 8.39 -12.15 4.84
CA VAL A 33 7.07 -11.65 5.19
C VAL A 33 7.06 -11.07 6.59
N SER A 34 7.69 -11.78 7.53
CA SER A 34 7.75 -11.33 8.92
C SER A 34 8.19 -9.87 9.00
N ASP A 35 9.40 -9.60 8.50
CA ASP A 35 9.94 -8.25 8.52
C ASP A 35 8.84 -7.22 8.25
N LEU A 36 8.07 -7.45 7.21
CA LEU A 36 6.98 -6.54 6.84
C LEU A 36 5.85 -6.60 7.87
N LYS A 37 5.37 -7.81 8.15
CA LYS A 37 4.30 -8.00 9.11
C LYS A 37 4.57 -7.22 10.39
N ARG A 38 5.70 -7.51 11.03
CA ARG A 38 6.07 -6.83 12.26
C ARG A 38 5.76 -5.34 12.19
N ALA A 39 6.46 -4.64 11.29
CA ALA A 39 6.26 -3.21 11.11
C ALA A 39 4.77 -2.87 11.05
N LEU A 40 4.02 -3.69 10.31
CA LEU A 40 2.58 -3.47 10.16
C LEU A 40 1.86 -3.63 11.50
N ARG A 41 2.30 -4.60 12.29
CA ARG A 41 1.71 -4.85 13.60
C ARG A 41 1.91 -3.67 14.53
N GLU A 42 3.17 -3.28 14.71
CA GLU A 42 3.50 -2.15 15.58
C GLU A 42 2.84 -0.87 15.08
N LEU A 43 2.64 -0.78 13.77
CA LEU A 43 2.02 0.39 13.17
C LEU A 43 0.50 0.27 13.15
N GLY A 44 -0.01 -0.74 13.85
CA GLY A 44 -1.44 -0.96 13.91
C GLY A 44 -2.07 -1.11 12.53
N SER A 45 -1.24 -1.44 11.55
CA SER A 45 -1.72 -1.61 10.18
C SER A 45 -1.80 -3.09 9.82
N VAL A 46 -2.57 -3.84 10.60
CA VAL A 46 -2.74 -5.28 10.36
C VAL A 46 -4.05 -5.56 9.64
N PRO A 47 -3.96 -5.84 8.33
CA PRO A 47 -5.13 -6.13 7.50
C PRO A 47 -5.67 -7.53 7.74
N LEU A 48 -6.80 -7.86 7.12
CA LEU A 48 -7.41 -9.17 7.26
C LEU A 48 -6.58 -10.23 6.57
N ARG A 49 -6.12 -9.93 5.36
CA ARG A 49 -5.30 -10.86 4.58
C ARG A 49 -4.10 -10.16 3.96
N LEU A 50 -3.01 -10.89 3.79
CA LEU A 50 -1.81 -10.33 3.19
C LEU A 50 -1.17 -11.33 2.23
N THR A 51 -1.08 -10.93 0.96
CA THR A 51 -0.49 -11.78 -0.07
C THR A 51 0.97 -11.42 -0.31
N TRP A 52 1.87 -12.23 0.22
CA TRP A 52 3.31 -12.00 0.06
C TRP A 52 3.90 -12.96 -0.95
N GLN A 53 4.73 -12.42 -1.85
CA GLN A 53 5.37 -13.24 -2.89
C GLN A 53 6.88 -13.16 -2.78
N GLY A 54 7.54 -14.29 -2.98
CA GLY A 54 8.99 -14.33 -2.90
C GLY A 54 9.66 -13.94 -4.21
N PRO A 55 9.82 -14.93 -5.11
CA PRO A 55 10.44 -14.72 -6.41
C PRO A 55 9.91 -13.47 -7.11
N ARG A 56 8.68 -13.10 -6.80
CA ARG A 56 8.05 -11.93 -7.39
C ARG A 56 8.40 -10.66 -6.60
N ARG A 57 8.67 -10.84 -5.31
CA ARG A 57 9.01 -9.72 -4.44
C ARG A 57 7.88 -8.68 -4.42
N ARG A 58 6.67 -9.15 -4.14
CA ARG A 58 5.51 -8.27 -4.08
C ARG A 58 4.67 -8.54 -2.83
N ALA A 59 3.81 -7.59 -2.48
CA ALA A 59 2.95 -7.73 -1.31
C ALA A 59 1.64 -6.97 -1.50
N PHE A 60 0.54 -7.61 -1.15
CA PHE A 60 -0.78 -7.01 -1.28
C PHE A 60 -1.55 -7.08 0.04
N LEU A 61 -1.84 -5.92 0.60
CA LEU A 61 -2.57 -5.84 1.87
C LEU A 61 -4.05 -5.59 1.63
N HIS A 62 -4.89 -6.51 2.10
CA HIS A 62 -6.33 -6.38 1.95
C HIS A 62 -6.98 -5.89 3.23
N TYR A 63 -7.45 -4.65 3.22
CA TYR A 63 -8.10 -4.07 4.40
C TYR A 63 -9.61 -4.18 4.30
N PRO A 64 -10.28 -4.22 5.46
CA PRO A 64 -11.74 -4.33 5.53
C PRO A 64 -12.44 -3.37 4.57
N ASP A 65 -12.13 -2.08 4.70
CA ASP A 65 -12.73 -1.06 3.86
C ASP A 65 -11.71 0.00 3.48
N SER A 66 -11.98 0.73 2.39
CA SER A 66 -11.08 1.78 1.93
C SER A 66 -10.51 2.56 3.10
N ALA A 67 -11.39 3.15 3.90
CA ALA A 67 -10.98 3.93 5.06
C ALA A 67 -9.79 3.29 5.76
N ALA A 68 -9.96 2.05 6.19
CA ALA A 68 -8.91 1.33 6.88
C ALA A 68 -7.60 1.36 6.08
N ALA A 69 -7.71 1.10 4.78
CA ALA A 69 -6.55 1.11 3.90
C ALA A 69 -5.88 2.48 3.89
N GLN A 70 -6.61 3.49 3.41
CA GLN A 70 -6.09 4.85 3.34
C GLN A 70 -5.26 5.17 4.58
N GLN A 71 -5.90 5.14 5.74
CA GLN A 71 -5.22 5.44 7.00
C GLN A 71 -3.88 4.73 7.07
N ALA A 72 -3.89 3.41 6.86
CA ALA A 72 -2.67 2.61 6.89
C ALA A 72 -1.62 3.19 5.94
N VAL A 73 -1.94 3.21 4.66
CA VAL A 73 -1.02 3.72 3.65
C VAL A 73 -0.24 4.91 4.17
N SER A 74 -0.93 6.02 4.41
CA SER A 74 -0.31 7.23 4.92
C SER A 74 0.80 6.89 5.91
N CYS A 75 0.53 5.94 6.79
CA CYS A 75 1.51 5.52 7.79
C CYS A 75 2.63 4.71 7.15
N LEU A 76 2.27 3.67 6.40
CA LEU A 76 3.25 2.82 5.74
C LEU A 76 4.25 3.67 4.96
N GLN A 77 3.75 4.65 4.22
CA GLN A 77 4.62 5.53 3.44
C GLN A 77 5.92 5.81 4.16
N GLY A 78 6.98 6.04 3.39
CA GLY A 78 8.28 6.31 3.98
C GLY A 78 8.97 5.05 4.46
N LEU A 79 8.28 4.28 5.29
CA LEU A 79 8.83 3.04 5.83
C LEU A 79 9.60 2.28 4.76
N ARG A 80 10.82 1.86 5.10
CA ARG A 80 11.66 1.12 4.17
C ARG A 80 12.51 0.09 4.90
N LEU A 81 12.86 -0.98 4.21
CA LEU A 81 13.67 -2.05 4.79
C LEU A 81 15.10 -1.99 4.29
N GLY A 82 16.04 -1.72 5.19
CA GLY A 82 17.43 -1.64 4.81
C GLY A 82 17.77 -0.34 4.12
N THR A 83 18.27 -0.44 2.89
CA THR A 83 18.64 0.73 2.11
C THR A 83 17.58 1.05 1.06
N ASP A 84 17.08 0.00 0.40
CA ASP A 84 16.06 0.17 -0.63
C ASP A 84 14.76 0.67 -0.03
N THR A 85 14.13 1.64 -0.69
CA THR A 85 12.88 2.20 -0.22
C THR A 85 11.69 1.52 -0.87
N LEU A 86 11.02 0.65 -0.12
CA LEU A 86 9.87 -0.08 -0.62
C LEU A 86 8.89 0.86 -1.33
N ARG A 87 8.28 0.38 -2.40
CA ARG A 87 7.33 1.18 -3.16
C ARG A 87 5.89 0.87 -2.75
N VAL A 88 5.40 1.57 -1.73
CA VAL A 88 4.05 1.36 -1.23
C VAL A 88 3.09 2.41 -1.81
N ALA A 89 1.93 1.94 -2.27
CA ALA A 89 0.93 2.84 -2.83
C ALA A 89 -0.36 2.09 -3.14
N LEU A 90 -1.49 2.73 -2.89
CA LEU A 90 -2.80 2.12 -3.14
C LEU A 90 -2.82 1.44 -4.51
N ALA A 91 -3.12 0.15 -4.51
CA ALA A 91 -3.19 -0.62 -5.75
C ALA A 91 -4.32 -0.12 -6.63
N ARG A 92 -3.97 0.43 -7.79
CA ARG A 92 -4.96 0.95 -8.73
C ARG A 92 -4.58 0.61 -10.16
N GLN A 93 -5.54 0.10 -10.93
CA GLN A 93 -5.30 -0.27 -12.32
C GLN A 93 -6.60 -0.34 -13.09
N GLN A 94 -6.57 0.14 -14.33
CA GLN A 94 -7.76 0.13 -15.19
C GLN A 94 -7.79 -1.12 -16.06
N ARG A 95 -8.10 -2.25 -15.44
CA ARG A 95 -8.17 -3.52 -16.17
C ARG A 95 -9.62 -3.94 -16.41
N ASP A 96 -10.14 -3.60 -17.58
CA ASP A 96 -11.52 -3.93 -17.93
C ASP A 96 -11.55 -5.02 -19.00
N LYS A 97 -12.24 -6.12 -18.70
CA LYS A 97 -12.34 -7.24 -19.63
C LYS A 97 -13.30 -6.89 -20.78
N GLY A 1 -0.79 6.70 -19.57
CA GLY A 1 0.54 7.10 -19.16
C GLY A 1 0.78 8.58 -19.36
N SER A 2 1.17 9.27 -18.28
CA SER A 2 1.42 10.71 -18.34
C SER A 2 2.91 10.99 -18.43
N SER A 3 3.62 10.19 -19.23
CA SER A 3 5.05 10.35 -19.40
C SER A 3 5.36 11.54 -20.32
N GLY A 4 4.64 11.62 -21.43
CA GLY A 4 4.85 12.71 -22.37
C GLY A 4 3.96 13.91 -22.08
N SER A 5 4.09 14.94 -22.91
CA SER A 5 3.31 16.15 -22.72
C SER A 5 1.97 16.04 -23.44
N SER A 6 2.01 15.78 -24.74
CA SER A 6 0.81 15.65 -25.54
C SER A 6 0.09 14.33 -25.24
N GLY A 7 -1.16 14.43 -24.77
CA GLY A 7 -1.93 13.25 -24.44
C GLY A 7 -3.38 13.36 -24.88
N PRO A 8 -3.67 12.82 -26.08
CA PRO A 8 -5.02 12.85 -26.64
C PRO A 8 -5.95 11.83 -25.99
N GLY A 9 -6.58 12.23 -24.89
CA GLY A 9 -7.48 11.33 -24.19
C GLY A 9 -8.22 12.02 -23.07
N SER A 10 -9.44 12.46 -23.35
CA SER A 10 -10.26 13.15 -22.35
C SER A 10 -10.61 12.21 -21.20
N PRO A 11 -10.75 12.79 -20.00
CA PRO A 11 -11.08 12.03 -18.79
C PRO A 11 -12.56 11.66 -18.73
N PRO A 12 -12.87 10.59 -17.98
CA PRO A 12 -14.25 10.11 -17.83
C PRO A 12 -15.06 10.97 -16.85
N GLY A 13 -14.45 12.05 -16.38
CA GLY A 13 -15.12 12.94 -15.45
C GLY A 13 -14.50 12.90 -14.07
N GLU A 14 -14.63 11.77 -13.39
CA GLU A 14 -14.08 11.61 -12.04
C GLU A 14 -12.98 10.56 -12.03
N GLY A 15 -13.23 9.44 -12.69
CA GLY A 15 -12.25 8.37 -12.73
C GLY A 15 -12.86 6.99 -12.58
N ALA A 16 -12.57 6.33 -11.47
CA ALA A 16 -13.10 5.01 -11.20
C ALA A 16 -13.13 4.70 -9.71
N PRO A 17 -14.16 3.98 -9.27
CA PRO A 17 -14.33 3.61 -7.86
C PRO A 17 -13.03 3.10 -7.24
N LEU A 18 -12.77 3.52 -6.01
CA LEU A 18 -11.56 3.10 -5.30
C LEU A 18 -11.78 1.77 -4.59
N ALA A 19 -10.69 1.15 -4.16
CA ALA A 19 -10.76 -0.13 -3.46
C ALA A 19 -9.89 -0.13 -2.22
N ALA A 20 -10.08 -1.11 -1.35
CA ALA A 20 -9.32 -1.22 -0.12
C ALA A 20 -8.13 -2.16 -0.29
N ASP A 21 -7.48 -2.08 -1.45
CA ASP A 21 -6.33 -2.93 -1.74
C ASP A 21 -5.07 -2.09 -1.90
N VAL A 22 -4.04 -2.44 -1.13
CA VAL A 22 -2.77 -1.73 -1.19
C VAL A 22 -1.67 -2.60 -1.76
N TYR A 23 -0.87 -2.04 -2.66
CA TYR A 23 0.23 -2.77 -3.28
C TYR A 23 1.56 -2.43 -2.62
N VAL A 24 2.32 -3.46 -2.27
CA VAL A 24 3.61 -3.27 -1.63
C VAL A 24 4.70 -4.06 -2.35
N GLY A 25 5.37 -3.39 -3.29
CA GLY A 25 6.44 -4.04 -4.04
C GLY A 25 7.81 -3.48 -3.71
N ASN A 26 8.80 -3.84 -4.52
CA ASN A 26 10.16 -3.37 -4.30
C ASN A 26 10.76 -3.97 -3.04
N LEU A 27 10.46 -5.26 -2.81
CA LEU A 27 10.97 -5.95 -1.63
C LEU A 27 12.44 -6.32 -1.80
N PRO A 28 13.20 -6.26 -0.69
CA PRO A 28 14.63 -6.59 -0.70
C PRO A 28 14.93 -7.88 -1.46
N ARG A 29 16.21 -8.17 -1.65
CA ARG A 29 16.63 -9.37 -2.36
C ARG A 29 16.33 -10.62 -1.54
N ASP A 30 16.53 -10.53 -0.24
CA ASP A 30 16.27 -11.66 0.66
C ASP A 30 15.37 -11.25 1.81
N ALA A 31 14.37 -10.42 1.51
CA ALA A 31 13.43 -9.96 2.51
C ALA A 31 12.66 -11.12 3.13
N ARG A 32 12.04 -10.88 4.28
CA ARG A 32 11.28 -11.90 4.97
C ARG A 32 9.87 -11.41 5.31
N VAL A 33 8.86 -12.11 4.82
CA VAL A 33 7.48 -11.75 5.07
C VAL A 33 7.24 -11.45 6.53
N SER A 34 8.12 -11.96 7.38
CA SER A 34 8.01 -11.75 8.83
C SER A 34 8.47 -10.34 9.20
N ASP A 35 9.60 -9.92 8.65
CA ASP A 35 10.15 -8.60 8.93
C ASP A 35 9.09 -7.53 8.73
N LEU A 36 8.36 -7.63 7.62
CA LEU A 36 7.32 -6.66 7.31
C LEU A 36 6.20 -6.71 8.34
N LYS A 37 5.63 -7.90 8.53
CA LYS A 37 4.55 -8.09 9.49
C LYS A 37 4.93 -7.50 10.86
N ARG A 38 6.13 -7.84 11.32
CA ARG A 38 6.61 -7.35 12.61
C ARG A 38 6.26 -5.88 12.80
N ALA A 39 6.76 -5.04 11.90
CA ALA A 39 6.50 -3.61 11.96
C ALA A 39 5.00 -3.31 11.91
N LEU A 40 4.41 -3.58 10.75
CA LEU A 40 2.98 -3.34 10.57
C LEU A 40 2.21 -3.63 11.85
N ARG A 41 2.49 -4.77 12.48
CA ARG A 41 1.83 -5.15 13.71
C ARG A 41 1.72 -3.97 14.67
N GLU A 42 2.87 -3.51 15.15
CA GLU A 42 2.91 -2.39 16.09
C GLU A 42 2.24 -1.16 15.47
N LEU A 43 2.70 -0.78 14.28
CA LEU A 43 2.16 0.38 13.59
C LEU A 43 0.63 0.36 13.60
N GLY A 44 0.06 -0.83 13.78
CA GLY A 44 -1.39 -0.97 13.81
C GLY A 44 -1.98 -1.12 12.43
N SER A 45 -1.16 -1.53 11.47
CA SER A 45 -1.61 -1.69 10.10
C SER A 45 -1.74 -3.18 9.74
N VAL A 46 -2.47 -3.91 10.56
CA VAL A 46 -2.67 -5.34 10.34
C VAL A 46 -4.02 -5.61 9.68
N PRO A 47 -4.00 -5.89 8.37
CA PRO A 47 -5.21 -6.18 7.59
C PRO A 47 -5.75 -7.58 7.87
N LEU A 48 -6.89 -7.90 7.26
CA LEU A 48 -7.51 -9.20 7.42
C LEU A 48 -6.78 -10.27 6.62
N ARG A 49 -6.53 -9.96 5.35
CA ARG A 49 -5.83 -10.89 4.47
C ARG A 49 -4.59 -10.25 3.86
N LEU A 50 -3.51 -11.01 3.79
CA LEU A 50 -2.26 -10.52 3.22
C LEU A 50 -1.62 -11.54 2.28
N THR A 51 -1.17 -11.07 1.13
CA THR A 51 -0.55 -11.95 0.14
C THR A 51 0.90 -11.56 -0.11
N TRP A 52 1.78 -12.55 -0.14
CA TRP A 52 3.20 -12.31 -0.36
C TRP A 52 3.75 -13.25 -1.44
N GLN A 53 4.66 -12.73 -2.26
CA GLN A 53 5.25 -13.53 -3.32
C GLN A 53 6.77 -13.33 -3.37
N GLY A 54 7.50 -14.42 -3.59
CA GLY A 54 8.95 -14.34 -3.64
C GLY A 54 9.44 -13.89 -5.00
N PRO A 55 9.46 -14.82 -5.97
CA PRO A 55 9.91 -14.53 -7.34
C PRO A 55 9.34 -13.23 -7.87
N ARG A 56 8.24 -12.78 -7.29
CA ARG A 56 7.58 -11.55 -7.72
C ARG A 56 8.03 -10.38 -6.85
N ARG A 57 8.42 -10.68 -5.61
CA ARG A 57 8.86 -9.64 -4.68
C ARG A 57 7.78 -8.57 -4.50
N ARG A 58 6.56 -9.02 -4.27
CA ARG A 58 5.44 -8.10 -4.08
C ARG A 58 4.52 -8.59 -2.97
N ALA A 59 3.76 -7.67 -2.37
CA ALA A 59 2.84 -8.01 -1.30
C ALA A 59 1.55 -7.21 -1.42
N PHE A 60 0.42 -7.87 -1.12
CA PHE A 60 -0.88 -7.22 -1.20
C PHE A 60 -1.54 -7.17 0.17
N LEU A 61 -2.09 -6.02 0.52
CA LEU A 61 -2.76 -5.83 1.80
C LEU A 61 -4.25 -5.61 1.61
N HIS A 62 -5.06 -6.49 2.22
CA HIS A 62 -6.51 -6.38 2.12
C HIS A 62 -7.10 -5.91 3.44
N TYR A 63 -7.52 -4.65 3.48
CA TYR A 63 -8.11 -4.06 4.67
C TYR A 63 -9.63 -4.13 4.62
N PRO A 64 -10.27 -4.12 5.80
CA PRO A 64 -11.73 -4.17 5.91
C PRO A 64 -12.42 -3.21 4.95
N ASP A 65 -12.12 -1.92 5.10
CA ASP A 65 -12.72 -0.91 4.23
C ASP A 65 -11.65 0.03 3.70
N SER A 66 -11.98 0.76 2.62
CA SER A 66 -11.05 1.69 2.01
C SER A 66 -10.33 2.52 3.07
N ALA A 67 -11.11 3.19 3.91
CA ALA A 67 -10.55 4.03 4.97
C ALA A 67 -9.28 3.40 5.55
N ALA A 68 -9.39 2.14 5.98
CA ALA A 68 -8.25 1.43 6.55
C ALA A 68 -7.07 1.45 5.60
N ALA A 69 -7.31 1.09 4.34
CA ALA A 69 -6.25 1.06 3.33
C ALA A 69 -5.65 2.45 3.14
N GLN A 70 -6.50 3.40 2.73
CA GLN A 70 -6.05 4.77 2.51
C GLN A 70 -5.15 5.24 3.64
N GLN A 71 -5.68 5.25 4.85
CA GLN A 71 -4.93 5.68 6.02
C GLN A 71 -3.62 4.92 6.14
N ALA A 72 -3.70 3.59 6.04
CA ALA A 72 -2.52 2.74 6.13
C ALA A 72 -1.41 3.24 5.22
N VAL A 73 -1.78 3.67 4.01
CA VAL A 73 -0.82 4.18 3.05
C VAL A 73 -0.02 5.34 3.63
N SER A 74 -0.73 6.27 4.27
CA SER A 74 -0.09 7.44 4.86
C SER A 74 0.77 7.04 6.05
N CYS A 75 0.38 5.97 6.73
CA CYS A 75 1.11 5.48 7.89
C CYS A 75 2.32 4.65 7.46
N LEU A 76 2.22 4.03 6.29
CA LEU A 76 3.29 3.21 5.76
C LEU A 76 4.32 4.06 5.02
N GLN A 77 3.82 5.01 4.23
CA GLN A 77 4.69 5.89 3.46
C GLN A 77 5.98 6.19 4.22
N GLY A 78 7.06 6.40 3.48
CA GLY A 78 8.35 6.69 4.10
C GLY A 78 9.03 5.44 4.62
N LEU A 79 8.33 4.68 5.44
CA LEU A 79 8.88 3.45 6.01
C LEU A 79 9.59 2.63 4.94
N ARG A 80 10.74 2.09 5.29
CA ARG A 80 11.52 1.27 4.36
C ARG A 80 12.36 0.25 5.12
N LEU A 81 12.83 -0.77 4.39
CA LEU A 81 13.65 -1.82 4.99
C LEU A 81 15.09 -1.73 4.49
N GLY A 82 16.03 -2.03 5.38
CA GLY A 82 17.43 -1.98 5.01
C GLY A 82 17.87 -0.60 4.55
N THR A 83 18.25 -0.50 3.29
CA THR A 83 18.70 0.76 2.71
C THR A 83 17.81 1.17 1.54
N ASP A 84 17.14 0.20 0.94
CA ASP A 84 16.26 0.46 -0.20
C ASP A 84 14.86 0.80 0.28
N THR A 85 14.16 1.63 -0.49
CA THR A 85 12.80 2.05 -0.14
C THR A 85 11.77 1.17 -0.85
N LEU A 86 10.80 0.68 -0.10
CA LEU A 86 9.75 -0.18 -0.65
C LEU A 86 8.77 0.65 -1.46
N ARG A 87 8.09 0.00 -2.41
CA ARG A 87 7.12 0.67 -3.25
C ARG A 87 5.70 0.47 -2.71
N VAL A 88 5.14 1.53 -2.13
CA VAL A 88 3.79 1.47 -1.58
C VAL A 88 2.85 2.39 -2.33
N ALA A 89 1.73 1.84 -2.78
CA ALA A 89 0.73 2.62 -3.52
C ALA A 89 -0.55 1.82 -3.72
N LEU A 90 -1.69 2.46 -3.43
CA LEU A 90 -2.98 1.81 -3.57
C LEU A 90 -3.04 0.97 -4.84
N ALA A 91 -3.36 -0.31 -4.68
CA ALA A 91 -3.44 -1.22 -5.82
C ALA A 91 -4.60 -0.84 -6.74
N ARG A 92 -4.77 -1.60 -7.82
CA ARG A 92 -5.83 -1.34 -8.77
C ARG A 92 -5.94 0.14 -9.09
N GLN A 93 -4.79 0.77 -9.31
CA GLN A 93 -4.74 2.19 -9.62
C GLN A 93 -4.33 2.42 -11.08
N GLN A 94 -5.32 2.61 -11.94
CA GLN A 94 -5.07 2.84 -13.36
C GLN A 94 -4.21 4.09 -13.57
N ARG A 95 -3.48 4.12 -14.67
CA ARG A 95 -2.61 5.26 -14.98
C ARG A 95 -3.43 6.42 -15.54
N ASP A 96 -3.58 7.47 -14.74
CA ASP A 96 -4.34 8.65 -15.16
C ASP A 96 -4.02 9.84 -14.27
N LYS A 97 -3.83 11.00 -14.89
CA LYS A 97 -3.53 12.22 -14.16
C LYS A 97 -4.76 12.75 -13.42
N GLY A 1 25.93 -6.61 -6.07
CA GLY A 1 25.34 -5.60 -5.23
C GLY A 1 24.05 -5.05 -5.81
N SER A 2 22.92 -5.61 -5.37
CA SER A 2 21.62 -5.17 -5.85
C SER A 2 21.22 -3.83 -5.23
N SER A 3 21.40 -2.76 -6.01
CA SER A 3 21.07 -1.42 -5.55
C SER A 3 20.55 -0.56 -6.69
N GLY A 4 19.29 -0.15 -6.61
CA GLY A 4 18.71 0.68 -7.64
C GLY A 4 17.40 0.10 -8.18
N SER A 5 16.29 0.78 -7.88
CA SER A 5 14.99 0.33 -8.33
C SER A 5 14.64 0.93 -9.70
N SER A 6 14.73 0.11 -10.73
CA SER A 6 14.43 0.55 -12.09
C SER A 6 13.74 -0.55 -12.88
N GLY A 7 12.51 -0.28 -13.30
CA GLY A 7 11.76 -1.26 -14.06
C GLY A 7 10.27 -1.23 -13.76
N PRO A 8 9.59 -0.16 -14.21
CA PRO A 8 8.15 0.02 -13.98
C PRO A 8 7.32 -0.85 -14.91
N GLY A 9 7.98 -1.57 -15.81
CA GLY A 9 7.28 -2.42 -16.75
C GLY A 9 6.11 -3.14 -16.11
N SER A 10 4.90 -2.84 -16.58
CA SER A 10 3.70 -3.46 -16.04
C SER A 10 2.74 -3.85 -17.16
N PRO A 11 2.01 -4.95 -16.96
CA PRO A 11 1.04 -5.45 -17.95
C PRO A 11 -0.26 -4.64 -17.95
N PRO A 12 -0.89 -4.54 -19.13
CA PRO A 12 -2.15 -3.80 -19.29
C PRO A 12 -3.35 -4.57 -18.78
N GLY A 13 -4.53 -3.98 -18.91
CA GLY A 13 -5.75 -4.64 -18.45
C GLY A 13 -6.88 -3.66 -18.20
N GLU A 14 -8.09 -4.04 -18.60
CA GLU A 14 -9.25 -3.18 -18.41
C GLU A 14 -9.25 -2.56 -17.01
N GLY A 15 -9.23 -3.41 -15.99
CA GLY A 15 -9.23 -2.92 -14.63
C GLY A 15 -9.29 -4.05 -13.61
N ALA A 16 -9.58 -3.70 -12.36
CA ALA A 16 -9.68 -4.70 -11.30
C ALA A 16 -10.53 -4.19 -10.14
N PRO A 17 -11.29 -5.10 -9.53
CA PRO A 17 -12.17 -4.77 -8.39
C PRO A 17 -11.46 -3.90 -7.36
N LEU A 18 -12.25 -3.12 -6.61
CA LEU A 18 -11.70 -2.25 -5.58
C LEU A 18 -11.92 -2.85 -4.19
N ALA A 19 -10.86 -3.45 -3.64
CA ALA A 19 -10.94 -4.05 -2.31
C ALA A 19 -9.94 -3.41 -1.36
N ALA A 20 -9.96 -2.08 -1.30
CA ALA A 20 -9.06 -1.34 -0.41
C ALA A 20 -7.71 -2.05 -0.31
N ASP A 21 -7.27 -2.64 -1.41
CA ASP A 21 -5.99 -3.35 -1.44
C ASP A 21 -4.84 -2.37 -1.63
N VAL A 22 -3.69 -2.69 -1.03
CA VAL A 22 -2.51 -1.85 -1.13
C VAL A 22 -1.34 -2.59 -1.77
N TYR A 23 -0.84 -2.06 -2.87
CA TYR A 23 0.27 -2.68 -3.58
C TYR A 23 1.60 -2.35 -2.90
N VAL A 24 2.41 -3.39 -2.67
CA VAL A 24 3.71 -3.21 -2.03
C VAL A 24 4.81 -3.93 -2.81
N GLY A 25 5.77 -3.16 -3.30
CA GLY A 25 6.86 -3.73 -4.06
C GLY A 25 8.21 -3.25 -3.59
N ASN A 26 9.25 -3.52 -4.37
CA ASN A 26 10.61 -3.11 -4.03
C ASN A 26 11.06 -3.78 -2.73
N LEU A 27 10.89 -5.08 -2.65
CA LEU A 27 11.28 -5.84 -1.46
C LEU A 27 12.74 -6.27 -1.55
N PRO A 28 13.42 -6.26 -0.39
CA PRO A 28 14.84 -6.65 -0.32
C PRO A 28 15.13 -7.93 -1.09
N ARG A 29 16.41 -8.16 -1.36
CA ARG A 29 16.83 -9.36 -2.10
C ARG A 29 16.32 -10.63 -1.41
N ASP A 30 16.52 -10.70 -0.11
CA ASP A 30 16.10 -11.86 0.67
C ASP A 30 15.15 -11.44 1.80
N ALA A 31 14.21 -10.56 1.47
CA ALA A 31 13.24 -10.07 2.45
C ALA A 31 12.32 -11.19 2.89
N ARG A 32 11.82 -11.09 4.12
CA ARG A 32 10.92 -12.10 4.68
C ARG A 32 9.54 -11.51 4.93
N VAL A 33 8.50 -12.31 4.74
CA VAL A 33 7.13 -11.88 4.95
C VAL A 33 6.89 -11.53 6.42
N SER A 34 7.81 -11.95 7.27
CA SER A 34 7.69 -11.68 8.70
C SER A 34 8.21 -10.29 9.05
N ASP A 35 9.31 -9.90 8.41
CA ASP A 35 9.90 -8.59 8.65
C ASP A 35 8.89 -7.48 8.37
N LEU A 36 8.16 -7.63 7.26
CA LEU A 36 7.17 -6.63 6.88
C LEU A 36 6.03 -6.57 7.89
N LYS A 37 5.45 -7.74 8.19
CA LYS A 37 4.36 -7.83 9.14
C LYS A 37 4.76 -7.25 10.50
N ARG A 38 5.93 -7.67 10.99
CA ARG A 38 6.43 -7.20 12.27
C ARG A 38 6.07 -5.73 12.48
N ALA A 39 6.49 -4.88 11.55
CA ALA A 39 6.21 -3.45 11.64
C ALA A 39 4.71 -3.19 11.68
N LEU A 40 4.03 -3.49 10.58
CA LEU A 40 2.60 -3.28 10.48
C LEU A 40 1.92 -3.56 11.82
N ARG A 41 2.25 -4.70 12.42
CA ARG A 41 1.67 -5.10 13.69
C ARG A 41 1.71 -3.93 14.69
N GLU A 42 2.90 -3.33 14.84
CA GLU A 42 3.06 -2.22 15.76
C GLU A 42 2.39 -0.97 15.22
N LEU A 43 2.58 -0.70 13.93
CA LEU A 43 2.00 0.47 13.29
C LEU A 43 0.49 0.49 13.49
N GLY A 44 -0.09 -0.68 13.71
CA GLY A 44 -1.53 -0.78 13.91
C GLY A 44 -2.29 -0.77 12.60
N SER A 45 -1.76 -1.47 11.60
CA SER A 45 -2.40 -1.54 10.29
C SER A 45 -2.65 -2.98 9.89
N VAL A 46 -2.63 -3.88 10.88
CA VAL A 46 -2.86 -5.30 10.62
C VAL A 46 -4.11 -5.51 9.78
N PRO A 47 -3.90 -5.86 8.49
CA PRO A 47 -5.00 -6.11 7.56
C PRO A 47 -5.66 -7.47 7.77
N LEU A 48 -6.70 -7.74 7.00
CA LEU A 48 -7.42 -9.01 7.11
C LEU A 48 -6.67 -10.12 6.40
N ARG A 49 -6.15 -9.82 5.21
CA ARG A 49 -5.40 -10.80 4.43
C ARG A 49 -4.15 -10.18 3.84
N LEU A 50 -3.16 -11.01 3.54
CA LEU A 50 -1.90 -10.54 2.95
C LEU A 50 -1.36 -11.56 1.95
N THR A 51 -1.06 -11.09 0.74
CA THR A 51 -0.53 -11.94 -0.30
C THR A 51 0.93 -11.60 -0.60
N TRP A 52 1.84 -12.34 0.03
CA TRP A 52 3.27 -12.12 -0.16
C TRP A 52 3.84 -13.13 -1.17
N GLN A 53 4.79 -12.67 -1.97
CA GLN A 53 5.43 -13.54 -2.96
C GLN A 53 6.93 -13.61 -2.75
N GLY A 54 7.57 -14.60 -3.37
CA GLY A 54 9.00 -14.76 -3.23
C GLY A 54 9.76 -14.20 -4.42
N PRO A 55 9.68 -14.89 -5.56
CA PRO A 55 10.36 -14.48 -6.79
C PRO A 55 9.70 -13.27 -7.45
N ARG A 56 8.66 -12.75 -6.79
CA ARG A 56 7.94 -11.59 -7.31
C ARG A 56 8.19 -10.36 -6.44
N ARG A 57 8.86 -10.56 -5.31
CA ARG A 57 9.15 -9.47 -4.38
C ARG A 57 8.00 -8.48 -4.33
N ARG A 58 6.79 -9.00 -4.20
CA ARG A 58 5.59 -8.16 -4.13
C ARG A 58 4.64 -8.66 -3.05
N ALA A 59 3.96 -7.73 -2.38
CA ALA A 59 3.01 -8.08 -1.33
C ALA A 59 1.75 -7.22 -1.43
N PHE A 60 0.60 -7.86 -1.22
CA PHE A 60 -0.67 -7.16 -1.29
C PHE A 60 -1.39 -7.21 0.06
N LEU A 61 -1.83 -6.06 0.53
CA LEU A 61 -2.54 -5.97 1.81
C LEU A 61 -4.04 -5.79 1.59
N HIS A 62 -4.84 -6.68 2.19
CA HIS A 62 -6.28 -6.61 2.06
C HIS A 62 -6.91 -5.99 3.31
N TYR A 63 -7.28 -4.72 3.22
CA TYR A 63 -7.89 -4.01 4.34
C TYR A 63 -9.40 -4.09 4.28
N PRO A 64 -10.05 -4.02 5.45
CA PRO A 64 -11.52 -4.07 5.56
C PRO A 64 -12.21 -3.18 4.53
N ASP A 65 -11.89 -1.89 4.58
CA ASP A 65 -12.48 -0.92 3.66
C ASP A 65 -11.44 0.08 3.18
N SER A 66 -11.87 1.03 2.36
CA SER A 66 -10.97 2.06 1.84
C SER A 66 -10.29 2.82 2.97
N ALA A 67 -11.10 3.35 3.88
CA ALA A 67 -10.58 4.10 5.01
C ALA A 67 -9.41 3.37 5.67
N ALA A 68 -9.67 2.14 6.10
CA ALA A 68 -8.63 1.33 6.75
C ALA A 68 -7.33 1.37 5.96
N ALA A 69 -7.42 1.07 4.67
CA ALA A 69 -6.24 1.07 3.79
C ALA A 69 -5.56 2.44 3.79
N GLN A 70 -6.29 3.45 3.33
CA GLN A 70 -5.75 4.80 3.27
C GLN A 70 -5.04 5.16 4.58
N GLN A 71 -5.79 5.14 5.67
CA GLN A 71 -5.23 5.47 6.98
C GLN A 71 -3.83 4.87 7.14
N ALA A 72 -3.69 3.61 6.76
CA ALA A 72 -2.40 2.93 6.85
C ALA A 72 -1.38 3.55 5.91
N VAL A 73 -1.69 3.53 4.62
CA VAL A 73 -0.79 4.09 3.60
C VAL A 73 -0.07 5.33 4.13
N SER A 74 -0.85 6.37 4.42
CA SER A 74 -0.28 7.62 4.93
C SER A 74 0.87 7.35 5.88
N CYS A 75 0.70 6.36 6.75
CA CYS A 75 1.73 6.00 7.72
C CYS A 75 2.81 5.15 7.07
N LEU A 76 2.42 3.99 6.56
CA LEU A 76 3.36 3.08 5.90
C LEU A 76 4.41 3.87 5.11
N GLN A 77 3.94 4.80 4.30
CA GLN A 77 4.83 5.62 3.48
C GLN A 77 6.12 5.94 4.24
N GLY A 78 7.19 6.20 3.49
CA GLY A 78 8.46 6.52 4.11
C GLY A 78 9.17 5.29 4.65
N LEU A 79 8.46 4.52 5.49
CA LEU A 79 9.02 3.32 6.07
C LEU A 79 9.61 2.40 4.99
N ARG A 80 10.87 2.00 5.18
CA ARG A 80 11.55 1.14 4.22
C ARG A 80 12.36 0.07 4.94
N LEU A 81 12.86 -0.91 4.18
CA LEU A 81 13.65 -1.99 4.75
C LEU A 81 15.05 -2.02 4.13
N GLY A 82 16.06 -1.87 4.96
CA GLY A 82 17.43 -1.89 4.47
C GLY A 82 17.79 -0.64 3.69
N THR A 83 17.86 -0.77 2.37
CA THR A 83 18.19 0.36 1.51
C THR A 83 17.02 0.73 0.61
N ASP A 84 16.56 -0.24 -0.18
CA ASP A 84 15.45 -0.01 -1.10
C ASP A 84 14.23 0.54 -0.35
N THR A 85 13.52 1.45 -1.00
CA THR A 85 12.33 2.06 -0.39
C THR A 85 11.05 1.36 -0.85
N LEU A 86 10.48 0.55 0.03
CA LEU A 86 9.26 -0.18 -0.27
C LEU A 86 8.28 0.70 -1.03
N ARG A 87 7.80 0.20 -2.17
CA ARG A 87 6.85 0.95 -2.99
C ARG A 87 5.42 0.63 -2.59
N VAL A 88 4.89 1.37 -1.63
CA VAL A 88 3.53 1.17 -1.16
C VAL A 88 2.57 2.19 -1.77
N ALA A 89 1.55 1.69 -2.47
CA ALA A 89 0.56 2.57 -3.10
C ALA A 89 -0.76 1.84 -3.30
N LEU A 90 -1.85 2.54 -3.03
CA LEU A 90 -3.19 1.95 -3.18
C LEU A 90 -3.30 1.19 -4.50
N ALA A 91 -3.64 -0.09 -4.41
CA ALA A 91 -3.79 -0.92 -5.60
C ALA A 91 -5.20 -0.82 -6.17
N ARG A 92 -5.73 0.40 -6.20
CA ARG A 92 -7.07 0.64 -6.72
C ARG A 92 -7.02 1.56 -7.93
N GLN A 93 -6.06 2.48 -7.94
CA GLN A 93 -5.90 3.42 -9.04
C GLN A 93 -4.74 3.03 -9.93
N GLN A 94 -5.01 2.87 -11.23
CA GLN A 94 -3.97 2.49 -12.19
C GLN A 94 -4.05 3.36 -13.44
N ARG A 95 -3.05 4.21 -13.63
CA ARG A 95 -3.00 5.09 -14.79
C ARG A 95 -2.12 4.50 -15.89
N ASP A 96 -2.75 3.84 -16.86
CA ASP A 96 -2.02 3.23 -17.96
C ASP A 96 -1.34 4.30 -18.81
N LYS A 97 -0.05 4.09 -19.06
CA LYS A 97 0.73 5.03 -19.87
C LYS A 97 1.33 4.35 -21.09
N GLY A 1 12.18 31.84 7.94
CA GLY A 1 12.27 30.39 8.06
C GLY A 1 12.69 29.72 6.76
N SER A 2 12.29 28.47 6.59
CA SER A 2 12.64 27.72 5.40
C SER A 2 11.40 27.02 4.82
N SER A 3 10.63 27.76 4.03
CA SER A 3 9.42 27.22 3.41
C SER A 3 9.41 27.49 1.91
N GLY A 4 8.51 26.81 1.21
CA GLY A 4 8.41 26.99 -0.23
C GLY A 4 7.51 25.95 -0.87
N SER A 5 6.33 25.75 -0.31
CA SER A 5 5.38 24.78 -0.83
C SER A 5 4.97 25.14 -2.25
N SER A 6 4.43 24.17 -2.97
CA SER A 6 4.00 24.37 -4.35
C SER A 6 2.53 24.01 -4.52
N GLY A 7 2.18 22.78 -4.15
CA GLY A 7 0.81 22.33 -4.27
C GLY A 7 0.70 20.93 -4.83
N PRO A 8 0.67 19.92 -3.95
CA PRO A 8 0.57 18.52 -4.34
C PRO A 8 -0.84 18.13 -4.75
N GLY A 9 -0.98 16.92 -5.30
CA GLY A 9 -2.28 16.45 -5.73
C GLY A 9 -2.51 16.63 -7.22
N SER A 10 -3.64 16.16 -7.71
CA SER A 10 -3.97 16.26 -9.13
C SER A 10 -5.48 16.27 -9.34
N PRO A 11 -5.92 16.92 -10.42
CA PRO A 11 -7.35 17.01 -10.76
C PRO A 11 -8.06 15.68 -10.65
N PRO A 12 -9.36 15.73 -10.28
CA PRO A 12 -10.18 14.52 -10.13
C PRO A 12 -10.00 13.55 -11.28
N GLY A 13 -9.90 12.25 -10.95
CA GLY A 13 -9.73 11.24 -11.97
C GLY A 13 -10.73 10.11 -11.84
N GLU A 14 -11.40 9.79 -12.95
CA GLU A 14 -12.39 8.71 -12.94
C GLU A 14 -11.77 7.40 -13.39
N GLY A 15 -11.21 6.66 -12.43
CA GLY A 15 -10.60 5.38 -12.74
C GLY A 15 -11.36 4.21 -12.18
N ALA A 16 -10.72 3.05 -12.17
CA ALA A 16 -11.36 1.84 -11.64
C ALA A 16 -12.06 2.11 -10.32
N PRO A 17 -13.19 1.43 -10.09
CA PRO A 17 -13.98 1.59 -8.87
C PRO A 17 -13.11 1.58 -7.61
N LEU A 18 -13.65 2.10 -6.52
CA LEU A 18 -12.93 2.15 -5.25
C LEU A 18 -12.50 0.76 -4.81
N ALA A 19 -11.50 0.71 -3.94
CA ALA A 19 -10.99 -0.56 -3.44
C ALA A 19 -10.25 -0.37 -2.12
N ALA A 20 -10.15 -1.43 -1.34
CA ALA A 20 -9.46 -1.38 -0.06
C ALA A 20 -8.20 -2.26 -0.07
N ASP A 21 -7.55 -2.32 -1.23
CA ASP A 21 -6.34 -3.11 -1.38
C ASP A 21 -5.13 -2.22 -1.63
N VAL A 22 -4.02 -2.54 -0.98
CA VAL A 22 -2.79 -1.77 -1.13
C VAL A 22 -1.67 -2.62 -1.74
N TYR A 23 -1.08 -2.11 -2.82
CA TYR A 23 -0.01 -2.82 -3.50
C TYR A 23 1.35 -2.39 -2.94
N VAL A 24 2.19 -3.38 -2.61
CA VAL A 24 3.52 -3.10 -2.08
C VAL A 24 4.57 -3.96 -2.76
N GLY A 25 5.73 -3.37 -3.05
CA GLY A 25 6.79 -4.10 -3.69
C GLY A 25 8.17 -3.58 -3.31
N ASN A 26 9.17 -3.87 -4.14
CA ASN A 26 10.53 -3.42 -3.89
C ASN A 26 11.06 -4.04 -2.60
N LEU A 27 10.89 -5.36 -2.46
CA LEU A 27 11.35 -6.07 -1.27
C LEU A 27 12.81 -6.50 -1.44
N PRO A 28 13.56 -6.46 -0.34
CA PRO A 28 14.98 -6.85 -0.33
C PRO A 28 15.22 -8.16 -1.08
N ARG A 29 16.45 -8.34 -1.54
CA ARG A 29 16.82 -9.55 -2.27
C ARG A 29 16.55 -10.79 -1.44
N ASP A 30 16.91 -10.74 -0.17
CA ASP A 30 16.71 -11.87 0.74
C ASP A 30 15.82 -11.46 1.91
N ALA A 31 14.83 -10.62 1.63
CA ALA A 31 13.91 -10.17 2.66
C ALA A 31 13.07 -11.32 3.21
N ARG A 32 12.45 -11.10 4.36
CA ARG A 32 11.62 -12.12 4.99
C ARG A 32 10.18 -11.65 5.14
N VAL A 33 9.23 -12.52 4.83
CA VAL A 33 7.81 -12.19 4.93
C VAL A 33 7.49 -11.59 6.30
N SER A 34 8.09 -12.15 7.34
CA SER A 34 7.86 -11.68 8.70
C SER A 34 8.15 -10.18 8.81
N ASP A 35 9.38 -9.80 8.47
CA ASP A 35 9.79 -8.41 8.53
C ASP A 35 8.63 -7.48 8.17
N LEU A 36 8.05 -7.70 6.99
CA LEU A 36 6.93 -6.90 6.52
C LEU A 36 5.86 -6.78 7.60
N LYS A 37 5.36 -7.93 8.05
CA LYS A 37 4.33 -7.96 9.08
C LYS A 37 4.79 -7.24 10.34
N ARG A 38 6.03 -7.46 10.72
CA ARG A 38 6.60 -6.83 11.90
C ARG A 38 6.24 -5.34 11.95
N ALA A 39 6.67 -4.60 10.92
CA ALA A 39 6.40 -3.18 10.84
C ALA A 39 4.89 -2.91 10.83
N LEU A 40 4.21 -3.49 9.85
CA LEU A 40 2.76 -3.30 9.72
C LEU A 40 2.08 -3.36 11.08
N ARG A 41 2.47 -4.34 11.90
CA ARG A 41 1.89 -4.50 13.22
C ARG A 41 2.11 -3.24 14.06
N GLU A 42 3.36 -2.82 14.17
CA GLU A 42 3.71 -1.63 14.95
C GLU A 42 3.02 -0.39 14.37
N LEU A 43 2.74 -0.43 13.07
CA LEU A 43 2.09 0.69 12.40
C LEU A 43 0.58 0.51 12.37
N GLY A 44 0.08 -0.37 13.23
CA GLY A 44 -1.35 -0.63 13.29
C GLY A 44 -1.96 -0.77 11.92
N SER A 45 -1.16 -1.16 10.95
CA SER A 45 -1.63 -1.32 9.58
C SER A 45 -1.69 -2.81 9.20
N VAL A 46 -2.37 -3.59 10.02
CA VAL A 46 -2.50 -5.02 9.78
C VAL A 46 -3.80 -5.34 9.05
N PRO A 47 -3.69 -5.66 7.75
CA PRO A 47 -4.85 -6.00 6.92
C PRO A 47 -5.41 -7.38 7.23
N LEU A 48 -6.69 -7.57 6.91
CA LEU A 48 -7.36 -8.84 7.16
C LEU A 48 -6.58 -9.99 6.52
N ARG A 49 -6.10 -9.77 5.30
CA ARG A 49 -5.34 -10.77 4.57
C ARG A 49 -4.17 -10.14 3.83
N LEU A 50 -3.07 -10.89 3.74
CA LEU A 50 -1.87 -10.40 3.05
C LEU A 50 -1.28 -11.49 2.16
N THR A 51 -1.22 -11.22 0.86
CA THR A 51 -0.68 -12.17 -0.09
C THR A 51 0.75 -11.81 -0.47
N TRP A 52 1.72 -12.42 0.21
CA TRP A 52 3.13 -12.16 -0.06
C TRP A 52 3.63 -13.03 -1.20
N GLN A 53 4.60 -12.51 -1.95
CA GLN A 53 5.16 -13.24 -3.08
C GLN A 53 6.67 -13.43 -2.90
N GLY A 54 7.20 -14.51 -3.48
CA GLY A 54 8.62 -14.79 -3.37
C GLY A 54 9.41 -14.19 -4.52
N PRO A 55 9.21 -14.73 -5.73
CA PRO A 55 9.90 -14.25 -6.93
C PRO A 55 9.34 -12.93 -7.44
N ARG A 56 8.14 -12.59 -7.01
CA ARG A 56 7.50 -11.35 -7.42
C ARG A 56 7.84 -10.22 -6.47
N ARG A 57 8.60 -10.53 -5.43
CA ARG A 57 9.01 -9.54 -4.44
C ARG A 57 7.91 -8.49 -4.25
N ARG A 58 6.67 -8.96 -4.16
CA ARG A 58 5.54 -8.06 -3.96
C ARG A 58 4.54 -8.64 -2.96
N ALA A 59 3.72 -7.79 -2.38
CA ALA A 59 2.73 -8.22 -1.41
C ALA A 59 1.44 -7.43 -1.56
N PHE A 60 0.30 -8.11 -1.39
CA PHE A 60 -1.00 -7.47 -1.50
C PHE A 60 -1.69 -7.38 -0.14
N LEU A 61 -2.10 -6.17 0.23
CA LEU A 61 -2.77 -5.95 1.50
C LEU A 61 -4.28 -5.80 1.31
N HIS A 62 -5.05 -6.54 2.10
CA HIS A 62 -6.50 -6.49 2.02
C HIS A 62 -7.10 -5.97 3.32
N TYR A 63 -7.47 -4.69 3.33
CA TYR A 63 -8.06 -4.08 4.51
C TYR A 63 -9.58 -4.15 4.47
N PRO A 64 -10.20 -4.16 5.66
CA PRO A 64 -11.66 -4.23 5.79
C PRO A 64 -12.38 -3.27 4.84
N ASP A 65 -12.13 -1.98 5.03
CA ASP A 65 -12.75 -0.96 4.19
C ASP A 65 -11.69 -0.03 3.60
N SER A 66 -12.13 0.87 2.73
CA SER A 66 -11.21 1.81 2.08
C SER A 66 -10.54 2.70 3.12
N ALA A 67 -11.33 3.21 4.06
CA ALA A 67 -10.80 4.09 5.10
C ALA A 67 -9.68 3.40 5.88
N ALA A 68 -9.96 2.20 6.38
CA ALA A 68 -8.97 1.44 7.14
C ALA A 68 -7.64 1.40 6.41
N ALA A 69 -7.68 1.13 5.11
CA ALA A 69 -6.47 1.06 4.30
C ALA A 69 -5.84 2.44 4.14
N GLN A 70 -6.62 3.39 3.61
CA GLN A 70 -6.14 4.75 3.40
C GLN A 70 -5.36 5.24 4.62
N GLN A 71 -6.01 5.23 5.77
CA GLN A 71 -5.39 5.68 7.01
C GLN A 71 -4.04 4.99 7.21
N ALA A 72 -3.98 3.70 6.86
CA ALA A 72 -2.75 2.93 7.01
C ALA A 72 -1.68 3.41 6.03
N VAL A 73 -1.99 3.33 4.74
CA VAL A 73 -1.06 3.75 3.70
C VAL A 73 -0.24 4.95 4.17
N SER A 74 -0.92 6.05 4.47
CA SER A 74 -0.25 7.27 4.92
C SER A 74 0.84 6.94 5.93
N CYS A 75 0.53 6.02 6.85
CA CYS A 75 1.49 5.62 7.88
C CYS A 75 2.63 4.80 7.28
N LEU A 76 2.27 3.76 6.54
CA LEU A 76 3.26 2.89 5.91
C LEU A 76 4.30 3.72 5.15
N GLN A 77 3.84 4.74 4.44
CA GLN A 77 4.72 5.61 3.68
C GLN A 77 6.01 5.88 4.44
N GLY A 78 7.09 6.12 3.70
CA GLY A 78 8.38 6.39 4.33
C GLY A 78 9.08 5.12 4.76
N LEU A 79 8.37 4.28 5.50
CA LEU A 79 8.92 3.03 5.99
C LEU A 79 9.83 2.38 4.93
N ARG A 80 11.07 2.11 5.30
CA ARG A 80 12.02 1.50 4.39
C ARG A 80 12.80 0.37 5.08
N LEU A 81 12.84 -0.78 4.43
CA LEU A 81 13.55 -1.94 4.97
C LEU A 81 15.03 -1.89 4.63
N GLY A 82 15.88 -2.06 5.64
CA GLY A 82 17.32 -2.04 5.41
C GLY A 82 17.77 -0.77 4.73
N THR A 83 18.23 -0.88 3.50
CA THR A 83 18.71 0.26 2.73
C THR A 83 18.01 0.34 1.37
N ASP A 84 16.72 0.07 1.36
CA ASP A 84 15.94 0.11 0.12
C ASP A 84 14.48 0.43 0.40
N THR A 85 14.05 1.61 -0.03
CA THR A 85 12.67 2.04 0.19
C THR A 85 11.69 1.09 -0.48
N LEU A 86 10.50 0.96 0.11
CA LEU A 86 9.47 0.08 -0.42
C LEU A 86 8.45 0.87 -1.23
N ARG A 87 8.00 0.29 -2.34
CA ARG A 87 7.02 0.94 -3.21
C ARG A 87 5.60 0.60 -2.76
N VAL A 88 5.03 1.44 -1.91
CA VAL A 88 3.68 1.23 -1.41
C VAL A 88 2.71 2.21 -2.05
N ALA A 89 1.59 1.68 -2.54
CA ALA A 89 0.57 2.51 -3.17
C ALA A 89 -0.72 1.72 -3.40
N LEU A 90 -1.85 2.33 -3.08
CA LEU A 90 -3.15 1.69 -3.25
C LEU A 90 -3.20 0.90 -4.56
N ALA A 91 -3.72 -0.32 -4.49
CA ALA A 91 -3.83 -1.17 -5.67
C ALA A 91 -5.08 -0.84 -6.47
N ARG A 92 -4.89 -0.26 -7.65
CA ARG A 92 -6.01 0.10 -8.51
C ARG A 92 -5.86 -0.53 -9.89
N GLN A 93 -6.75 -1.47 -10.21
CA GLN A 93 -6.71 -2.15 -11.50
C GLN A 93 -8.11 -2.54 -11.94
N GLN A 94 -8.39 -2.40 -13.23
CA GLN A 94 -9.69 -2.75 -13.78
C GLN A 94 -9.88 -4.26 -13.82
N ARG A 95 -11.13 -4.70 -13.71
CA ARG A 95 -11.44 -6.13 -13.72
C ARG A 95 -11.21 -6.71 -15.12
N ASP A 96 -11.63 -5.99 -16.14
CA ASP A 96 -11.46 -6.44 -17.52
C ASP A 96 -12.13 -7.80 -17.73
N LYS A 97 -13.30 -7.97 -17.14
CA LYS A 97 -14.04 -9.22 -17.26
C LYS A 97 -15.32 -9.03 -18.09
N GLY A 1 -3.39 35.83 -37.60
CA GLY A 1 -3.81 36.24 -36.29
C GLY A 1 -4.83 35.28 -35.68
N SER A 2 -5.71 35.82 -34.84
CA SER A 2 -6.72 35.00 -34.18
C SER A 2 -6.11 33.72 -33.62
N SER A 3 -4.93 33.85 -33.01
CA SER A 3 -4.24 32.71 -32.43
C SER A 3 -4.38 32.70 -30.90
N GLY A 4 -4.02 31.58 -30.28
CA GLY A 4 -4.11 31.47 -28.84
C GLY A 4 -3.41 30.24 -28.31
N SER A 5 -2.87 30.34 -27.09
CA SER A 5 -2.16 29.23 -26.48
C SER A 5 -2.26 29.31 -24.96
N SER A 6 -2.47 28.15 -24.33
CA SER A 6 -2.59 28.08 -22.88
C SER A 6 -2.31 26.67 -22.37
N GLY A 7 -2.26 26.51 -21.06
CA GLY A 7 -2.01 25.21 -20.47
C GLY A 7 -3.18 24.68 -19.69
N PRO A 8 -3.37 23.36 -19.71
CA PRO A 8 -4.47 22.69 -19.01
C PRO A 8 -4.22 22.58 -17.51
N GLY A 9 -5.21 22.98 -16.72
CA GLY A 9 -5.07 22.91 -15.27
C GLY A 9 -6.40 23.08 -14.56
N SER A 10 -7.22 22.04 -14.58
CA SER A 10 -8.52 22.08 -13.93
C SER A 10 -8.47 21.41 -12.56
N PRO A 11 -9.34 21.86 -11.65
CA PRO A 11 -9.41 21.32 -10.29
C PRO A 11 -10.13 19.98 -10.24
N PRO A 12 -9.70 19.12 -9.30
CA PRO A 12 -10.28 17.79 -9.12
C PRO A 12 -11.62 17.83 -8.38
N GLY A 13 -12.46 16.83 -8.62
CA GLY A 13 -13.75 16.77 -7.97
C GLY A 13 -14.10 15.38 -7.48
N GLU A 14 -15.38 15.15 -7.21
CA GLU A 14 -15.84 13.86 -6.73
C GLU A 14 -15.74 12.80 -7.83
N GLY A 15 -15.51 11.55 -7.42
CA GLY A 15 -15.39 10.47 -8.38
C GLY A 15 -14.28 9.50 -8.04
N ALA A 16 -14.66 8.40 -7.39
CA ALA A 16 -13.68 7.38 -6.99
C ALA A 16 -14.36 6.04 -6.75
N PRO A 17 -13.67 4.95 -7.11
CA PRO A 17 -14.18 3.59 -6.95
C PRO A 17 -14.08 3.11 -5.51
N LEU A 18 -14.46 1.85 -5.28
CA LEU A 18 -14.41 1.26 -3.95
C LEU A 18 -13.41 0.11 -3.90
N ALA A 19 -12.36 0.30 -3.10
CA ALA A 19 -11.32 -0.73 -2.95
C ALA A 19 -10.47 -0.48 -1.72
N ALA A 20 -9.94 -1.55 -1.15
CA ALA A 20 -9.09 -1.45 0.04
C ALA A 20 -7.83 -2.29 -0.11
N ASP A 21 -7.27 -2.31 -1.32
CA ASP A 21 -6.06 -3.08 -1.59
C ASP A 21 -4.84 -2.16 -1.61
N VAL A 22 -3.70 -2.70 -1.19
CA VAL A 22 -2.46 -1.93 -1.16
C VAL A 22 -1.32 -2.72 -1.79
N TYR A 23 -0.65 -2.11 -2.76
CA TYR A 23 0.46 -2.75 -3.45
C TYR A 23 1.79 -2.44 -2.75
N VAL A 24 2.61 -3.46 -2.57
CA VAL A 24 3.90 -3.29 -1.92
C VAL A 24 5.01 -3.98 -2.72
N GLY A 25 5.76 -3.20 -3.49
CA GLY A 25 6.84 -3.75 -4.29
C GLY A 25 8.21 -3.24 -3.85
N ASN A 26 9.20 -3.44 -4.69
CA ASN A 26 10.56 -3.00 -4.39
C ASN A 26 11.04 -3.59 -3.07
N LEU A 27 10.82 -4.89 -2.90
CA LEU A 27 11.24 -5.58 -1.68
C LEU A 27 12.63 -6.17 -1.84
N PRO A 28 13.39 -6.20 -0.74
CA PRO A 28 14.75 -6.75 -0.72
C PRO A 28 14.85 -8.08 -1.45
N ARG A 29 16.07 -8.58 -1.60
CA ARG A 29 16.30 -9.84 -2.28
C ARG A 29 16.02 -11.03 -1.35
N ASP A 30 16.18 -10.79 -0.06
CA ASP A 30 15.95 -11.84 0.94
C ASP A 30 14.85 -11.42 1.91
N ALA A 31 14.12 -10.36 1.56
CA ALA A 31 13.04 -9.87 2.41
C ALA A 31 12.17 -11.01 2.91
N ARG A 32 11.90 -11.01 4.21
CA ARG A 32 11.08 -12.05 4.82
C ARG A 32 9.73 -11.49 5.25
N VAL A 33 8.66 -12.19 4.88
CA VAL A 33 7.30 -11.76 5.22
C VAL A 33 7.25 -11.21 6.64
N SER A 34 8.01 -11.84 7.54
CA SER A 34 8.04 -11.42 8.93
C SER A 34 8.45 -9.95 9.05
N ASP A 35 9.63 -9.63 8.53
CA ASP A 35 10.14 -8.26 8.56
C ASP A 35 9.01 -7.26 8.29
N LEU A 36 8.31 -7.45 7.18
CA LEU A 36 7.21 -6.57 6.82
C LEU A 36 6.11 -6.58 7.87
N LYS A 37 5.65 -7.78 8.21
CA LYS A 37 4.60 -7.94 9.21
C LYS A 37 4.92 -7.14 10.47
N ARG A 38 6.08 -7.40 11.06
CA ARG A 38 6.50 -6.71 12.26
C ARG A 38 6.07 -5.25 12.22
N ALA A 39 6.61 -4.50 11.26
CA ALA A 39 6.28 -3.08 11.13
C ALA A 39 4.77 -2.89 10.97
N LEU A 40 4.16 -3.68 10.10
CA LEU A 40 2.73 -3.58 9.86
C LEU A 40 1.96 -3.59 11.17
N ARG A 41 2.28 -4.55 12.04
CA ARG A 41 1.62 -4.67 13.33
C ARG A 41 1.89 -3.45 14.20
N GLU A 42 3.16 -3.07 14.27
CA GLU A 42 3.56 -1.91 15.07
C GLU A 42 2.84 -0.65 14.61
N LEU A 43 2.53 -0.59 13.31
CA LEU A 43 1.83 0.56 12.74
C LEU A 43 0.33 0.29 12.65
N GLY A 44 -0.19 -0.51 13.57
CA GLY A 44 -1.60 -0.83 13.56
C GLY A 44 -2.15 -1.02 12.16
N SER A 45 -1.28 -1.44 11.25
CA SER A 45 -1.69 -1.65 9.86
C SER A 45 -1.80 -3.14 9.55
N VAL A 46 -2.58 -3.85 10.35
CA VAL A 46 -2.77 -5.29 10.16
C VAL A 46 -4.07 -5.58 9.43
N PRO A 47 -3.96 -5.91 8.13
CA PRO A 47 -5.13 -6.23 7.29
C PRO A 47 -5.71 -7.61 7.58
N LEU A 48 -6.94 -7.83 7.15
CA LEU A 48 -7.61 -9.11 7.37
C LEU A 48 -6.96 -10.21 6.54
N ARG A 49 -6.70 -9.91 5.27
CA ARG A 49 -6.08 -10.88 4.37
C ARG A 49 -4.85 -10.29 3.70
N LEU A 50 -3.70 -10.93 3.93
CA LEU A 50 -2.44 -10.48 3.35
C LEU A 50 -1.89 -11.50 2.36
N THR A 51 -1.58 -11.04 1.15
CA THR A 51 -1.04 -11.92 0.11
C THR A 51 0.37 -11.50 -0.27
N TRP A 52 1.35 -12.01 0.48
CA TRP A 52 2.75 -11.70 0.21
C TRP A 52 3.32 -12.62 -0.85
N GLN A 53 4.03 -12.03 -1.81
CA GLN A 53 4.63 -12.81 -2.90
C GLN A 53 6.12 -12.50 -3.02
N GLY A 54 6.90 -13.02 -2.07
CA GLY A 54 8.34 -12.79 -2.10
C GLY A 54 8.93 -13.01 -3.47
N PRO A 55 8.66 -14.18 -4.06
CA PRO A 55 9.18 -14.53 -5.39
C PRO A 55 8.91 -13.44 -6.43
N ARG A 56 7.90 -12.62 -6.16
CA ARG A 56 7.54 -11.53 -7.06
C ARG A 56 7.99 -10.19 -6.51
N ARG A 57 9.01 -10.21 -5.67
CA ARG A 57 9.55 -9.00 -5.06
C ARG A 57 8.43 -7.99 -4.81
N ARG A 58 7.31 -8.47 -4.29
CA ARG A 58 6.17 -7.62 -3.99
C ARG A 58 5.17 -8.32 -3.08
N ALA A 59 4.15 -7.59 -2.64
CA ALA A 59 3.13 -8.15 -1.76
C ALA A 59 1.82 -7.39 -1.89
N PHE A 60 0.74 -8.00 -1.43
CA PHE A 60 -0.58 -7.38 -1.49
C PHE A 60 -1.28 -7.41 -0.14
N LEU A 61 -1.95 -6.33 0.21
CA LEU A 61 -2.66 -6.24 1.48
C LEU A 61 -4.15 -5.96 1.27
N HIS A 62 -4.99 -6.72 1.97
CA HIS A 62 -6.44 -6.55 1.86
C HIS A 62 -7.02 -6.01 3.15
N TYR A 63 -7.56 -4.81 3.11
CA TYR A 63 -8.16 -4.18 4.27
C TYR A 63 -9.69 -4.22 4.20
N PRO A 64 -10.33 -4.20 5.38
CA PRO A 64 -11.79 -4.25 5.48
C PRO A 64 -12.46 -3.28 4.50
N ASP A 65 -12.12 -2.00 4.61
CA ASP A 65 -12.68 -0.98 3.75
C ASP A 65 -11.61 0.02 3.31
N SER A 66 -11.96 0.87 2.35
CA SER A 66 -11.03 1.87 1.84
C SER A 66 -10.36 2.63 2.98
N ALA A 67 -11.19 3.26 3.82
CA ALA A 67 -10.69 4.02 4.96
C ALA A 67 -9.57 3.28 5.66
N ALA A 68 -9.88 2.07 6.15
CA ALA A 68 -8.90 1.25 6.85
C ALA A 68 -7.59 1.18 6.07
N ALA A 69 -7.69 0.96 4.76
CA ALA A 69 -6.51 0.87 3.91
C ALA A 69 -5.75 2.19 3.88
N GLN A 70 -6.48 3.28 3.64
CA GLN A 70 -5.87 4.61 3.59
C GLN A 70 -5.03 4.87 4.83
N GLN A 71 -5.65 4.77 5.99
CA GLN A 71 -4.96 5.00 7.26
C GLN A 71 -3.66 4.22 7.30
N ALA A 72 -3.68 2.99 6.81
CA ALA A 72 -2.50 2.13 6.80
C ALA A 72 -1.45 2.68 5.85
N VAL A 73 -1.79 2.75 4.57
CA VAL A 73 -0.87 3.25 3.55
C VAL A 73 -0.12 4.48 4.06
N SER A 74 -0.86 5.56 4.33
CA SER A 74 -0.26 6.79 4.81
C SER A 74 0.85 6.50 5.83
N CYS A 75 0.58 5.57 6.73
CA CYS A 75 1.56 5.19 7.74
C CYS A 75 2.74 4.46 7.13
N LEU A 76 2.47 3.34 6.48
CA LEU A 76 3.52 2.54 5.84
C LEU A 76 4.50 3.44 5.09
N GLN A 77 3.96 4.42 4.38
CA GLN A 77 4.78 5.35 3.62
C GLN A 77 6.07 5.67 4.36
N GLY A 78 7.14 5.93 3.60
CA GLY A 78 8.42 6.24 4.20
C GLY A 78 9.14 5.00 4.70
N LEU A 79 8.46 4.22 5.53
CA LEU A 79 9.04 3.00 6.09
C LEU A 79 9.73 2.18 5.01
N ARG A 80 11.02 1.96 5.17
CA ARG A 80 11.80 1.19 4.20
C ARG A 80 12.63 0.12 4.90
N LEU A 81 13.22 -0.78 4.11
CA LEU A 81 14.03 -1.85 4.65
C LEU A 81 15.47 -1.75 4.16
N GLY A 82 16.42 -2.03 5.06
CA GLY A 82 17.83 -1.95 4.70
C GLY A 82 18.21 -0.61 4.13
N THR A 83 18.46 -0.57 2.82
CA THR A 83 18.85 0.68 2.15
C THR A 83 17.87 1.01 1.03
N ASP A 84 17.17 0.01 0.54
CA ASP A 84 16.21 0.20 -0.54
C ASP A 84 14.84 0.59 0.01
N THR A 85 14.19 1.53 -0.67
CA THR A 85 12.87 2.00 -0.25
C THR A 85 11.76 1.22 -0.94
N LEU A 86 10.84 0.70 -0.13
CA LEU A 86 9.72 -0.07 -0.66
C LEU A 86 8.71 0.84 -1.36
N ARG A 87 8.07 0.32 -2.41
CA ARG A 87 7.08 1.08 -3.16
C ARG A 87 5.67 0.75 -2.69
N VAL A 88 5.21 1.48 -1.67
CA VAL A 88 3.87 1.27 -1.13
C VAL A 88 2.88 2.27 -1.71
N ALA A 89 1.77 1.76 -2.23
CA ALA A 89 0.74 2.61 -2.81
C ALA A 89 -0.55 1.83 -3.06
N LEU A 90 -1.68 2.46 -2.74
CA LEU A 90 -2.98 1.82 -2.93
C LEU A 90 -3.04 1.10 -4.27
N ALA A 91 -3.34 -0.19 -4.22
CA ALA A 91 -3.45 -1.00 -5.44
C ALA A 91 -4.74 -0.72 -6.18
N ARG A 92 -4.85 -1.23 -7.41
CA ARG A 92 -6.04 -1.03 -8.22
C ARG A 92 -6.29 0.46 -8.45
N GLN A 93 -5.24 1.19 -8.80
CA GLN A 93 -5.35 2.62 -9.04
C GLN A 93 -5.56 2.89 -10.53
N GLN A 94 -6.00 1.88 -11.26
CA GLN A 94 -6.25 2.01 -12.68
C GLN A 94 -7.69 1.65 -13.04
N ARG A 95 -8.19 2.23 -14.12
CA ARG A 95 -9.56 1.96 -14.56
C ARG A 95 -9.58 1.40 -15.98
N ASP A 96 -9.60 0.09 -16.10
CA ASP A 96 -9.61 -0.57 -17.40
C ASP A 96 -11.04 -0.89 -17.83
N LYS A 97 -11.25 -0.99 -19.14
CA LYS A 97 -12.57 -1.30 -19.68
C LYS A 97 -12.55 -2.62 -20.43
N GLY A 1 -27.32 0.90 6.47
CA GLY A 1 -27.01 0.97 7.89
C GLY A 1 -28.07 0.32 8.75
N SER A 2 -27.94 -0.98 8.97
CA SER A 2 -28.89 -1.72 9.78
C SER A 2 -29.11 -1.03 11.12
N SER A 3 -28.03 -0.62 11.76
CA SER A 3 -28.11 0.05 13.06
C SER A 3 -26.89 0.93 13.29
N GLY A 4 -27.05 1.96 14.11
CA GLY A 4 -25.97 2.88 14.40
C GLY A 4 -25.48 3.61 13.16
N SER A 5 -24.57 4.57 13.36
CA SER A 5 -24.04 5.34 12.26
C SER A 5 -22.52 5.38 12.30
N SER A 6 -21.89 4.55 11.46
CA SER A 6 -20.43 4.49 11.41
C SER A 6 -19.95 4.16 10.00
N GLY A 7 -19.18 5.06 9.41
CA GLY A 7 -18.67 4.85 8.07
C GLY A 7 -17.91 6.05 7.55
N PRO A 8 -17.24 5.88 6.39
CA PRO A 8 -16.47 6.94 5.76
C PRO A 8 -17.34 7.96 5.04
N GLY A 9 -17.02 9.24 5.23
CA GLY A 9 -17.80 10.30 4.60
C GLY A 9 -17.30 10.63 3.21
N SER A 10 -17.37 9.66 2.31
CA SER A 10 -16.92 9.84 0.94
C SER A 10 -17.97 9.37 -0.06
N PRO A 11 -18.93 10.26 -0.37
CA PRO A 11 -20.01 9.96 -1.31
C PRO A 11 -19.51 9.28 -2.58
N PRO A 12 -20.35 8.42 -3.16
CA PRO A 12 -20.01 7.68 -4.39
C PRO A 12 -20.11 8.55 -5.62
N GLY A 13 -18.96 8.91 -6.20
CA GLY A 13 -18.94 9.74 -7.39
C GLY A 13 -18.49 8.98 -8.61
N GLU A 14 -18.97 7.75 -8.76
CA GLU A 14 -18.61 6.91 -9.89
C GLU A 14 -19.50 5.67 -9.96
N GLY A 15 -19.37 4.92 -11.05
CA GLY A 15 -20.17 3.72 -11.22
C GLY A 15 -19.31 2.47 -11.27
N ALA A 16 -18.52 2.25 -10.22
CA ALA A 16 -17.65 1.08 -10.14
C ALA A 16 -17.47 0.63 -8.70
N PRO A 17 -17.37 -0.70 -8.50
CA PRO A 17 -17.19 -1.30 -7.18
C PRO A 17 -16.13 -0.57 -6.35
N LEU A 18 -16.06 -0.89 -5.07
CA LEU A 18 -15.09 -0.27 -4.17
C LEU A 18 -13.72 -0.89 -4.36
N ALA A 19 -12.71 -0.25 -3.78
CA ALA A 19 -11.34 -0.74 -3.88
C ALA A 19 -10.59 -0.56 -2.56
N ALA A 20 -10.39 -1.64 -1.83
CA ALA A 20 -9.69 -1.61 -0.56
C ALA A 20 -8.47 -2.53 -0.56
N ASP A 21 -7.44 -2.12 -1.29
CA ASP A 21 -6.22 -2.92 -1.38
C ASP A 21 -5.00 -2.02 -1.61
N VAL A 22 -3.90 -2.33 -0.94
CA VAL A 22 -2.68 -1.56 -1.08
C VAL A 22 -1.55 -2.42 -1.65
N TYR A 23 -1.00 -1.98 -2.78
CA TYR A 23 0.09 -2.71 -3.43
C TYR A 23 1.44 -2.32 -2.82
N VAL A 24 2.31 -3.31 -2.64
CA VAL A 24 3.63 -3.07 -2.07
C VAL A 24 4.70 -3.84 -2.85
N GLY A 25 5.56 -3.10 -3.54
CA GLY A 25 6.62 -3.72 -4.31
C GLY A 25 7.98 -3.14 -4.00
N ASN A 26 9.00 -3.60 -4.73
CA ASN A 26 10.36 -3.11 -4.52
C ASN A 26 10.96 -3.69 -3.24
N LEU A 27 10.63 -4.94 -2.95
CA LEU A 27 11.13 -5.60 -1.76
C LEU A 27 12.53 -6.15 -1.99
N PRO A 28 13.35 -6.15 -0.92
CA PRO A 28 14.74 -6.65 -0.98
C PRO A 28 14.84 -7.98 -1.72
N ARG A 29 16.04 -8.28 -2.22
CA ARG A 29 16.28 -9.51 -2.95
C ARG A 29 16.14 -10.72 -2.03
N ASP A 30 16.22 -10.48 -0.73
CA ASP A 30 16.10 -11.55 0.26
C ASP A 30 15.17 -11.13 1.40
N ALA A 31 14.16 -10.34 1.07
CA ALA A 31 13.20 -9.88 2.07
C ALA A 31 12.33 -11.03 2.57
N ARG A 32 11.86 -10.91 3.81
CA ARG A 32 11.03 -11.94 4.42
C ARG A 32 9.67 -11.37 4.82
N VAL A 33 8.61 -12.09 4.45
CA VAL A 33 7.26 -11.65 4.78
C VAL A 33 7.14 -11.26 6.25
N SER A 34 7.86 -11.98 7.10
CA SER A 34 7.84 -11.71 8.54
C SER A 34 8.41 -10.32 8.84
N ASP A 35 9.67 -10.12 8.46
CA ASP A 35 10.34 -8.84 8.69
C ASP A 35 9.35 -7.68 8.55
N LEU A 36 8.68 -7.62 7.41
CA LEU A 36 7.71 -6.56 7.16
C LEU A 36 6.58 -6.60 8.18
N LYS A 37 5.94 -7.76 8.31
CA LYS A 37 4.85 -7.92 9.26
C LYS A 37 5.23 -7.38 10.64
N ARG A 38 6.35 -7.86 11.17
CA ARG A 38 6.81 -7.43 12.47
C ARG A 38 6.49 -5.95 12.71
N ALA A 39 6.82 -5.11 11.73
CA ALA A 39 6.56 -3.68 11.83
C ALA A 39 5.06 -3.40 11.81
N LEU A 40 4.42 -3.73 10.70
CA LEU A 40 2.98 -3.50 10.56
C LEU A 40 2.26 -3.71 11.88
N ARG A 41 2.63 -4.78 12.59
CA ARG A 41 2.02 -5.10 13.87
C ARG A 41 2.12 -3.91 14.83
N GLU A 42 3.33 -3.40 15.00
CA GLU A 42 3.56 -2.25 15.88
C GLU A 42 2.98 -0.98 15.28
N LEU A 43 3.02 -0.88 13.96
CA LEU A 43 2.51 0.30 13.27
C LEU A 43 1.00 0.42 13.45
N GLY A 44 0.33 -0.72 13.66
CA GLY A 44 -1.10 -0.72 13.86
C GLY A 44 -1.87 -0.75 12.55
N SER A 45 -1.18 -1.14 11.48
CA SER A 45 -1.79 -1.21 10.16
C SER A 45 -1.89 -2.65 9.69
N VAL A 46 -2.46 -3.52 10.53
CA VAL A 46 -2.61 -4.92 10.20
C VAL A 46 -4.00 -5.20 9.61
N PRO A 47 -4.04 -5.45 8.29
CA PRO A 47 -5.30 -5.74 7.59
C PRO A 47 -5.80 -7.15 7.85
N LEU A 48 -7.00 -7.44 7.36
CA LEU A 48 -7.61 -8.76 7.55
C LEU A 48 -6.77 -9.84 6.86
N ARG A 49 -6.33 -9.55 5.64
CA ARG A 49 -5.53 -10.50 4.88
C ARG A 49 -4.28 -9.82 4.32
N LEU A 50 -3.24 -10.62 4.08
CA LEU A 50 -1.99 -10.10 3.55
C LEU A 50 -1.31 -11.12 2.64
N THR A 51 -1.02 -10.72 1.41
CA THR A 51 -0.38 -11.60 0.45
C THR A 51 1.08 -11.20 0.23
N TRP A 52 1.95 -12.20 0.13
CA TRP A 52 3.37 -11.96 -0.09
C TRP A 52 3.94 -12.94 -1.10
N GLN A 53 4.96 -12.50 -1.84
CA GLN A 53 5.59 -13.34 -2.84
C GLN A 53 7.11 -13.22 -2.77
N GLY A 54 7.80 -14.35 -2.89
CA GLY A 54 9.25 -14.35 -2.82
C GLY A 54 9.88 -13.99 -4.16
N PRO A 55 10.15 -15.02 -4.99
CA PRO A 55 10.75 -14.83 -6.31
C PRO A 55 10.11 -13.69 -7.09
N ARG A 56 8.90 -13.32 -6.68
CA ARG A 56 8.18 -12.24 -7.35
C ARG A 56 8.47 -10.90 -6.69
N ARG A 57 8.70 -10.92 -5.37
CA ARG A 57 8.99 -9.71 -4.63
C ARG A 57 7.80 -8.75 -4.66
N ARG A 58 6.61 -9.28 -4.39
CA ARG A 58 5.40 -8.47 -4.39
C ARG A 58 4.53 -8.80 -3.17
N ALA A 59 3.72 -7.83 -2.76
CA ALA A 59 2.84 -8.01 -1.61
C ALA A 59 1.56 -7.22 -1.77
N PHE A 60 0.53 -7.60 -1.01
CA PHE A 60 -0.77 -6.92 -1.08
C PHE A 60 -1.41 -6.85 0.30
N LEU A 61 -2.16 -5.79 0.54
CA LEU A 61 -2.83 -5.60 1.82
C LEU A 61 -4.34 -5.43 1.62
N HIS A 62 -5.11 -6.42 2.07
CA HIS A 62 -6.56 -6.38 1.94
C HIS A 62 -7.20 -5.79 3.20
N TYR A 63 -7.65 -4.55 3.11
CA TYR A 63 -8.27 -3.87 4.24
C TYR A 63 -9.79 -3.98 4.17
N PRO A 64 -10.44 -3.94 5.34
CA PRO A 64 -11.90 -4.04 5.43
C PRO A 64 -12.60 -3.12 4.43
N ASP A 65 -12.28 -1.84 4.47
CA ASP A 65 -12.89 -0.88 3.56
C ASP A 65 -11.86 0.18 3.13
N SER A 66 -12.27 1.04 2.21
CA SER A 66 -11.39 2.10 1.71
C SER A 66 -10.69 2.81 2.86
N ALA A 67 -11.49 3.45 3.71
CA ALA A 67 -10.98 4.18 4.86
C ALA A 67 -9.78 3.46 5.47
N ALA A 68 -10.01 2.25 5.96
CA ALA A 68 -8.96 1.44 6.57
C ALA A 68 -7.70 1.47 5.70
N ALA A 69 -7.85 1.19 4.42
CA ALA A 69 -6.73 1.17 3.49
C ALA A 69 -6.07 2.56 3.41
N GLN A 70 -6.83 3.53 2.92
CA GLN A 70 -6.31 4.90 2.80
C GLN A 70 -5.54 5.32 4.04
N GLN A 71 -6.20 5.21 5.19
CA GLN A 71 -5.57 5.57 6.46
C GLN A 71 -4.22 4.87 6.63
N ALA A 72 -4.24 3.54 6.55
CA ALA A 72 -3.02 2.75 6.68
C ALA A 72 -1.91 3.29 5.78
N VAL A 73 -2.21 3.37 4.48
CA VAL A 73 -1.24 3.87 3.51
C VAL A 73 -0.38 4.98 4.11
N SER A 74 -1.02 6.08 4.46
CA SER A 74 -0.32 7.23 5.04
C SER A 74 0.76 6.76 6.02
N CYS A 75 0.42 5.78 6.84
CA CYS A 75 1.36 5.24 7.82
C CYS A 75 2.41 4.38 7.15
N LEU A 76 1.97 3.31 6.50
CA LEU A 76 2.89 2.40 5.81
C LEU A 76 3.97 3.18 5.07
N GLN A 77 3.56 4.21 4.34
CA GLN A 77 4.49 5.03 3.58
C GLN A 77 5.80 5.23 4.36
N GLY A 78 6.88 5.50 3.64
CA GLY A 78 8.16 5.71 4.27
C GLY A 78 8.84 4.41 4.64
N LEU A 79 8.09 3.51 5.27
CA LEU A 79 8.64 2.22 5.69
C LEU A 79 9.66 1.71 4.68
N ARG A 80 10.81 1.29 5.17
CA ARG A 80 11.87 0.77 4.32
C ARG A 80 12.83 -0.12 5.11
N LEU A 81 13.34 -1.16 4.44
CA LEU A 81 14.26 -2.09 5.09
C LEU A 81 15.71 -1.76 4.71
N GLY A 82 16.56 -1.65 5.72
CA GLY A 82 17.96 -1.35 5.48
C GLY A 82 18.15 -0.06 4.72
N THR A 83 18.36 -0.17 3.42
CA THR A 83 18.56 1.00 2.56
C THR A 83 17.53 1.05 1.44
N ASP A 84 17.30 -0.09 0.81
CA ASP A 84 16.34 -0.19 -0.29
C ASP A 84 14.94 0.17 0.19
N THR A 85 14.40 1.26 -0.34
CA THR A 85 13.06 1.71 0.04
C THR A 85 11.99 0.83 -0.59
N LEU A 86 10.85 0.71 0.09
CA LEU A 86 9.75 -0.10 -0.40
C LEU A 86 8.66 0.77 -1.03
N ARG A 87 8.17 0.34 -2.19
CA ARG A 87 7.13 1.08 -2.89
C ARG A 87 5.75 0.69 -2.39
N VAL A 88 4.95 1.69 -2.00
CA VAL A 88 3.62 1.45 -1.50
C VAL A 88 2.61 2.43 -2.11
N ALA A 89 1.47 1.90 -2.55
CA ALA A 89 0.44 2.72 -3.16
C ALA A 89 -0.86 1.94 -3.32
N LEU A 90 -1.98 2.64 -3.20
CA LEU A 90 -3.29 2.00 -3.34
C LEU A 90 -3.35 1.12 -4.58
N ALA A 91 -3.56 -0.17 -4.38
CA ALA A 91 -3.63 -1.11 -5.50
C ALA A 91 -4.87 -0.86 -6.34
N ARG A 92 -4.73 -0.03 -7.36
CA ARG A 92 -5.84 0.29 -8.25
C ARG A 92 -5.45 0.09 -9.71
N GLN A 93 -6.42 -0.27 -10.54
CA GLN A 93 -6.18 -0.50 -11.95
C GLN A 93 -6.25 0.81 -12.73
N GLN A 94 -5.26 1.03 -13.59
CA GLN A 94 -5.20 2.25 -14.40
C GLN A 94 -5.13 1.91 -15.88
N ARG A 95 -5.91 0.92 -16.31
CA ARG A 95 -5.92 0.51 -17.71
C ARG A 95 -7.33 0.58 -18.28
N ASP A 96 -7.47 1.25 -19.42
CA ASP A 96 -8.77 1.40 -20.07
C ASP A 96 -9.40 0.04 -20.34
N LYS A 97 -10.66 0.05 -20.74
CA LYS A 97 -11.38 -1.19 -21.02
C LYS A 97 -11.74 -1.27 -22.51
N GLY A 1 14.36 -15.19 -15.27
CA GLY A 1 15.58 -14.50 -14.92
C GLY A 1 15.32 -13.13 -14.31
N SER A 2 16.38 -12.36 -14.10
CA SER A 2 16.27 -11.04 -13.52
C SER A 2 15.57 -10.08 -14.48
N SER A 3 14.28 -9.84 -14.23
CA SER A 3 13.50 -8.95 -15.08
C SER A 3 13.85 -7.49 -14.81
N GLY A 4 14.80 -6.97 -15.59
CA GLY A 4 15.22 -5.59 -15.42
C GLY A 4 15.33 -4.86 -16.74
N SER A 5 14.21 -4.34 -17.23
CA SER A 5 14.19 -3.62 -18.49
C SER A 5 13.30 -2.38 -18.40
N SER A 6 13.45 -1.48 -19.36
CA SER A 6 12.66 -0.25 -19.39
C SER A 6 11.27 -0.51 -19.95
N GLY A 7 10.30 -0.70 -19.06
CA GLY A 7 8.94 -0.95 -19.49
C GLY A 7 7.91 -0.35 -18.55
N PRO A 8 7.42 0.86 -18.90
CA PRO A 8 6.43 1.58 -18.09
C PRO A 8 5.31 0.66 -17.62
N GLY A 9 4.73 1.00 -16.47
CA GLY A 9 3.64 0.20 -15.93
C GLY A 9 2.45 0.12 -16.86
N SER A 10 1.25 0.09 -16.29
CA SER A 10 0.03 0.01 -17.07
C SER A 10 -0.74 1.33 -17.01
N PRO A 11 -1.38 1.70 -18.14
CA PRO A 11 -2.17 2.93 -18.23
C PRO A 11 -3.53 2.80 -17.58
N PRO A 12 -4.01 3.91 -16.98
CA PRO A 12 -5.31 3.94 -16.31
C PRO A 12 -6.47 4.05 -17.29
N GLY A 13 -7.31 3.02 -17.33
CA GLY A 13 -8.45 3.01 -18.22
C GLY A 13 -9.73 2.55 -17.55
N GLU A 14 -10.35 1.52 -18.09
CA GLU A 14 -11.58 0.98 -17.53
C GLU A 14 -11.29 -0.10 -16.51
N GLY A 15 -12.11 -0.16 -15.46
CA GLY A 15 -11.92 -1.16 -14.42
C GLY A 15 -13.03 -1.12 -13.38
N ALA A 16 -12.67 -0.86 -12.14
CA ALA A 16 -13.64 -0.81 -11.05
C ALA A 16 -13.24 0.23 -10.01
N PRO A 17 -14.25 0.81 -9.33
CA PRO A 17 -14.02 1.82 -8.30
C PRO A 17 -12.91 1.43 -7.33
N LEU A 18 -12.46 2.40 -6.54
CA LEU A 18 -11.40 2.15 -5.56
C LEU A 18 -11.68 0.89 -4.75
N ALA A 19 -10.64 0.34 -4.12
CA ALA A 19 -10.78 -0.86 -3.32
C ALA A 19 -9.83 -0.83 -2.13
N ALA A 20 -10.14 -1.62 -1.10
CA ALA A 20 -9.31 -1.68 0.09
C ALA A 20 -8.09 -2.58 -0.13
N ASP A 21 -7.42 -2.38 -1.27
CA ASP A 21 -6.24 -3.17 -1.60
C ASP A 21 -5.02 -2.27 -1.77
N VAL A 22 -4.00 -2.49 -0.94
CA VAL A 22 -2.78 -1.71 -1.00
C VAL A 22 -1.63 -2.52 -1.57
N TYR A 23 -0.87 -1.90 -2.46
CA TYR A 23 0.27 -2.56 -3.10
C TYR A 23 1.57 -2.19 -2.41
N VAL A 24 2.49 -3.15 -2.33
CA VAL A 24 3.78 -2.92 -1.69
C VAL A 24 4.85 -3.84 -2.28
N GLY A 25 5.75 -3.25 -3.07
CA GLY A 25 6.82 -4.03 -3.69
C GLY A 25 8.19 -3.55 -3.27
N ASN A 26 9.20 -3.90 -4.06
CA ASN A 26 10.58 -3.51 -3.77
C ASN A 26 11.05 -4.14 -2.46
N LEU A 27 10.86 -5.44 -2.33
CA LEU A 27 11.28 -6.16 -1.13
C LEU A 27 12.67 -6.75 -1.30
N PRO A 28 13.45 -6.77 -0.21
CA PRO A 28 14.81 -7.30 -0.21
C PRO A 28 14.91 -8.64 -0.94
N ARG A 29 16.13 -9.04 -1.29
CA ARG A 29 16.34 -10.29 -1.99
C ARG A 29 16.01 -11.48 -1.10
N ASP A 30 16.32 -11.36 0.19
CA ASP A 30 16.04 -12.42 1.15
C ASP A 30 15.10 -11.93 2.25
N ALA A 31 14.15 -11.08 1.87
CA ALA A 31 13.20 -10.54 2.82
C ALA A 31 12.21 -11.61 3.28
N ARG A 32 11.77 -11.51 4.52
CA ARG A 32 10.82 -12.48 5.08
C ARG A 32 9.48 -11.82 5.37
N VAL A 33 8.41 -12.41 4.85
CA VAL A 33 7.07 -11.88 5.05
C VAL A 33 6.86 -11.44 6.49
N SER A 34 7.65 -12.00 7.40
CA SER A 34 7.55 -11.66 8.82
C SER A 34 8.11 -10.27 9.07
N ASP A 35 9.37 -10.06 8.68
CA ASP A 35 10.02 -8.77 8.88
C ASP A 35 9.09 -7.62 8.51
N LEU A 36 8.33 -7.80 7.43
CA LEU A 36 7.40 -6.78 6.97
C LEU A 36 6.23 -6.63 7.95
N LYS A 37 5.63 -7.76 8.33
CA LYS A 37 4.51 -7.75 9.26
C LYS A 37 4.90 -7.08 10.57
N ARG A 38 6.07 -7.43 11.08
CA ARG A 38 6.57 -6.86 12.33
C ARG A 38 6.22 -5.38 12.43
N ALA A 39 6.64 -4.60 11.44
CA ALA A 39 6.37 -3.18 11.40
C ALA A 39 4.87 -2.90 11.46
N LEU A 40 4.14 -3.43 10.49
CA LEU A 40 2.70 -3.23 10.42
C LEU A 40 2.06 -3.43 11.80
N ARG A 41 2.44 -4.51 12.47
CA ARG A 41 1.91 -4.82 13.79
C ARG A 41 2.16 -3.66 14.76
N GLU A 42 3.39 -3.17 14.78
CA GLU A 42 3.77 -2.07 15.66
C GLU A 42 3.08 -0.77 15.22
N LEU A 43 2.77 -0.69 13.94
CA LEU A 43 2.12 0.50 13.38
C LEU A 43 0.59 0.34 13.39
N GLY A 44 0.11 -0.64 14.16
CA GLY A 44 -1.31 -0.88 14.24
C GLY A 44 -1.96 -1.00 12.87
N SER A 45 -1.17 -1.38 11.88
CA SER A 45 -1.67 -1.53 10.51
C SER A 45 -1.74 -3.00 10.11
N VAL A 46 -2.50 -3.78 10.88
CA VAL A 46 -2.65 -5.20 10.62
C VAL A 46 -3.97 -5.49 9.90
N PRO A 47 -3.88 -5.72 8.58
CA PRO A 47 -5.06 -6.01 7.76
C PRO A 47 -5.59 -7.44 7.98
N LEU A 48 -6.58 -7.82 7.19
CA LEU A 48 -7.17 -9.15 7.28
C LEU A 48 -6.42 -10.14 6.40
N ARG A 49 -6.10 -9.72 5.18
CA ARG A 49 -5.38 -10.57 4.23
C ARG A 49 -4.14 -9.86 3.70
N LEU A 50 -3.09 -10.63 3.47
CA LEU A 50 -1.84 -10.08 2.95
C LEU A 50 -1.13 -11.09 2.06
N THR A 51 -0.70 -10.63 0.88
CA THR A 51 -0.01 -11.49 -0.07
C THR A 51 1.48 -11.13 -0.15
N TRP A 52 2.29 -12.12 -0.51
CA TRP A 52 3.73 -11.90 -0.63
C TRP A 52 4.31 -12.73 -1.77
N GLN A 53 5.36 -12.20 -2.40
CA GLN A 53 6.01 -12.89 -3.51
C GLN A 53 7.52 -12.71 -3.45
N GLY A 54 8.25 -13.81 -3.65
CA GLY A 54 9.69 -13.75 -3.61
C GLY A 54 10.27 -13.09 -4.85
N PRO A 55 10.35 -13.85 -5.96
CA PRO A 55 10.89 -13.34 -7.22
C PRO A 55 10.26 -12.02 -7.64
N ARG A 56 8.97 -11.88 -7.36
CA ARG A 56 8.24 -10.66 -7.71
C ARG A 56 8.35 -9.63 -6.60
N ARG A 57 8.94 -10.03 -5.47
CA ARG A 57 9.11 -9.13 -4.33
C ARG A 57 7.93 -8.18 -4.21
N ARG A 58 6.72 -8.72 -4.37
CA ARG A 58 5.51 -7.91 -4.28
C ARG A 58 4.68 -8.30 -3.06
N ALA A 59 3.85 -7.37 -2.59
CA ALA A 59 3.01 -7.63 -1.43
C ALA A 59 1.71 -6.84 -1.52
N PHE A 60 0.68 -7.34 -0.85
CA PHE A 60 -0.63 -6.69 -0.85
C PHE A 60 -1.25 -6.69 0.55
N LEU A 61 -2.05 -5.67 0.83
CA LEU A 61 -2.70 -5.56 2.14
C LEU A 61 -4.19 -5.26 1.97
N HIS A 62 -5.02 -6.27 2.18
CA HIS A 62 -6.46 -6.12 2.06
C HIS A 62 -7.07 -5.67 3.39
N TYR A 63 -7.68 -4.49 3.38
CA TYR A 63 -8.30 -3.94 4.58
C TYR A 63 -9.82 -4.10 4.53
N PRO A 64 -10.45 -4.13 5.71
CA PRO A 64 -11.90 -4.28 5.84
C PRO A 64 -12.66 -3.35 4.89
N ASP A 65 -12.24 -2.08 4.86
CA ASP A 65 -12.88 -1.10 3.99
C ASP A 65 -11.83 -0.18 3.36
N SER A 66 -12.26 0.60 2.37
CA SER A 66 -11.36 1.52 1.68
C SER A 66 -10.73 2.50 2.67
N ALA A 67 -11.56 3.08 3.53
CA ALA A 67 -11.08 4.02 4.52
C ALA A 67 -9.94 3.43 5.35
N ALA A 68 -10.17 2.26 5.91
CA ALA A 68 -9.15 1.59 6.72
C ALA A 68 -7.81 1.54 5.98
N ALA A 69 -7.84 1.08 4.74
CA ALA A 69 -6.64 0.98 3.93
C ALA A 69 -5.99 2.35 3.75
N GLN A 70 -6.75 3.29 3.21
CA GLN A 70 -6.24 4.64 2.99
C GLN A 70 -5.41 5.13 4.17
N GLN A 71 -6.07 5.24 5.32
CA GLN A 71 -5.39 5.70 6.54
C GLN A 71 -4.04 5.00 6.70
N ALA A 72 -4.07 3.67 6.66
CA ALA A 72 -2.85 2.89 6.81
C ALA A 72 -1.78 3.34 5.81
N VAL A 73 -2.13 3.32 4.53
CA VAL A 73 -1.21 3.73 3.48
C VAL A 73 -0.32 4.87 3.94
N SER A 74 -0.94 6.03 4.18
CA SER A 74 -0.21 7.22 4.62
C SER A 74 0.86 6.84 5.64
N CYS A 75 0.49 5.99 6.59
CA CYS A 75 1.42 5.55 7.63
C CYS A 75 2.51 4.66 7.04
N LEU A 76 2.11 3.73 6.17
CA LEU A 76 3.05 2.82 5.54
C LEU A 76 4.12 3.59 4.76
N GLN A 77 3.67 4.56 3.96
CA GLN A 77 4.59 5.37 3.17
C GLN A 77 5.88 5.65 3.94
N GLY A 78 6.97 5.82 3.20
CA GLY A 78 8.25 6.09 3.82
C GLY A 78 8.92 4.84 4.36
N LEU A 79 8.19 4.09 5.17
CA LEU A 79 8.71 2.86 5.75
C LEU A 79 9.43 2.02 4.71
N ARG A 80 10.71 1.76 4.94
CA ARG A 80 11.51 0.97 4.01
C ARG A 80 12.29 -0.11 4.75
N LEU A 81 12.89 -1.03 4.00
CA LEU A 81 13.67 -2.11 4.58
C LEU A 81 15.10 -2.11 4.05
N GLY A 82 16.05 -2.46 4.91
CA GLY A 82 17.44 -2.49 4.51
C GLY A 82 17.87 -1.22 3.80
N THR A 83 17.77 -1.22 2.48
CA THR A 83 18.16 -0.05 1.69
C THR A 83 17.07 0.31 0.67
N ASP A 84 16.62 -0.69 -0.08
CA ASP A 84 15.59 -0.47 -1.08
C ASP A 84 14.34 0.15 -0.46
N THR A 85 13.84 1.22 -1.07
CA THR A 85 12.66 1.91 -0.57
C THR A 85 11.38 1.23 -1.05
N LEU A 86 10.73 0.50 -0.16
CA LEU A 86 9.49 -0.20 -0.49
C LEU A 86 8.56 0.70 -1.30
N ARG A 87 7.97 0.13 -2.34
CA ARG A 87 7.05 0.89 -3.20
C ARG A 87 5.60 0.66 -2.77
N VAL A 88 5.12 1.47 -1.83
CA VAL A 88 3.76 1.35 -1.34
C VAL A 88 2.84 2.34 -2.05
N ALA A 89 1.67 1.86 -2.46
CA ALA A 89 0.70 2.70 -3.16
C ALA A 89 -0.60 1.94 -3.41
N LEU A 90 -1.72 2.63 -3.20
CA LEU A 90 -3.03 2.02 -3.42
C LEU A 90 -3.10 1.30 -4.76
N ALA A 91 -3.07 -0.03 -4.71
CA ALA A 91 -3.12 -0.83 -5.92
C ALA A 91 -4.19 -0.31 -6.88
N ARG A 92 -5.38 -0.07 -6.34
CA ARG A 92 -6.50 0.42 -7.14
C ARG A 92 -6.68 1.93 -6.95
N GLN A 93 -6.71 2.66 -8.06
CA GLN A 93 -6.87 4.11 -8.01
C GLN A 93 -7.98 4.56 -8.97
N GLN A 94 -8.52 5.74 -8.72
CA GLN A 94 -9.58 6.29 -9.55
C GLN A 94 -9.01 6.86 -10.85
N ARG A 95 -9.79 6.75 -11.92
CA ARG A 95 -9.37 7.26 -13.23
C ARG A 95 -9.67 8.74 -13.36
N ASP A 96 -10.82 9.15 -12.85
CA ASP A 96 -11.23 10.55 -12.91
C ASP A 96 -11.86 10.98 -11.59
N LYS A 97 -11.57 12.22 -11.18
CA LYS A 97 -12.10 12.76 -9.93
C LYS A 97 -13.57 13.14 -10.10
N GLY A 1 -2.89 43.50 -31.23
CA GLY A 1 -3.21 43.14 -29.87
C GLY A 1 -3.52 41.66 -29.71
N SER A 2 -3.23 41.11 -28.54
CA SER A 2 -3.47 39.70 -28.27
C SER A 2 -3.40 39.41 -26.78
N SER A 3 -4.44 38.77 -26.25
CA SER A 3 -4.49 38.43 -24.83
C SER A 3 -5.51 37.33 -24.58
N GLY A 4 -5.32 36.61 -23.48
CA GLY A 4 -6.24 35.54 -23.12
C GLY A 4 -5.74 34.70 -21.96
N SER A 5 -6.65 34.31 -21.08
CA SER A 5 -6.30 33.51 -19.91
C SER A 5 -7.50 32.71 -19.43
N SER A 6 -7.40 31.38 -19.54
CA SER A 6 -8.49 30.50 -19.11
C SER A 6 -7.95 29.40 -18.19
N GLY A 7 -8.84 28.85 -17.37
CA GLY A 7 -8.45 27.80 -16.44
C GLY A 7 -9.59 26.87 -16.11
N PRO A 8 -9.71 25.77 -16.86
CA PRO A 8 -10.77 24.77 -16.65
C PRO A 8 -10.49 23.87 -15.45
N GLY A 9 -11.08 24.21 -14.31
CA GLY A 9 -10.89 23.42 -13.11
C GLY A 9 -11.71 22.14 -13.10
N SER A 10 -11.03 21.02 -12.91
CA SER A 10 -11.71 19.72 -12.91
C SER A 10 -10.80 18.64 -12.31
N PRO A 11 -11.40 17.72 -11.55
CA PRO A 11 -10.66 16.61 -10.92
C PRO A 11 -10.34 15.49 -11.90
N PRO A 12 -9.43 14.60 -11.50
CA PRO A 12 -9.02 13.46 -12.33
C PRO A 12 -10.05 12.34 -12.32
N GLY A 13 -10.85 12.28 -11.27
CA GLY A 13 -11.87 11.25 -11.16
C GLY A 13 -12.84 11.51 -10.04
N GLU A 14 -14.13 11.57 -10.37
CA GLU A 14 -15.17 11.83 -9.37
C GLU A 14 -15.67 10.52 -8.78
N GLY A 15 -15.69 10.44 -7.45
CA GLY A 15 -16.17 9.24 -6.79
C GLY A 15 -15.42 8.00 -7.23
N ALA A 16 -14.10 8.04 -7.16
CA ALA A 16 -13.27 6.92 -7.56
C ALA A 16 -13.84 5.60 -7.04
N PRO A 17 -13.72 4.54 -7.85
CA PRO A 17 -14.21 3.21 -7.48
C PRO A 17 -13.83 2.82 -6.06
N LEU A 18 -14.53 1.82 -5.52
CA LEU A 18 -14.26 1.34 -4.17
C LEU A 18 -13.24 0.21 -4.17
N ALA A 19 -12.10 0.44 -3.55
CA ALA A 19 -11.05 -0.56 -3.48
C ALA A 19 -10.21 -0.40 -2.22
N ALA A 20 -10.12 -1.46 -1.43
CA ALA A 20 -9.34 -1.44 -0.19
C ALA A 20 -8.12 -2.35 -0.29
N ASP A 21 -7.44 -2.30 -1.43
CA ASP A 21 -6.26 -3.11 -1.65
C ASP A 21 -5.01 -2.23 -1.84
N VAL A 22 -3.93 -2.62 -1.20
CA VAL A 22 -2.68 -1.87 -1.29
C VAL A 22 -1.56 -2.73 -1.90
N TYR A 23 -0.71 -2.10 -2.70
CA TYR A 23 0.40 -2.80 -3.34
C TYR A 23 1.72 -2.47 -2.66
N VAL A 24 2.47 -3.52 -2.32
CA VAL A 24 3.76 -3.34 -1.66
C VAL A 24 4.83 -4.19 -2.33
N GLY A 25 5.56 -3.58 -3.28
CA GLY A 25 6.61 -4.29 -3.98
C GLY A 25 7.99 -3.73 -3.68
N ASN A 26 8.92 -3.94 -4.60
CA ASN A 26 10.29 -3.45 -4.43
C ASN A 26 10.90 -3.99 -3.14
N LEU A 27 10.80 -5.30 -2.94
CA LEU A 27 11.33 -5.94 -1.75
C LEU A 27 12.79 -6.33 -1.96
N PRO A 28 13.60 -6.21 -0.90
CA PRO A 28 15.02 -6.55 -0.93
C PRO A 28 15.29 -7.87 -1.67
N ARG A 29 16.56 -8.14 -1.92
CA ARG A 29 16.95 -9.38 -2.60
C ARG A 29 16.64 -10.60 -1.76
N ASP A 30 16.88 -10.47 -0.45
CA ASP A 30 16.63 -11.57 0.48
C ASP A 30 15.73 -11.12 1.62
N ALA A 31 14.73 -10.30 1.29
CA ALA A 31 13.79 -9.81 2.28
C ALA A 31 13.03 -10.95 2.94
N ARG A 32 12.33 -10.64 4.04
CA ARG A 32 11.56 -11.65 4.76
C ARG A 32 10.12 -11.19 4.96
N VAL A 33 9.19 -12.13 4.84
CA VAL A 33 7.77 -11.82 5.00
C VAL A 33 7.48 -11.31 6.41
N SER A 34 8.38 -11.60 7.34
CA SER A 34 8.23 -11.16 8.72
C SER A 34 8.63 -9.71 8.88
N ASP A 35 9.81 -9.35 8.38
CA ASP A 35 10.30 -7.99 8.47
C ASP A 35 9.23 -6.99 8.06
N LEU A 36 8.39 -7.38 7.09
CA LEU A 36 7.32 -6.52 6.62
C LEU A 36 6.15 -6.51 7.59
N LYS A 37 5.65 -7.69 7.92
CA LYS A 37 4.53 -7.83 8.84
C LYS A 37 4.77 -7.00 10.10
N ARG A 38 5.92 -7.21 10.73
CA ARG A 38 6.28 -6.48 11.94
C ARG A 38 5.83 -5.03 11.86
N ALA A 39 6.50 -4.27 10.99
CA ALA A 39 6.16 -2.85 10.81
C ALA A 39 4.65 -2.63 10.84
N LEU A 40 3.95 -3.35 9.97
CA LEU A 40 2.49 -3.24 9.89
C LEU A 40 1.86 -3.32 11.28
N ARG A 41 2.33 -4.27 12.08
CA ARG A 41 1.81 -4.45 13.43
C ARG A 41 2.08 -3.23 14.29
N GLU A 42 3.36 -2.84 14.37
CA GLU A 42 3.75 -1.68 15.15
C GLU A 42 2.97 -0.44 14.73
N LEU A 43 2.59 -0.39 13.45
CA LEU A 43 1.84 0.75 12.92
C LEU A 43 0.34 0.47 12.97
N GLY A 44 -0.05 -0.54 13.74
CA GLY A 44 -1.46 -0.88 13.86
C GLY A 44 -2.15 -0.96 12.52
N SER A 45 -1.38 -1.21 11.46
CA SER A 45 -1.93 -1.31 10.12
C SER A 45 -2.00 -2.76 9.66
N VAL A 46 -2.52 -3.62 10.52
CA VAL A 46 -2.64 -5.04 10.21
C VAL A 46 -4.02 -5.36 9.63
N PRO A 47 -4.06 -5.63 8.32
CA PRO A 47 -5.30 -5.95 7.61
C PRO A 47 -5.81 -7.36 7.93
N LEU A 48 -6.90 -7.75 7.29
CA LEU A 48 -7.49 -9.06 7.51
C LEU A 48 -6.72 -10.13 6.74
N ARG A 49 -6.32 -9.78 5.52
CA ARG A 49 -5.57 -10.71 4.66
C ARG A 49 -4.32 -10.05 4.11
N LEU A 50 -3.30 -10.85 3.84
CA LEU A 50 -2.04 -10.35 3.31
C LEU A 50 -1.37 -11.39 2.42
N THR A 51 -1.02 -11.00 1.20
CA THR A 51 -0.37 -11.91 0.25
C THR A 51 1.09 -11.54 0.06
N TRP A 52 1.94 -12.55 -0.10
CA TRP A 52 3.36 -12.33 -0.30
C TRP A 52 3.92 -13.24 -1.37
N GLN A 53 4.69 -12.68 -2.30
CA GLN A 53 5.27 -13.45 -3.39
C GLN A 53 6.79 -13.29 -3.41
N GLY A 54 7.49 -14.40 -3.63
CA GLY A 54 8.94 -14.36 -3.67
C GLY A 54 9.46 -13.86 -5.01
N PRO A 55 9.38 -14.73 -6.03
CA PRO A 55 9.85 -14.40 -7.39
C PRO A 55 9.30 -13.06 -7.88
N ARG A 56 8.20 -12.62 -7.28
CA ARG A 56 7.57 -11.37 -7.66
C ARG A 56 7.93 -10.25 -6.68
N ARG A 57 8.45 -10.65 -5.52
CA ARG A 57 8.83 -9.68 -4.49
C ARG A 57 7.76 -8.61 -4.33
N ARG A 58 6.51 -9.04 -4.19
CA ARG A 58 5.39 -8.11 -4.03
C ARG A 58 4.40 -8.64 -3.00
N ALA A 59 3.74 -7.71 -2.31
CA ALA A 59 2.76 -8.08 -1.29
C ALA A 59 1.46 -7.31 -1.48
N PHE A 60 0.36 -7.87 -1.00
CA PHE A 60 -0.95 -7.23 -1.12
C PHE A 60 -1.64 -7.14 0.24
N LEU A 61 -2.32 -6.04 0.48
CA LEU A 61 -3.03 -5.83 1.74
C LEU A 61 -4.52 -5.61 1.50
N HIS A 62 -5.35 -6.48 2.06
CA HIS A 62 -6.80 -6.39 1.91
C HIS A 62 -7.44 -5.89 3.20
N TYR A 63 -7.46 -4.57 3.37
CA TYR A 63 -8.05 -3.97 4.56
C TYR A 63 -9.57 -4.09 4.55
N PRO A 64 -10.18 -4.08 5.74
CA PRO A 64 -11.63 -4.18 5.89
C PRO A 64 -12.38 -3.27 4.92
N ASP A 65 -12.13 -1.97 5.03
CA ASP A 65 -12.78 -1.00 4.16
C ASP A 65 -11.75 -0.09 3.49
N SER A 66 -12.22 0.77 2.59
CA SER A 66 -11.34 1.69 1.88
C SER A 66 -10.60 2.60 2.86
N ALA A 67 -11.37 3.23 3.75
CA ALA A 67 -10.79 4.13 4.74
C ALA A 67 -9.63 3.47 5.48
N ALA A 68 -9.89 2.33 6.09
CA ALA A 68 -8.87 1.60 6.83
C ALA A 68 -7.57 1.52 6.03
N ALA A 69 -7.68 1.03 4.79
CA ALA A 69 -6.51 0.90 3.92
C ALA A 69 -5.80 2.25 3.76
N GLN A 70 -6.54 3.26 3.31
CA GLN A 70 -5.97 4.59 3.11
C GLN A 70 -5.18 5.03 4.33
N GLN A 71 -5.87 5.08 5.48
CA GLN A 71 -5.23 5.49 6.72
C GLN A 71 -3.88 4.80 6.90
N ALA A 72 -3.88 3.48 6.78
CA ALA A 72 -2.66 2.70 6.92
C ALA A 72 -1.58 3.17 5.95
N VAL A 73 -1.87 3.05 4.66
CA VAL A 73 -0.93 3.46 3.63
C VAL A 73 -0.13 4.69 4.07
N SER A 74 -0.82 5.79 4.32
CA SER A 74 -0.18 7.03 4.75
C SER A 74 0.87 6.74 5.82
N CYS A 75 0.55 5.85 6.74
CA CYS A 75 1.46 5.49 7.82
C CYS A 75 2.61 4.63 7.30
N LEU A 76 2.28 3.68 6.43
CA LEU A 76 3.29 2.79 5.86
C LEU A 76 4.32 3.58 5.07
N GLN A 77 3.86 4.60 4.35
CA GLN A 77 4.76 5.44 3.55
C GLN A 77 6.00 5.81 4.35
N GLY A 78 7.11 6.05 3.63
CA GLY A 78 8.35 6.41 4.30
C GLY A 78 9.05 5.21 4.91
N LEU A 79 8.30 4.39 5.61
CA LEU A 79 8.85 3.20 6.25
C LEU A 79 9.56 2.31 5.24
N ARG A 80 10.84 2.04 5.49
CA ARG A 80 11.63 1.20 4.59
C ARG A 80 12.26 0.04 5.35
N LEU A 81 12.73 -0.96 4.62
CA LEU A 81 13.37 -2.13 5.23
C LEU A 81 14.86 -2.16 4.91
N GLY A 82 15.65 -2.50 5.92
CA GLY A 82 17.09 -2.57 5.74
C GLY A 82 17.66 -1.31 5.11
N THR A 83 17.78 -1.31 3.79
CA THR A 83 18.31 -0.16 3.06
C THR A 83 17.36 0.29 1.97
N ASP A 84 16.95 -0.66 1.12
CA ASP A 84 16.05 -0.37 0.02
C ASP A 84 14.74 0.21 0.55
N THR A 85 14.12 1.09 -0.25
CA THR A 85 12.87 1.72 0.14
C THR A 85 11.68 1.07 -0.57
N LEU A 86 11.00 0.17 0.14
CA LEU A 86 9.84 -0.53 -0.43
C LEU A 86 8.92 0.45 -1.16
N ARG A 87 8.15 -0.09 -2.10
CA ARG A 87 7.22 0.74 -2.87
C ARG A 87 5.78 0.42 -2.49
N VAL A 88 5.19 1.28 -1.66
CA VAL A 88 3.82 1.10 -1.22
C VAL A 88 2.89 2.13 -1.86
N ALA A 89 1.72 1.67 -2.30
CA ALA A 89 0.75 2.56 -2.92
C ALA A 89 -0.58 1.83 -3.16
N LEU A 90 -1.67 2.56 -3.00
CA LEU A 90 -3.00 1.99 -3.20
C LEU A 90 -3.09 1.27 -4.53
N ALA A 91 -3.63 0.04 -4.51
CA ALA A 91 -3.77 -0.75 -5.72
C ALA A 91 -5.12 -0.50 -6.38
N ARG A 92 -5.12 0.33 -7.42
CA ARG A 92 -6.35 0.64 -8.13
C ARG A 92 -6.26 0.23 -9.60
N GLN A 93 -5.16 0.62 -10.25
CA GLN A 93 -4.95 0.28 -11.65
C GLN A 93 -5.00 -1.22 -11.87
N GLN A 94 -4.31 -1.97 -11.02
CA GLN A 94 -4.29 -3.42 -11.11
C GLN A 94 -5.70 -3.98 -11.26
N ARG A 95 -6.06 -4.38 -12.47
CA ARG A 95 -7.38 -4.93 -12.73
C ARG A 95 -7.82 -5.87 -11.60
N ASP A 96 -9.12 -5.93 -11.36
CA ASP A 96 -9.66 -6.78 -10.31
C ASP A 96 -11.18 -6.89 -10.43
N LYS A 97 -11.68 -8.12 -10.46
CA LYS A 97 -13.12 -8.36 -10.57
C LYS A 97 -13.87 -7.72 -9.40
N GLY A 1 11.57 42.27 -18.87
CA GLY A 1 10.96 41.73 -20.08
C GLY A 1 9.99 40.61 -19.78
N SER A 2 8.80 40.96 -19.32
CA SER A 2 7.78 39.96 -18.99
C SER A 2 6.42 40.62 -18.82
N SER A 3 5.36 39.89 -19.18
CA SER A 3 4.00 40.40 -19.05
C SER A 3 3.42 40.09 -17.69
N GLY A 4 3.42 38.81 -17.33
CA GLY A 4 2.88 38.39 -16.05
C GLY A 4 1.42 37.99 -16.13
N SER A 5 1.17 36.70 -16.06
CA SER A 5 -0.20 36.18 -16.13
C SER A 5 -0.36 34.94 -15.25
N SER A 6 -1.50 34.85 -14.57
CA SER A 6 -1.77 33.73 -13.69
C SER A 6 -3.23 33.74 -13.23
N GLY A 7 -3.65 32.65 -12.58
CA GLY A 7 -5.01 32.56 -12.10
C GLY A 7 -5.30 31.23 -11.43
N PRO A 8 -4.79 31.05 -10.20
CA PRO A 8 -4.98 29.82 -9.43
C PRO A 8 -6.43 29.34 -9.46
N GLY A 9 -6.67 28.18 -8.86
CA GLY A 9 -8.02 27.63 -8.83
C GLY A 9 -8.17 26.42 -9.73
N SER A 10 -8.57 25.30 -9.15
CA SER A 10 -8.74 24.07 -9.90
C SER A 10 -9.68 23.10 -9.17
N PRO A 11 -10.48 22.34 -9.94
CA PRO A 11 -11.42 21.38 -9.39
C PRO A 11 -10.73 20.09 -8.93
N PRO A 12 -11.47 19.25 -8.20
CA PRO A 12 -10.96 17.98 -7.69
C PRO A 12 -10.90 16.90 -8.77
N GLY A 13 -11.91 16.89 -9.63
CA GLY A 13 -11.96 15.91 -10.70
C GLY A 13 -12.64 14.62 -10.28
N GLU A 14 -11.88 13.71 -9.70
CA GLU A 14 -12.42 12.43 -9.24
C GLU A 14 -12.30 12.30 -7.73
N GLY A 15 -13.24 11.55 -7.13
CA GLY A 15 -13.22 11.36 -5.70
C GLY A 15 -12.00 10.59 -5.23
N ALA A 16 -12.22 9.61 -4.36
CA ALA A 16 -11.13 8.80 -3.84
C ALA A 16 -11.34 7.32 -4.16
N PRO A 17 -10.23 6.61 -4.42
CA PRO A 17 -10.26 5.19 -4.75
C PRO A 17 -11.17 4.39 -3.82
N LEU A 18 -12.03 3.56 -4.41
CA LEU A 18 -12.96 2.74 -3.63
C LEU A 18 -12.46 1.30 -3.52
N ALA A 19 -11.16 1.15 -3.29
CA ALA A 19 -10.57 -0.17 -3.17
C ALA A 19 -9.69 -0.27 -1.92
N ALA A 20 -9.99 -1.25 -1.07
CA ALA A 20 -9.24 -1.45 0.17
C ALA A 20 -8.07 -2.41 -0.05
N ASP A 21 -7.35 -2.22 -1.15
CA ASP A 21 -6.21 -3.06 -1.48
C ASP A 21 -4.95 -2.22 -1.73
N VAL A 22 -3.90 -2.50 -0.98
CA VAL A 22 -2.65 -1.78 -1.11
C VAL A 22 -1.53 -2.70 -1.61
N TYR A 23 -0.83 -2.27 -2.65
CA TYR A 23 0.26 -3.05 -3.22
C TYR A 23 1.60 -2.57 -2.68
N VAL A 24 2.45 -3.53 -2.32
CA VAL A 24 3.77 -3.21 -1.79
C VAL A 24 4.86 -3.99 -2.51
N GLY A 25 5.69 -3.27 -3.27
CA GLY A 25 6.76 -3.91 -4.01
C GLY A 25 8.13 -3.42 -3.59
N ASN A 26 9.14 -3.72 -4.40
CA ASN A 26 10.50 -3.31 -4.11
C ASN A 26 11.01 -3.93 -2.81
N LEU A 27 10.70 -5.22 -2.63
CA LEU A 27 11.12 -5.93 -1.43
C LEU A 27 12.55 -6.43 -1.56
N PRO A 28 13.29 -6.41 -0.44
CA PRO A 28 14.69 -6.87 -0.41
C PRO A 28 14.89 -8.18 -1.15
N ARG A 29 16.12 -8.44 -1.56
CA ARG A 29 16.45 -9.66 -2.28
C ARG A 29 16.05 -10.90 -1.47
N ASP A 30 16.34 -10.87 -0.17
CA ASP A 30 16.00 -11.98 0.70
C ASP A 30 15.15 -11.51 1.87
N ALA A 31 14.15 -10.69 1.57
CA ALA A 31 13.26 -10.16 2.60
C ALA A 31 12.42 -11.27 3.21
N ARG A 32 11.96 -11.05 4.45
CA ARG A 32 11.15 -12.04 5.15
C ARG A 32 9.76 -11.47 5.46
N VAL A 33 8.73 -12.15 5.00
CA VAL A 33 7.36 -11.72 5.24
C VAL A 33 7.15 -11.36 6.71
N SER A 34 7.89 -12.02 7.58
CA SER A 34 7.78 -11.76 9.02
C SER A 34 8.22 -10.34 9.35
N ASP A 35 9.27 -9.87 8.68
CA ASP A 35 9.79 -8.53 8.90
C ASP A 35 8.72 -7.49 8.62
N LEU A 36 8.12 -7.57 7.43
CA LEU A 36 7.09 -6.62 7.03
C LEU A 36 5.93 -6.62 8.02
N LYS A 37 5.43 -7.82 8.34
CA LYS A 37 4.32 -7.96 9.28
C LYS A 37 4.71 -7.43 10.65
N ARG A 38 5.93 -7.76 11.09
CA ARG A 38 6.42 -7.31 12.38
C ARG A 38 6.08 -5.84 12.62
N ALA A 39 6.48 -5.00 11.68
CA ALA A 39 6.23 -3.56 11.79
C ALA A 39 4.73 -3.28 11.86
N LEU A 40 4.01 -3.62 10.80
CA LEU A 40 2.57 -3.41 10.74
C LEU A 40 1.91 -3.80 12.06
N ARG A 41 2.34 -4.92 12.62
CA ARG A 41 1.79 -5.40 13.88
C ARG A 41 1.79 -4.29 14.94
N GLU A 42 2.96 -3.68 15.13
CA GLU A 42 3.09 -2.61 16.11
C GLU A 42 2.45 -1.33 15.60
N LEU A 43 2.95 -0.80 14.49
CA LEU A 43 2.42 0.42 13.91
C LEU A 43 0.90 0.46 14.03
N GLY A 44 0.27 -0.70 14.00
CA GLY A 44 -1.18 -0.77 14.10
C GLY A 44 -1.87 -0.74 12.76
N SER A 45 -1.26 -1.40 11.77
CA SER A 45 -1.82 -1.44 10.42
C SER A 45 -1.86 -2.86 9.90
N VAL A 46 -2.46 -3.76 10.67
CA VAL A 46 -2.57 -5.16 10.28
C VAL A 46 -3.87 -5.44 9.54
N PRO A 47 -3.76 -5.69 8.23
CA PRO A 47 -4.92 -5.97 7.37
C PRO A 47 -5.45 -7.39 7.56
N LEU A 48 -6.66 -7.62 7.09
CA LEU A 48 -7.28 -8.94 7.21
C LEU A 48 -6.56 -9.97 6.34
N ARG A 49 -6.30 -9.59 5.09
CA ARG A 49 -5.61 -10.48 4.16
C ARG A 49 -4.31 -9.85 3.66
N LEU A 50 -3.36 -10.68 3.27
CA LEU A 50 -2.08 -10.20 2.77
C LEU A 50 -1.39 -11.26 1.91
N THR A 51 -0.80 -10.82 0.81
CA THR A 51 -0.11 -11.73 -0.10
C THR A 51 1.37 -11.42 -0.16
N TRP A 52 2.17 -12.42 -0.52
CA TRP A 52 3.62 -12.26 -0.62
C TRP A 52 4.19 -13.12 -1.74
N GLN A 53 5.19 -12.58 -2.44
CA GLN A 53 5.82 -13.30 -3.54
C GLN A 53 7.34 -13.22 -3.44
N GLY A 54 8.01 -14.36 -3.63
CA GLY A 54 9.45 -14.39 -3.56
C GLY A 54 10.10 -13.85 -4.82
N PRO A 55 10.34 -14.75 -5.79
CA PRO A 55 10.97 -14.37 -7.06
C PRO A 55 10.38 -13.10 -7.65
N ARG A 56 9.19 -12.74 -7.20
CA ARG A 56 8.51 -11.54 -7.69
C ARG A 56 8.80 -10.35 -6.78
N ARG A 57 8.98 -10.62 -5.48
CA ARG A 57 9.26 -9.58 -4.51
C ARG A 57 8.11 -8.57 -4.45
N ARG A 58 6.91 -9.08 -4.26
CA ARG A 58 5.73 -8.22 -4.18
C ARG A 58 4.76 -8.72 -3.09
N ALA A 59 3.92 -7.82 -2.61
CA ALA A 59 2.96 -8.16 -1.57
C ALA A 59 1.69 -7.33 -1.70
N PHE A 60 0.65 -7.71 -0.97
CA PHE A 60 -0.62 -6.99 -0.99
C PHE A 60 -1.22 -6.88 0.40
N LEU A 61 -1.93 -5.78 0.65
CA LEU A 61 -2.54 -5.55 1.95
C LEU A 61 -4.02 -5.21 1.79
N HIS A 62 -4.88 -6.21 1.98
CA HIS A 62 -6.32 -6.01 1.87
C HIS A 62 -6.92 -5.59 3.20
N TYR A 63 -7.47 -4.38 3.25
CA TYR A 63 -8.08 -3.85 4.47
C TYR A 63 -9.60 -3.96 4.41
N PRO A 64 -10.23 -3.98 5.59
CA PRO A 64 -11.69 -4.09 5.70
C PRO A 64 -12.41 -3.15 4.74
N ASP A 65 -12.11 -1.85 4.84
CA ASP A 65 -12.72 -0.85 3.98
C ASP A 65 -11.68 0.14 3.48
N SER A 66 -12.06 0.93 2.48
CA SER A 66 -11.16 1.92 1.89
C SER A 66 -10.50 2.76 2.99
N ALA A 67 -11.32 3.39 3.81
CA ALA A 67 -10.81 4.23 4.90
C ALA A 67 -9.69 3.52 5.65
N ALA A 68 -9.89 2.26 5.98
CA ALA A 68 -8.90 1.47 6.69
C ALA A 68 -7.57 1.46 5.94
N ALA A 69 -7.62 1.09 4.66
CA ALA A 69 -6.41 1.04 3.83
C ALA A 69 -5.78 2.43 3.70
N GLN A 70 -6.57 3.39 3.24
CA GLN A 70 -6.09 4.75 3.06
C GLN A 70 -5.31 5.22 4.29
N GLN A 71 -6.00 5.27 5.42
CA GLN A 71 -5.37 5.70 6.67
C GLN A 71 -3.98 5.09 6.82
N ALA A 72 -3.91 3.77 6.67
CA ALA A 72 -2.65 3.05 6.79
C ALA A 72 -1.62 3.61 5.80
N VAL A 73 -1.93 3.53 4.52
CA VAL A 73 -1.03 4.02 3.48
C VAL A 73 -0.27 5.26 3.94
N SER A 74 -1.02 6.32 4.24
CA SER A 74 -0.42 7.58 4.69
C SER A 74 0.70 7.31 5.69
N CYS A 75 0.44 6.42 6.65
CA CYS A 75 1.43 6.08 7.67
C CYS A 75 2.54 5.22 7.08
N LEU A 76 2.16 4.07 6.55
CA LEU A 76 3.13 3.14 5.96
C LEU A 76 4.17 3.91 5.14
N GLN A 77 3.71 4.84 4.32
CA GLN A 77 4.60 5.63 3.48
C GLN A 77 5.89 5.96 4.23
N GLY A 78 6.95 6.22 3.47
CA GLY A 78 8.24 6.53 4.07
C GLY A 78 8.97 5.31 4.56
N LEU A 79 8.29 4.50 5.37
CA LEU A 79 8.89 3.27 5.90
C LEU A 79 9.61 2.49 4.81
N ARG A 80 10.89 2.20 5.04
CA ARG A 80 11.69 1.46 4.07
C ARG A 80 12.55 0.41 4.77
N LEU A 81 12.70 -0.74 4.12
CA LEU A 81 13.50 -1.83 4.68
C LEU A 81 14.92 -1.82 4.11
N GLY A 82 15.87 -2.30 4.91
CA GLY A 82 17.25 -2.33 4.48
C GLY A 82 17.68 -1.05 3.80
N THR A 83 17.74 -1.07 2.47
CA THR A 83 18.14 0.11 1.71
C THR A 83 17.03 0.55 0.76
N ASP A 84 16.58 -0.37 -0.08
CA ASP A 84 15.52 -0.08 -1.04
C ASP A 84 14.27 0.41 -0.33
N THR A 85 13.52 1.28 -1.00
CA THR A 85 12.30 1.84 -0.43
C THR A 85 11.07 1.11 -0.97
N LEU A 86 10.42 0.34 -0.11
CA LEU A 86 9.22 -0.40 -0.50
C LEU A 86 8.29 0.47 -1.33
N ARG A 87 7.80 -0.08 -2.44
CA ARG A 87 6.89 0.64 -3.31
C ARG A 87 5.45 0.47 -2.87
N VAL A 88 5.05 1.24 -1.86
CA VAL A 88 3.69 1.17 -1.33
C VAL A 88 2.76 2.11 -2.08
N ALA A 89 1.62 1.58 -2.53
CA ALA A 89 0.64 2.38 -3.26
C ALA A 89 -0.67 1.62 -3.43
N LEU A 90 -1.78 2.33 -3.27
CA LEU A 90 -3.09 1.73 -3.41
C LEU A 90 -3.21 0.95 -4.72
N ALA A 91 -3.53 -0.34 -4.61
CA ALA A 91 -3.67 -1.19 -5.78
C ALA A 91 -5.06 -1.08 -6.38
N ARG A 92 -5.14 -0.52 -7.58
CA ARG A 92 -6.42 -0.36 -8.27
C ARG A 92 -6.33 -0.83 -9.71
N GLN A 93 -7.10 -1.86 -10.03
CA GLN A 93 -7.12 -2.42 -11.38
C GLN A 93 -8.53 -2.46 -11.94
N GLN A 94 -8.65 -2.42 -13.26
CA GLN A 94 -9.94 -2.46 -13.92
C GLN A 94 -10.88 -3.45 -13.24
N ARG A 95 -12.17 -3.33 -13.50
CA ARG A 95 -13.17 -4.21 -12.91
C ARG A 95 -14.03 -4.85 -13.98
N ASP A 96 -13.65 -6.07 -14.37
CA ASP A 96 -14.39 -6.80 -15.40
C ASP A 96 -15.57 -7.56 -14.78
N LYS A 97 -16.77 -7.04 -14.98
CA LYS A 97 -17.97 -7.65 -14.45
C LYS A 97 -18.34 -8.91 -15.23
N GLY A 1 -15.71 39.98 -4.35
CA GLY A 1 -14.29 39.88 -4.05
C GLY A 1 -13.88 38.48 -3.62
N SER A 2 -14.15 37.50 -4.47
CA SER A 2 -13.81 36.11 -4.17
C SER A 2 -13.75 35.27 -5.45
N SER A 3 -12.60 34.63 -5.68
CA SER A 3 -12.41 33.81 -6.87
C SER A 3 -12.50 32.32 -6.51
N GLY A 4 -13.04 31.54 -7.44
CA GLY A 4 -13.16 30.11 -7.21
C GLY A 4 -14.34 29.50 -7.95
N SER A 5 -14.06 28.63 -8.91
CA SER A 5 -15.10 28.00 -9.69
C SER A 5 -14.62 26.65 -10.26
N SER A 6 -15.53 25.71 -10.40
CA SER A 6 -15.21 24.39 -10.92
C SER A 6 -16.31 23.88 -11.85
N GLY A 7 -16.05 22.76 -12.51
CA GLY A 7 -17.02 22.18 -13.42
C GLY A 7 -16.44 21.07 -14.27
N PRO A 8 -16.35 19.86 -13.69
CA PRO A 8 -15.81 18.69 -14.38
C PRO A 8 -16.80 18.09 -15.38
N GLY A 9 -16.42 16.98 -16.00
CA GLY A 9 -17.29 16.33 -16.96
C GLY A 9 -16.82 14.93 -17.32
N SER A 10 -17.72 13.97 -17.23
CA SER A 10 -17.40 12.58 -17.53
C SER A 10 -18.48 11.94 -18.39
N PRO A 11 -18.06 11.07 -19.31
CA PRO A 11 -18.99 10.37 -20.22
C PRO A 11 -19.71 9.22 -19.54
N PRO A 12 -20.95 8.96 -19.98
CA PRO A 12 -21.78 7.88 -19.41
C PRO A 12 -20.99 6.58 -19.25
N GLY A 13 -20.97 6.06 -18.01
CA GLY A 13 -20.26 4.83 -17.74
C GLY A 13 -20.14 4.55 -16.25
N GLU A 14 -20.05 3.28 -15.90
CA GLU A 14 -19.93 2.88 -14.50
C GLU A 14 -18.47 2.94 -14.04
N GLY A 15 -18.26 3.51 -12.86
CA GLY A 15 -16.91 3.63 -12.33
C GLY A 15 -16.53 2.42 -11.48
N ALA A 16 -15.22 2.21 -11.33
CA ALA A 16 -14.72 1.10 -10.54
C ALA A 16 -13.92 1.59 -9.33
N PRO A 17 -14.57 1.59 -8.16
CA PRO A 17 -13.94 2.03 -6.91
C PRO A 17 -13.05 0.96 -6.29
N LEU A 18 -11.81 1.33 -5.98
CA LEU A 18 -10.87 0.40 -5.38
C LEU A 18 -11.49 -0.32 -4.19
N ALA A 19 -10.91 -1.46 -3.83
CA ALA A 19 -11.41 -2.25 -2.71
C ALA A 19 -10.38 -2.31 -1.59
N ALA A 20 -10.13 -1.17 -0.96
CA ALA A 20 -9.17 -1.10 0.14
C ALA A 20 -8.00 -2.04 -0.09
N ASP A 21 -7.52 -2.09 -1.32
CA ASP A 21 -6.39 -2.94 -1.68
C ASP A 21 -5.10 -2.14 -1.82
N VAL A 22 -4.17 -2.37 -0.90
CA VAL A 22 -2.89 -1.66 -0.92
C VAL A 22 -1.78 -2.55 -1.48
N TYR A 23 -1.09 -2.05 -2.50
CA TYR A 23 -0.01 -2.80 -3.12
C TYR A 23 1.33 -2.43 -2.51
N VAL A 24 2.25 -3.39 -2.46
CA VAL A 24 3.58 -3.15 -1.90
C VAL A 24 4.64 -3.95 -2.64
N GLY A 25 5.69 -3.27 -3.08
CA GLY A 25 6.76 -3.94 -3.80
C GLY A 25 8.14 -3.45 -3.39
N ASN A 26 9.13 -3.69 -4.23
CA ASN A 26 10.50 -3.26 -3.95
C ASN A 26 11.03 -3.94 -2.70
N LEU A 27 10.76 -5.24 -2.58
CA LEU A 27 11.22 -6.01 -1.42
C LEU A 27 12.62 -6.56 -1.66
N PRO A 28 13.41 -6.64 -0.58
CA PRO A 28 14.78 -7.15 -0.64
C PRO A 28 14.90 -8.43 -1.45
N ARG A 29 16.07 -8.67 -2.03
CA ARG A 29 16.30 -9.86 -2.84
C ARG A 29 15.70 -11.10 -2.16
N ASP A 30 16.07 -11.31 -0.91
CA ASP A 30 15.57 -12.46 -0.15
C ASP A 30 14.83 -12.01 1.09
N ALA A 31 14.15 -10.86 0.99
CA ALA A 31 13.40 -10.32 2.11
C ALA A 31 12.60 -11.41 2.83
N ARG A 32 12.09 -11.10 4.01
CA ARG A 32 11.32 -12.05 4.79
C ARG A 32 9.93 -11.49 5.11
N VAL A 33 8.91 -12.21 4.67
CA VAL A 33 7.53 -11.79 4.91
C VAL A 33 7.35 -11.29 6.33
N SER A 34 8.07 -11.89 7.27
CA SER A 34 7.99 -11.50 8.67
C SER A 34 8.46 -10.05 8.86
N ASP A 35 9.68 -9.77 8.44
CA ASP A 35 10.25 -8.44 8.56
C ASP A 35 9.18 -7.37 8.30
N LEU A 36 8.39 -7.57 7.25
CA LEU A 36 7.34 -6.63 6.90
C LEU A 36 6.23 -6.64 7.94
N LYS A 37 5.75 -7.83 8.28
CA LYS A 37 4.69 -7.98 9.26
C LYS A 37 5.05 -7.28 10.57
N ARG A 38 6.27 -7.51 11.03
CA ARG A 38 6.75 -6.91 12.27
C ARG A 38 6.30 -5.46 12.37
N ALA A 39 6.74 -4.64 11.42
CA ALA A 39 6.38 -3.22 11.40
C ALA A 39 4.87 -3.04 11.36
N LEU A 40 4.25 -3.44 10.25
CA LEU A 40 2.81 -3.33 10.08
C LEU A 40 2.09 -3.54 11.41
N ARG A 41 2.47 -4.60 12.12
CA ARG A 41 1.87 -4.91 13.41
C ARG A 41 2.09 -3.78 14.41
N GLU A 42 3.33 -3.30 14.49
CA GLU A 42 3.67 -2.22 15.40
C GLU A 42 3.01 -0.91 14.98
N LEU A 43 2.71 -0.80 13.69
CA LEU A 43 2.07 0.39 13.14
C LEU A 43 0.56 0.22 13.07
N GLY A 44 0.05 -0.74 13.83
CA GLY A 44 -1.38 -0.99 13.84
C GLY A 44 -1.96 -1.16 12.45
N SER A 45 -1.09 -1.46 11.48
CA SER A 45 -1.51 -1.65 10.09
C SER A 45 -1.66 -3.12 9.76
N VAL A 46 -2.47 -3.83 10.55
CA VAL A 46 -2.69 -5.25 10.33
C VAL A 46 -4.01 -5.50 9.60
N PRO A 47 -3.92 -5.79 8.29
CA PRO A 47 -5.09 -6.05 7.46
C PRO A 47 -5.70 -7.43 7.72
N LEU A 48 -6.87 -7.67 7.13
CA LEU A 48 -7.55 -8.95 7.29
C LEU A 48 -6.78 -10.07 6.59
N ARG A 49 -6.40 -9.83 5.34
CA ARG A 49 -5.67 -10.82 4.57
C ARG A 49 -4.39 -10.20 3.98
N LEU A 50 -3.36 -11.03 3.83
CA LEU A 50 -2.09 -10.57 3.29
C LEU A 50 -1.49 -11.62 2.35
N THR A 51 -1.08 -11.18 1.16
CA THR A 51 -0.50 -12.08 0.18
C THR A 51 0.92 -11.65 -0.18
N TRP A 52 1.91 -12.35 0.39
CA TRP A 52 3.31 -12.05 0.14
C TRP A 52 3.89 -12.99 -0.92
N GLN A 53 4.84 -12.49 -1.69
CA GLN A 53 5.47 -13.29 -2.74
C GLN A 53 6.97 -13.01 -2.79
N GLY A 54 7.75 -14.05 -3.10
CA GLY A 54 9.19 -13.90 -3.19
C GLY A 54 9.66 -13.55 -4.59
N PRO A 55 9.45 -14.48 -5.54
CA PRO A 55 9.85 -14.29 -6.93
C PRO A 55 9.45 -12.92 -7.46
N ARG A 56 8.24 -12.48 -7.12
CA ARG A 56 7.74 -11.19 -7.56
C ARG A 56 8.15 -10.08 -6.59
N ARG A 57 8.68 -10.48 -5.43
CA ARG A 57 9.10 -9.53 -4.42
C ARG A 57 8.04 -8.46 -4.19
N ARG A 58 6.79 -8.91 -4.06
CA ARG A 58 5.67 -8.00 -3.84
C ARG A 58 4.74 -8.53 -2.76
N ALA A 59 3.78 -7.70 -2.35
CA ALA A 59 2.82 -8.09 -1.32
C ALA A 59 1.52 -7.32 -1.46
N PHE A 60 0.41 -7.95 -1.06
CA PHE A 60 -0.90 -7.32 -1.15
C PHE A 60 -1.57 -7.25 0.22
N LEU A 61 -2.12 -6.10 0.55
CA LEU A 61 -2.80 -5.91 1.83
C LEU A 61 -4.28 -5.61 1.63
N HIS A 62 -5.13 -6.49 2.15
CA HIS A 62 -6.57 -6.33 2.03
C HIS A 62 -7.16 -5.79 3.33
N TYR A 63 -7.71 -4.58 3.28
CA TYR A 63 -8.30 -3.96 4.45
C TYR A 63 -9.82 -4.03 4.39
N PRO A 64 -10.46 -4.01 5.57
CA PRO A 64 -11.93 -4.07 5.67
C PRO A 64 -12.62 -3.13 4.69
N ASP A 65 -12.37 -1.83 4.85
CA ASP A 65 -12.97 -0.82 3.99
C ASP A 65 -11.92 0.18 3.51
N SER A 66 -12.18 0.81 2.37
CA SER A 66 -11.26 1.78 1.80
C SER A 66 -10.63 2.64 2.91
N ALA A 67 -11.47 3.24 3.74
CA ALA A 67 -10.99 4.07 4.83
C ALA A 67 -9.69 3.52 5.42
N ALA A 68 -9.73 2.27 5.86
CA ALA A 68 -8.56 1.63 6.44
C ALA A 68 -7.38 1.66 5.49
N ALA A 69 -7.51 0.94 4.37
CA ALA A 69 -6.45 0.88 3.37
C ALA A 69 -5.86 2.27 3.13
N GLN A 70 -6.72 3.29 3.13
CA GLN A 70 -6.27 4.66 2.91
C GLN A 70 -5.53 5.19 4.14
N GLN A 71 -5.99 4.80 5.32
CA GLN A 71 -5.37 5.24 6.56
C GLN A 71 -3.98 4.65 6.73
N ALA A 72 -3.86 3.34 6.47
CA ALA A 72 -2.58 2.65 6.58
C ALA A 72 -1.55 3.24 5.63
N VAL A 73 -1.89 3.27 4.34
CA VAL A 73 -0.99 3.81 3.33
C VAL A 73 -0.22 5.02 3.86
N SER A 74 -0.95 6.06 4.23
CA SER A 74 -0.33 7.28 4.75
C SER A 74 0.80 6.93 5.72
N CYS A 75 0.54 5.98 6.61
CA CYS A 75 1.54 5.57 7.59
C CYS A 75 2.66 4.78 6.92
N LEU A 76 2.31 3.66 6.30
CA LEU A 76 3.29 2.82 5.62
C LEU A 76 4.31 3.67 4.87
N GLN A 77 3.80 4.65 4.12
CA GLN A 77 4.67 5.54 3.36
C GLN A 77 5.97 5.83 4.11
N GLY A 78 7.06 5.96 3.37
CA GLY A 78 8.34 6.23 3.98
C GLY A 78 8.99 5.00 4.55
N LEU A 79 8.24 4.26 5.37
CA LEU A 79 8.75 3.04 5.99
C LEU A 79 9.55 2.22 4.99
N ARG A 80 10.82 1.99 5.31
CA ARG A 80 11.70 1.21 4.43
C ARG A 80 12.59 0.28 5.24
N LEU A 81 13.06 -0.79 4.61
CA LEU A 81 13.92 -1.76 5.28
C LEU A 81 15.36 -1.59 4.82
N GLY A 82 16.27 -1.47 5.78
CA GLY A 82 17.68 -1.32 5.46
C GLY A 82 17.97 -0.05 4.69
N THR A 83 18.36 -0.20 3.42
CA THR A 83 18.67 0.95 2.58
C THR A 83 17.65 1.09 1.46
N ASP A 84 17.24 -0.03 0.88
CA ASP A 84 16.28 -0.04 -0.21
C ASP A 84 14.91 0.42 0.30
N THR A 85 14.35 1.43 -0.37
CA THR A 85 13.05 1.96 0.01
C THR A 85 11.92 1.12 -0.57
N LEU A 86 11.00 0.70 0.28
CA LEU A 86 9.87 -0.12 -0.17
C LEU A 86 8.82 0.74 -0.85
N ARG A 87 8.21 0.20 -1.91
CA ARG A 87 7.19 0.92 -2.66
C ARG A 87 5.80 0.58 -2.13
N VAL A 88 5.02 1.62 -1.84
CA VAL A 88 3.67 1.44 -1.33
C VAL A 88 2.68 2.35 -2.05
N ALA A 89 1.63 1.75 -2.60
CA ALA A 89 0.61 2.51 -3.32
C ALA A 89 -0.70 1.73 -3.38
N LEU A 90 -1.81 2.46 -3.47
CA LEU A 90 -3.13 1.84 -3.55
C LEU A 90 -3.25 0.97 -4.80
N ALA A 91 -3.19 -0.35 -4.60
CA ALA A 91 -3.30 -1.29 -5.71
C ALA A 91 -4.28 -0.78 -6.77
N ARG A 92 -3.74 -0.14 -7.80
CA ARG A 92 -4.56 0.39 -8.88
C ARG A 92 -3.98 0.03 -10.24
N GLN A 93 -4.76 -0.68 -11.04
CA GLN A 93 -4.32 -1.09 -12.38
C GLN A 93 -5.51 -1.31 -13.30
N GLN A 94 -5.35 -0.92 -14.56
CA GLN A 94 -6.42 -1.07 -15.54
C GLN A 94 -6.30 -2.40 -16.28
N ARG A 95 -7.34 -2.75 -17.03
CA ARG A 95 -7.34 -4.00 -17.79
C ARG A 95 -7.99 -3.81 -19.15
N ASP A 96 -7.60 -4.63 -20.12
CA ASP A 96 -8.15 -4.55 -21.47
C ASP A 96 -8.98 -5.79 -21.78
N LYS A 97 -10.05 -5.59 -22.54
CA LYS A 97 -10.93 -6.69 -22.92
C LYS A 97 -10.19 -7.72 -23.76
N GLY A 1 19.17 20.79 21.55
CA GLY A 1 18.58 19.77 20.69
C GLY A 1 17.82 20.39 19.52
N SER A 2 17.13 19.54 18.76
CA SER A 2 16.36 19.99 17.62
C SER A 2 14.89 19.59 17.75
N SER A 3 14.05 20.17 16.90
CA SER A 3 12.62 19.87 16.93
C SER A 3 12.17 19.26 15.61
N GLY A 4 12.75 19.75 14.51
CA GLY A 4 12.39 19.24 13.19
C GLY A 4 11.67 20.27 12.35
N SER A 5 10.86 19.79 11.41
CA SER A 5 10.10 20.67 10.53
C SER A 5 8.60 20.50 10.73
N SER A 6 8.16 19.24 10.73
CA SER A 6 6.75 18.92 10.90
C SER A 6 5.88 19.94 10.16
N GLY A 7 6.25 20.25 8.93
CA GLY A 7 5.48 21.20 8.15
C GLY A 7 4.73 20.54 7.01
N PRO A 8 3.44 20.22 7.26
CA PRO A 8 2.58 19.58 6.26
C PRO A 8 2.09 20.56 5.20
N GLY A 9 1.66 20.02 4.07
CA GLY A 9 1.17 20.86 2.98
C GLY A 9 0.56 20.06 1.86
N SER A 10 -0.75 20.16 1.69
CA SER A 10 -1.47 19.44 0.65
C SER A 10 -2.63 20.26 0.11
N PRO A 11 -2.88 20.14 -1.21
CA PRO A 11 -3.96 20.87 -1.88
C PRO A 11 -5.32 20.23 -1.64
N PRO A 12 -6.18 20.93 -0.89
CA PRO A 12 -7.54 20.45 -0.57
C PRO A 12 -8.25 19.89 -1.79
N GLY A 13 -9.47 19.39 -1.58
CA GLY A 13 -10.25 18.84 -2.68
C GLY A 13 -9.84 17.42 -3.01
N GLU A 14 -10.33 16.47 -2.22
CA GLU A 14 -10.01 15.06 -2.43
C GLU A 14 -11.28 14.21 -2.45
N GLY A 15 -11.43 13.40 -3.49
CA GLY A 15 -12.60 12.56 -3.60
C GLY A 15 -12.53 11.33 -2.71
N ALA A 16 -12.43 10.16 -3.32
CA ALA A 16 -12.35 8.91 -2.57
C ALA A 16 -12.06 7.73 -3.50
N PRO A 17 -11.27 6.77 -3.00
CA PRO A 17 -10.90 5.57 -3.76
C PRO A 17 -12.03 4.54 -3.81
N LEU A 18 -12.07 3.75 -4.87
CA LEU A 18 -13.09 2.73 -5.03
C LEU A 18 -12.51 1.34 -4.80
N ALA A 19 -11.58 1.25 -3.85
CA ALA A 19 -10.95 -0.03 -3.52
C ALA A 19 -10.18 0.06 -2.21
N ALA A 20 -10.04 -1.08 -1.53
CA ALA A 20 -9.32 -1.13 -0.27
C ALA A 20 -8.14 -2.09 -0.34
N ASP A 21 -7.42 -2.05 -1.46
CA ASP A 21 -6.27 -2.90 -1.65
C ASP A 21 -4.99 -2.08 -1.84
N VAL A 22 -4.02 -2.30 -0.95
CA VAL A 22 -2.75 -1.58 -1.03
C VAL A 22 -1.67 -2.43 -1.68
N TYR A 23 -0.83 -1.79 -2.48
CA TYR A 23 0.26 -2.47 -3.17
C TYR A 23 1.61 -2.15 -2.53
N VAL A 24 2.35 -3.20 -2.19
CA VAL A 24 3.67 -3.02 -1.56
C VAL A 24 4.72 -3.90 -2.25
N GLY A 25 5.56 -3.28 -3.05
CA GLY A 25 6.60 -4.03 -3.75
C GLY A 25 7.99 -3.50 -3.46
N ASN A 26 8.94 -3.85 -4.31
CA ASN A 26 10.33 -3.41 -4.14
C ASN A 26 10.95 -4.04 -2.90
N LEU A 27 10.59 -5.30 -2.64
CA LEU A 27 11.11 -6.02 -1.48
C LEU A 27 12.51 -6.55 -1.76
N PRO A 28 13.37 -6.56 -0.73
CA PRO A 28 14.74 -7.05 -0.84
C PRO A 28 14.82 -8.38 -1.60
N ARG A 29 16.00 -8.68 -2.14
CA ARG A 29 16.21 -9.91 -2.88
C ARG A 29 15.90 -11.12 -2.01
N ASP A 30 16.09 -10.98 -0.71
CA ASP A 30 15.83 -12.06 0.23
C ASP A 30 14.93 -11.59 1.38
N ALA A 31 14.12 -10.58 1.11
CA ALA A 31 13.22 -10.04 2.11
C ALA A 31 12.54 -11.15 2.90
N ARG A 32 12.00 -10.80 4.07
CA ARG A 32 11.33 -11.77 4.92
C ARG A 32 9.91 -11.31 5.26
N VAL A 33 8.94 -12.14 4.92
CA VAL A 33 7.54 -11.83 5.19
C VAL A 33 7.36 -11.26 6.59
N SER A 34 8.13 -11.77 7.54
CA SER A 34 8.05 -11.32 8.92
C SER A 34 8.45 -9.85 9.04
N ASP A 35 9.67 -9.54 8.63
CA ASP A 35 10.17 -8.17 8.67
C ASP A 35 9.07 -7.17 8.32
N LEU A 36 8.42 -7.40 7.20
CA LEU A 36 7.34 -6.53 6.74
C LEU A 36 6.21 -6.49 7.76
N LYS A 37 5.49 -7.60 7.89
CA LYS A 37 4.38 -7.69 8.83
C LYS A 37 4.69 -6.93 10.12
N ARG A 38 5.84 -7.26 10.72
CA ARG A 38 6.25 -6.62 11.96
C ARG A 38 5.93 -5.12 11.93
N ALA A 39 6.49 -4.43 10.95
CA ALA A 39 6.27 -3.00 10.81
C ALA A 39 4.78 -2.68 10.70
N LEU A 40 4.02 -3.62 10.15
CA LEU A 40 2.58 -3.44 10.00
C LEU A 40 1.85 -3.66 11.32
N ARG A 41 2.38 -4.58 12.12
CA ARG A 41 1.78 -4.88 13.43
C ARG A 41 1.93 -3.70 14.38
N GLU A 42 3.10 -3.08 14.36
CA GLU A 42 3.37 -1.94 15.23
C GLU A 42 2.67 -0.68 14.71
N LEU A 43 2.53 -0.60 13.39
CA LEU A 43 1.88 0.55 12.76
C LEU A 43 0.38 0.32 12.63
N GLY A 44 -0.14 -0.61 13.41
CA GLY A 44 -1.57 -0.90 13.37
C GLY A 44 -2.08 -1.08 11.95
N SER A 45 -1.18 -1.45 11.04
CA SER A 45 -1.55 -1.64 9.64
C SER A 45 -1.72 -3.13 9.32
N VAL A 46 -2.49 -3.82 10.16
CA VAL A 46 -2.74 -5.25 9.97
C VAL A 46 -4.09 -5.48 9.33
N PRO A 47 -4.08 -5.80 8.02
CA PRO A 47 -5.30 -6.05 7.26
C PRO A 47 -5.89 -7.42 7.56
N LEU A 48 -6.99 -7.76 6.88
CA LEU A 48 -7.64 -9.05 7.07
C LEU A 48 -6.78 -10.19 6.57
N ARG A 49 -6.17 -9.99 5.39
CA ARG A 49 -5.31 -11.00 4.80
C ARG A 49 -4.20 -10.36 3.98
N LEU A 50 -3.06 -11.04 3.90
CA LEU A 50 -1.92 -10.53 3.14
C LEU A 50 -1.33 -11.61 2.25
N THR A 51 -1.02 -11.25 1.01
CA THR A 51 -0.45 -12.18 0.06
C THR A 51 0.98 -11.81 -0.32
N TRP A 52 1.95 -12.45 0.33
CA TRP A 52 3.36 -12.17 0.07
C TRP A 52 3.93 -13.17 -0.94
N GLN A 53 4.90 -12.72 -1.73
CA GLN A 53 5.53 -13.57 -2.71
C GLN A 53 7.05 -13.45 -2.67
N GLY A 54 7.74 -14.48 -3.14
CA GLY A 54 9.19 -14.46 -3.14
C GLY A 54 9.77 -13.95 -4.44
N PRO A 55 9.83 -14.83 -5.45
CA PRO A 55 10.36 -14.48 -6.77
C PRO A 55 9.77 -13.18 -7.31
N ARG A 56 8.52 -12.91 -6.97
CA ARG A 56 7.84 -11.71 -7.43
C ARG A 56 8.12 -10.54 -6.47
N ARG A 57 8.59 -10.87 -5.28
CA ARG A 57 8.89 -9.85 -4.27
C ARG A 57 7.77 -8.81 -4.19
N ARG A 58 6.54 -9.30 -4.02
CA ARG A 58 5.38 -8.42 -3.94
C ARG A 58 4.55 -8.75 -2.70
N ALA A 59 3.87 -7.74 -2.16
CA ALA A 59 3.04 -7.92 -0.98
C ALA A 59 1.73 -7.13 -1.11
N PHE A 60 0.61 -7.85 -1.19
CA PHE A 60 -0.69 -7.21 -1.31
C PHE A 60 -1.41 -7.19 0.03
N LEU A 61 -2.05 -6.07 0.34
CA LEU A 61 -2.77 -5.91 1.59
C LEU A 61 -4.27 -5.79 1.34
N HIS A 62 -5.05 -6.66 1.98
CA HIS A 62 -6.50 -6.65 1.82
C HIS A 62 -7.18 -6.15 3.09
N TYR A 63 -7.45 -4.85 3.13
CA TYR A 63 -8.10 -4.24 4.29
C TYR A 63 -9.62 -4.28 4.16
N PRO A 64 -10.31 -4.31 5.30
CA PRO A 64 -11.77 -4.35 5.35
C PRO A 64 -12.41 -3.35 4.39
N ASP A 65 -12.17 -2.07 4.63
CA ASP A 65 -12.71 -1.02 3.79
C ASP A 65 -11.63 -0.03 3.37
N SER A 66 -11.95 0.86 2.44
CA SER A 66 -11.00 1.85 1.96
C SER A 66 -10.36 2.59 3.13
N ALA A 67 -11.19 3.21 3.96
CA ALA A 67 -10.70 3.95 5.11
C ALA A 67 -9.54 3.23 5.79
N ALA A 68 -9.79 2.00 6.23
CA ALA A 68 -8.76 1.21 6.88
C ALA A 68 -7.44 1.27 6.11
N ALA A 69 -7.53 1.08 4.79
CA ALA A 69 -6.34 1.11 3.94
C ALA A 69 -5.74 2.51 3.90
N GLN A 70 -6.52 3.48 3.46
CA GLN A 70 -6.06 4.86 3.38
C GLN A 70 -5.28 5.25 4.63
N GLN A 71 -5.90 5.06 5.79
CA GLN A 71 -5.27 5.39 7.06
C GLN A 71 -3.89 4.77 7.16
N ALA A 72 -3.82 3.45 6.98
CA ALA A 72 -2.56 2.73 7.05
C ALA A 72 -1.53 3.33 6.08
N VAL A 73 -1.87 3.34 4.80
CA VAL A 73 -0.99 3.88 3.78
C VAL A 73 -0.18 5.06 4.32
N SER A 74 -0.88 6.15 4.63
CA SER A 74 -0.25 7.34 5.16
C SER A 74 0.87 6.99 6.14
N CYS A 75 0.58 6.02 7.00
CA CYS A 75 1.54 5.58 8.01
C CYS A 75 2.66 4.75 7.35
N LEU A 76 2.29 3.85 6.46
CA LEU A 76 3.25 3.01 5.77
C LEU A 76 4.28 3.85 5.03
N GLN A 77 3.80 4.80 4.24
CA GLN A 77 4.68 5.68 3.49
C GLN A 77 5.95 5.99 4.27
N GLY A 78 7.04 6.28 3.56
CA GLY A 78 8.29 6.59 4.21
C GLY A 78 9.01 5.36 4.70
N LEU A 79 8.29 4.48 5.37
CA LEU A 79 8.88 3.24 5.89
C LEU A 79 9.69 2.54 4.83
N ARG A 80 10.92 2.15 5.19
CA ARG A 80 11.81 1.45 4.27
C ARG A 80 12.53 0.31 4.97
N LEU A 81 13.13 -0.58 4.17
CA LEU A 81 13.86 -1.71 4.71
C LEU A 81 15.34 -1.65 4.34
N GLY A 82 16.19 -2.06 5.26
CA GLY A 82 17.63 -2.02 5.01
C GLY A 82 18.08 -0.74 4.34
N THR A 83 18.28 -0.80 3.03
CA THR A 83 18.72 0.36 2.27
C THR A 83 17.73 0.67 1.14
N ASP A 84 16.84 -0.27 0.86
CA ASP A 84 15.85 -0.09 -0.19
C ASP A 84 14.54 0.45 0.38
N THR A 85 13.91 1.36 -0.34
CA THR A 85 12.65 1.96 0.10
C THR A 85 11.46 1.26 -0.54
N LEU A 86 10.78 0.43 0.25
CA LEU A 86 9.62 -0.31 -0.24
C LEU A 86 8.69 0.62 -1.02
N ARG A 87 8.04 0.06 -2.04
CA ARG A 87 7.11 0.83 -2.87
C ARG A 87 5.67 0.58 -2.44
N VAL A 88 5.16 1.43 -1.57
CA VAL A 88 3.78 1.30 -1.08
C VAL A 88 2.87 2.33 -1.74
N ALA A 89 1.75 1.86 -2.26
CA ALA A 89 0.79 2.74 -2.91
C ALA A 89 -0.57 2.06 -3.08
N LEU A 90 -1.64 2.82 -2.94
CA LEU A 90 -2.99 2.30 -3.08
C LEU A 90 -3.16 1.57 -4.41
N ALA A 91 -3.44 0.28 -4.35
CA ALA A 91 -3.62 -0.53 -5.55
C ALA A 91 -5.04 -0.35 -6.12
N ARG A 92 -5.24 0.75 -6.83
CA ARG A 92 -6.55 1.04 -7.41
C ARG A 92 -6.55 0.74 -8.91
N GLN A 93 -7.25 -0.32 -9.30
CA GLN A 93 -7.33 -0.71 -10.70
C GLN A 93 -8.73 -1.22 -11.05
N GLN A 94 -9.22 -0.82 -12.22
CA GLN A 94 -10.54 -1.23 -12.66
C GLN A 94 -10.46 -2.45 -13.59
N ARG A 95 -10.60 -3.64 -13.01
CA ARG A 95 -10.53 -4.87 -13.78
C ARG A 95 -11.85 -5.14 -14.50
N ASP A 96 -11.82 -6.04 -15.47
CA ASP A 96 -13.00 -6.39 -16.24
C ASP A 96 -12.76 -7.61 -17.11
N LYS A 97 -13.80 -8.39 -17.36
CA LYS A 97 -13.70 -9.58 -18.18
C LYS A 97 -14.52 -9.44 -19.46
N GLY A 1 -22.20 38.12 -36.76
CA GLY A 1 -21.00 37.43 -36.31
C GLY A 1 -20.96 35.98 -36.75
N SER A 2 -20.14 35.18 -36.09
CA SER A 2 -20.01 33.77 -36.42
C SER A 2 -19.30 33.01 -35.30
N SER A 3 -20.03 32.09 -34.67
CA SER A 3 -19.48 31.29 -33.58
C SER A 3 -19.48 29.81 -33.94
N GLY A 4 -18.83 29.01 -33.09
CA GLY A 4 -18.77 27.58 -33.33
C GLY A 4 -19.04 26.76 -32.08
N SER A 5 -20.11 25.97 -32.11
CA SER A 5 -20.47 25.14 -30.97
C SER A 5 -20.33 23.67 -31.30
N SER A 6 -20.48 22.81 -30.29
CA SER A 6 -20.37 21.38 -30.47
C SER A 6 -21.25 20.63 -29.47
N GLY A 7 -22.24 19.90 -29.98
CA GLY A 7 -23.13 19.15 -29.12
C GLY A 7 -22.44 18.62 -27.89
N PRO A 8 -22.57 19.35 -26.77
CA PRO A 8 -21.95 18.97 -25.49
C PRO A 8 -22.71 17.84 -24.80
N GLY A 9 -22.16 17.37 -23.68
CA GLY A 9 -22.79 16.29 -22.95
C GLY A 9 -21.94 15.80 -21.79
N SER A 10 -22.33 16.16 -20.57
CA SER A 10 -21.59 15.76 -19.39
C SER A 10 -21.82 14.27 -19.08
N PRO A 11 -20.76 13.61 -18.58
CA PRO A 11 -20.82 12.18 -18.25
C PRO A 11 -22.07 11.83 -17.45
N PRO A 12 -22.56 10.58 -17.64
CA PRO A 12 -23.75 10.09 -16.95
C PRO A 12 -23.74 10.43 -15.46
N GLY A 13 -22.60 10.21 -14.82
CA GLY A 13 -22.48 10.49 -13.40
C GLY A 13 -21.04 10.36 -12.91
N GLU A 14 -20.75 11.01 -11.78
CA GLU A 14 -19.40 10.97 -11.21
C GLU A 14 -19.34 9.96 -10.06
N GLY A 15 -18.17 9.36 -9.87
CA GLY A 15 -17.99 8.39 -8.81
C GLY A 15 -17.01 7.29 -9.19
N ALA A 16 -15.76 7.68 -9.41
CA ALA A 16 -14.72 6.73 -9.77
C ALA A 16 -14.74 5.51 -8.84
N PRO A 17 -14.44 4.33 -9.41
CA PRO A 17 -14.42 3.08 -8.64
C PRO A 17 -13.15 2.93 -7.80
N LEU A 18 -13.33 2.86 -6.49
CA LEU A 18 -12.22 2.72 -5.56
C LEU A 18 -12.24 1.36 -4.87
N ALA A 19 -11.13 1.01 -4.24
CA ALA A 19 -11.03 -0.27 -3.53
C ALA A 19 -10.23 -0.12 -2.25
N ALA A 20 -10.24 -1.16 -1.42
CA ALA A 20 -9.52 -1.15 -0.15
C ALA A 20 -8.31 -2.07 -0.20
N ASP A 21 -7.58 -2.01 -1.31
CA ASP A 21 -6.39 -2.84 -1.49
C ASP A 21 -5.13 -1.99 -1.57
N VAL A 22 -4.04 -2.49 -0.97
CA VAL A 22 -2.78 -1.77 -0.96
C VAL A 22 -1.66 -2.62 -1.56
N TYR A 23 -0.97 -2.05 -2.55
CA TYR A 23 0.13 -2.76 -3.20
C TYR A 23 1.47 -2.38 -2.58
N VAL A 24 2.23 -3.40 -2.18
CA VAL A 24 3.54 -3.18 -1.58
C VAL A 24 4.64 -3.91 -2.35
N GLY A 25 5.47 -3.16 -3.06
CA GLY A 25 6.55 -3.75 -3.83
C GLY A 25 7.90 -3.18 -3.46
N ASN A 26 8.91 -3.49 -4.28
CA ASN A 26 10.26 -3.00 -4.04
C ASN A 26 10.83 -3.59 -2.76
N LEU A 27 10.72 -4.91 -2.62
CA LEU A 27 11.23 -5.60 -1.43
C LEU A 27 12.69 -6.03 -1.64
N PRO A 28 13.46 -6.03 -0.53
CA PRO A 28 14.87 -6.42 -0.56
C PRO A 28 15.10 -7.69 -1.38
N ARG A 29 16.38 -8.03 -1.58
CA ARG A 29 16.73 -9.22 -2.33
C ARG A 29 16.43 -10.48 -1.54
N ASP A 30 16.66 -10.43 -0.24
CA ASP A 30 16.41 -11.57 0.63
C ASP A 30 15.46 -11.20 1.77
N ALA A 31 14.48 -10.36 1.45
CA ALA A 31 13.50 -9.92 2.45
C ALA A 31 12.52 -11.04 2.78
N ARG A 32 12.17 -11.14 4.06
CA ARG A 32 11.25 -12.17 4.52
C ARG A 32 9.88 -11.58 4.85
N VAL A 33 8.83 -12.23 4.37
CA VAL A 33 7.47 -11.75 4.62
C VAL A 33 7.30 -11.29 6.06
N SER A 34 7.97 -11.96 6.98
CA SER A 34 7.90 -11.61 8.39
C SER A 34 8.35 -10.18 8.62
N ASP A 35 9.59 -9.89 8.24
CA ASP A 35 10.15 -8.56 8.40
C ASP A 35 9.11 -7.49 8.10
N LEU A 36 8.53 -7.56 6.91
CA LEU A 36 7.52 -6.60 6.49
C LEU A 36 6.32 -6.61 7.44
N LYS A 37 5.84 -7.81 7.75
CA LYS A 37 4.70 -7.95 8.65
C LYS A 37 4.94 -7.21 9.96
N ARG A 38 6.00 -7.59 10.66
CA ARG A 38 6.35 -6.95 11.92
C ARG A 38 6.03 -5.46 11.90
N ALA A 39 6.65 -4.74 10.96
CA ALA A 39 6.43 -3.31 10.82
C ALA A 39 4.93 -2.99 10.76
N LEU A 40 4.18 -3.82 10.05
CA LEU A 40 2.75 -3.63 9.91
C LEU A 40 2.03 -3.85 11.24
N ARG A 41 2.55 -4.80 12.03
CA ARG A 41 1.96 -5.11 13.32
C ARG A 41 2.12 -3.95 14.29
N GLU A 42 3.36 -3.53 14.51
CA GLU A 42 3.65 -2.43 15.41
C GLU A 42 2.95 -1.15 14.94
N LEU A 43 2.83 -0.99 13.63
CA LEU A 43 2.19 0.18 13.06
C LEU A 43 0.67 -0.01 13.00
N GLY A 44 0.16 -0.95 13.78
CA GLY A 44 -1.26 -1.20 13.81
C GLY A 44 -1.85 -1.34 12.42
N SER A 45 -1.00 -1.64 11.44
CA SER A 45 -1.44 -1.79 10.06
C SER A 45 -1.58 -3.26 9.70
N VAL A 46 -2.38 -3.98 10.49
CA VAL A 46 -2.62 -5.40 10.25
C VAL A 46 -3.94 -5.63 9.54
N PRO A 47 -3.89 -5.91 8.23
CA PRO A 47 -5.08 -6.16 7.42
C PRO A 47 -5.67 -7.54 7.66
N LEU A 48 -6.95 -7.70 7.31
CA LEU A 48 -7.63 -8.98 7.49
C LEU A 48 -6.83 -10.12 6.86
N ARG A 49 -6.34 -9.89 5.65
CA ARG A 49 -5.56 -10.89 4.93
C ARG A 49 -4.34 -10.27 4.27
N LEU A 50 -3.31 -11.08 4.03
CA LEU A 50 -2.10 -10.61 3.39
C LEU A 50 -1.52 -11.66 2.46
N THR A 51 -1.29 -11.27 1.21
CA THR A 51 -0.75 -12.18 0.21
C THR A 51 0.66 -11.77 -0.20
N TRP A 52 1.66 -12.39 0.42
CA TRP A 52 3.05 -12.09 0.11
C TRP A 52 3.64 -13.14 -0.83
N GLN A 53 4.49 -12.69 -1.75
CA GLN A 53 5.13 -13.59 -2.70
C GLN A 53 6.63 -13.31 -2.80
N GLY A 54 7.42 -14.37 -2.83
CA GLY A 54 8.86 -14.23 -2.91
C GLY A 54 9.32 -13.91 -4.32
N PRO A 55 9.27 -14.91 -5.21
CA PRO A 55 9.68 -14.76 -6.61
C PRO A 55 9.14 -13.48 -7.23
N ARG A 56 8.09 -12.93 -6.63
CA ARG A 56 7.48 -11.71 -7.13
C ARG A 56 8.07 -10.48 -6.44
N ARG A 57 8.49 -10.66 -5.19
CA ARG A 57 9.06 -9.57 -4.41
C ARG A 57 8.03 -8.48 -4.14
N ARG A 58 6.77 -8.91 -3.95
CA ARG A 58 5.69 -7.98 -3.67
C ARG A 58 4.58 -8.67 -2.87
N ALA A 59 3.78 -7.87 -2.17
CA ALA A 59 2.69 -8.38 -1.37
C ALA A 59 1.42 -7.56 -1.55
N PHE A 60 0.29 -8.09 -1.12
CA PHE A 60 -0.99 -7.40 -1.23
C PHE A 60 -1.71 -7.36 0.11
N LEU A 61 -2.13 -6.18 0.52
CA LEU A 61 -2.83 -6.01 1.79
C LEU A 61 -4.33 -5.84 1.56
N HIS A 62 -5.13 -6.62 2.29
CA HIS A 62 -6.58 -6.56 2.17
C HIS A 62 -7.20 -5.97 3.42
N TYR A 63 -7.75 -4.77 3.29
CA TYR A 63 -8.37 -4.09 4.42
C TYR A 63 -9.90 -4.12 4.30
N PRO A 64 -10.58 -4.07 5.45
CA PRO A 64 -12.05 -4.09 5.49
C PRO A 64 -12.68 -3.13 4.48
N ASP A 65 -12.42 -1.85 4.65
CA ASP A 65 -12.96 -0.83 3.75
C ASP A 65 -11.84 0.04 3.17
N SER A 66 -12.18 0.89 2.21
CA SER A 66 -11.21 1.77 1.59
C SER A 66 -10.48 2.60 2.64
N ALA A 67 -11.23 3.32 3.46
CA ALA A 67 -10.66 4.15 4.51
C ALA A 67 -9.53 3.42 5.23
N ALA A 68 -9.88 2.34 5.92
CA ALA A 68 -8.90 1.55 6.64
C ALA A 68 -7.59 1.44 5.88
N ALA A 69 -7.69 1.08 4.60
CA ALA A 69 -6.51 0.96 3.75
C ALA A 69 -5.82 2.29 3.55
N GLN A 70 -6.60 3.30 3.16
CA GLN A 70 -6.05 4.63 2.93
C GLN A 70 -5.20 5.08 4.10
N GLN A 71 -5.83 5.20 5.27
CA GLN A 71 -5.12 5.63 6.47
C GLN A 71 -3.75 4.96 6.56
N ALA A 72 -3.75 3.63 6.57
CA ALA A 72 -2.50 2.87 6.65
C ALA A 72 -1.45 3.45 5.71
N VAL A 73 -1.74 3.45 4.42
CA VAL A 73 -0.82 3.97 3.43
C VAL A 73 -0.01 5.14 3.99
N SER A 74 -0.69 6.24 4.26
CA SER A 74 -0.04 7.43 4.80
C SER A 74 1.08 7.05 5.77
N CYS A 75 0.75 6.20 6.73
CA CYS A 75 1.73 5.74 7.71
C CYS A 75 2.80 4.88 7.07
N LEU A 76 2.37 3.84 6.35
CA LEU A 76 3.29 2.93 5.69
C LEU A 76 4.38 3.71 4.94
N GLN A 77 3.96 4.72 4.19
CA GLN A 77 4.89 5.55 3.42
C GLN A 77 6.11 5.92 4.27
N GLY A 78 7.20 6.28 3.61
CA GLY A 78 8.41 6.65 4.31
C GLY A 78 9.17 5.45 4.84
N LEU A 79 8.45 4.55 5.51
CA LEU A 79 9.06 3.35 6.06
C LEU A 79 9.93 2.65 5.02
N ARG A 80 11.21 2.47 5.33
CA ARG A 80 12.14 1.82 4.43
C ARG A 80 12.90 0.71 5.14
N LEU A 81 13.11 -0.41 4.45
CA LEU A 81 13.83 -1.54 5.02
C LEU A 81 15.30 -1.51 4.63
N GLY A 82 16.15 -1.98 5.53
CA GLY A 82 17.58 -1.99 5.26
C GLY A 82 18.04 -0.77 4.49
N THR A 83 18.31 -0.96 3.20
CA THR A 83 18.76 0.14 2.35
C THR A 83 17.94 0.21 1.06
N ASP A 84 16.64 -0.03 1.18
CA ASP A 84 15.75 0.00 0.03
C ASP A 84 14.33 0.36 0.44
N THR A 85 13.86 1.53 -0.01
CA THR A 85 12.52 1.99 0.31
C THR A 85 11.46 1.18 -0.42
N LEU A 86 10.47 0.69 0.31
CA LEU A 86 9.39 -0.09 -0.27
C LEU A 86 8.44 0.78 -1.09
N ARG A 87 7.98 0.26 -2.21
CA ARG A 87 7.07 1.00 -3.08
C ARG A 87 5.62 0.76 -2.68
N VAL A 88 5.17 1.47 -1.64
CA VAL A 88 3.80 1.33 -1.16
C VAL A 88 2.85 2.27 -1.90
N ALA A 89 1.81 1.71 -2.47
CA ALA A 89 0.82 2.50 -3.21
C ALA A 89 -0.47 1.72 -3.42
N LEU A 90 -1.59 2.38 -3.17
CA LEU A 90 -2.90 1.74 -3.33
C LEU A 90 -2.95 0.91 -4.60
N ALA A 91 -3.61 -0.24 -4.53
CA ALA A 91 -3.74 -1.13 -5.68
C ALA A 91 -4.99 -0.80 -6.50
N ARG A 92 -4.83 0.03 -7.51
CA ARG A 92 -5.94 0.41 -8.37
C ARG A 92 -5.70 0.01 -9.81
N GLN A 93 -6.11 -1.21 -10.15
CA GLN A 93 -5.94 -1.73 -11.50
C GLN A 93 -6.83 -1.00 -12.49
N GLN A 94 -6.35 -0.85 -13.72
CA GLN A 94 -7.11 -0.15 -14.75
C GLN A 94 -8.38 -0.92 -15.10
N ARG A 95 -9.35 -0.22 -15.68
CA ARG A 95 -10.61 -0.83 -16.06
C ARG A 95 -11.13 -0.25 -17.38
N ASP A 96 -11.60 -1.13 -18.26
CA ASP A 96 -12.12 -0.71 -19.55
C ASP A 96 -13.52 -1.25 -19.77
N LYS A 97 -14.20 -0.73 -20.80
CA LYS A 97 -15.55 -1.16 -21.12
C LYS A 97 -15.56 -2.10 -22.32
N GLY A 1 -7.09 21.14 -4.66
CA GLY A 1 -8.06 20.26 -5.28
C GLY A 1 -9.18 19.86 -4.33
N SER A 2 -9.03 18.72 -3.69
CA SER A 2 -10.04 18.22 -2.76
C SER A 2 -11.44 18.49 -3.28
N SER A 3 -11.65 18.26 -4.57
CA SER A 3 -12.94 18.49 -5.19
C SER A 3 -13.61 17.16 -5.55
N GLY A 4 -14.90 17.08 -5.29
CA GLY A 4 -15.64 15.86 -5.59
C GLY A 4 -17.00 16.14 -6.21
N SER A 5 -17.63 15.10 -6.75
CA SER A 5 -18.95 15.24 -7.37
C SER A 5 -19.72 13.93 -7.31
N SER A 6 -20.98 13.98 -7.74
CA SER A 6 -21.83 12.79 -7.72
C SER A 6 -23.10 13.04 -8.53
N GLY A 7 -23.80 11.95 -8.86
CA GLY A 7 -25.02 12.07 -9.63
C GLY A 7 -26.04 11.00 -9.26
N PRO A 8 -27.33 11.36 -9.34
CA PRO A 8 -28.43 10.44 -9.01
C PRO A 8 -28.68 9.42 -10.11
N GLY A 9 -29.19 8.25 -9.72
CA GLY A 9 -29.46 7.20 -10.69
C GLY A 9 -28.27 6.30 -10.92
N SER A 10 -28.32 5.52 -12.00
CA SER A 10 -27.25 4.61 -12.34
C SER A 10 -26.46 5.11 -13.54
N PRO A 11 -25.38 5.86 -13.28
CA PRO A 11 -24.53 6.41 -14.33
C PRO A 11 -23.62 5.36 -14.96
N PRO A 12 -23.89 5.02 -16.24
CA PRO A 12 -23.12 4.03 -16.98
C PRO A 12 -21.76 4.57 -17.42
N GLY A 13 -21.53 5.86 -17.19
CA GLY A 13 -20.27 6.47 -17.56
C GLY A 13 -19.25 6.44 -16.44
N GLU A 14 -19.40 7.35 -15.48
CA GLU A 14 -18.48 7.42 -14.35
C GLU A 14 -18.90 6.46 -13.24
N GLY A 15 -17.95 6.05 -12.42
CA GLY A 15 -18.24 5.14 -11.33
C GLY A 15 -17.17 4.07 -11.17
N ALA A 16 -16.49 4.10 -10.03
CA ALA A 16 -15.44 3.12 -9.76
C ALA A 16 -15.81 2.24 -8.58
N PRO A 17 -15.28 1.01 -8.56
CA PRO A 17 -15.54 0.04 -7.50
C PRO A 17 -14.74 0.34 -6.23
N LEU A 18 -15.07 -0.35 -5.15
CA LEU A 18 -14.38 -0.16 -3.88
C LEU A 18 -13.16 -1.07 -3.76
N ALA A 19 -12.00 -0.53 -4.11
CA ALA A 19 -10.75 -1.29 -4.05
C ALA A 19 -10.00 -1.00 -2.76
N ALA A 20 -10.35 -1.69 -1.68
CA ALA A 20 -9.71 -1.50 -0.39
C ALA A 20 -8.44 -2.35 -0.29
N ASP A 21 -7.71 -2.44 -1.40
CA ASP A 21 -6.47 -3.22 -1.43
C ASP A 21 -5.27 -2.31 -1.66
N VAL A 22 -4.22 -2.51 -0.87
CA VAL A 22 -3.01 -1.71 -1.00
C VAL A 22 -1.88 -2.52 -1.64
N TYR A 23 -1.07 -1.84 -2.45
CA TYR A 23 0.04 -2.49 -3.13
C TYR A 23 1.36 -2.23 -2.40
N VAL A 24 2.09 -3.30 -2.12
CA VAL A 24 3.37 -3.18 -1.41
C VAL A 24 4.44 -4.02 -2.10
N GLY A 25 5.23 -3.38 -2.94
CA GLY A 25 6.29 -4.09 -3.65
C GLY A 25 7.66 -3.51 -3.37
N ASN A 26 8.65 -3.90 -4.18
CA ASN A 26 10.01 -3.40 -4.01
C ASN A 26 10.66 -4.02 -2.79
N LEU A 27 10.33 -5.28 -2.50
CA LEU A 27 10.88 -5.98 -1.36
C LEU A 27 12.34 -6.36 -1.60
N PRO A 28 13.16 -6.30 -0.54
CA PRO A 28 14.58 -6.63 -0.61
C PRO A 28 14.83 -7.92 -1.39
N ARG A 29 16.10 -8.15 -1.74
CA ARG A 29 16.48 -9.34 -2.49
C ARG A 29 16.07 -10.61 -1.73
N ASP A 30 16.41 -10.66 -0.46
CA ASP A 30 16.09 -11.81 0.38
C ASP A 30 15.26 -11.39 1.59
N ALA A 31 14.27 -10.54 1.37
CA ALA A 31 13.42 -10.06 2.44
C ALA A 31 12.56 -11.18 3.00
N ARG A 32 12.38 -11.19 4.32
CA ARG A 32 11.58 -12.21 4.98
C ARG A 32 10.21 -11.66 5.38
N VAL A 33 9.16 -12.32 4.95
CA VAL A 33 7.80 -11.89 5.27
C VAL A 33 7.69 -11.45 6.73
N SER A 34 8.44 -12.13 7.59
CA SER A 34 8.42 -11.80 9.02
C SER A 34 8.92 -10.38 9.26
N ASP A 35 9.99 -10.01 8.57
CA ASP A 35 10.57 -8.68 8.70
C ASP A 35 9.54 -7.60 8.38
N LEU A 36 8.92 -7.72 7.22
CA LEU A 36 7.91 -6.76 6.80
C LEU A 36 6.77 -6.68 7.81
N LYS A 37 6.04 -7.78 7.96
CA LYS A 37 4.92 -7.84 8.88
C LYS A 37 5.30 -7.22 10.23
N ARG A 38 6.42 -7.64 10.78
CA ARG A 38 6.89 -7.13 12.06
C ARG A 38 6.58 -5.64 12.18
N ALA A 39 6.99 -4.86 11.19
CA ALA A 39 6.75 -3.42 11.19
C ALA A 39 5.26 -3.11 11.28
N LEU A 40 4.51 -3.56 10.29
CA LEU A 40 3.07 -3.34 10.27
C LEU A 40 2.43 -3.63 11.62
N ARG A 41 2.84 -4.75 12.22
CA ARG A 41 2.32 -5.16 13.52
C ARG A 41 2.49 -4.03 14.54
N GLU A 42 3.62 -3.34 14.45
CA GLU A 42 3.92 -2.25 15.38
C GLU A 42 3.27 -0.95 14.91
N LEU A 43 3.13 -0.81 13.60
CA LEU A 43 2.52 0.39 13.03
C LEU A 43 1.00 0.25 12.95
N GLY A 44 0.45 -0.61 13.81
CA GLY A 44 -0.98 -0.82 13.82
C GLY A 44 -1.56 -0.97 12.43
N SER A 45 -0.72 -1.36 11.48
CA SER A 45 -1.16 -1.53 10.10
C SER A 45 -1.38 -3.01 9.78
N VAL A 46 -2.22 -3.66 10.59
CA VAL A 46 -2.51 -5.07 10.39
C VAL A 46 -3.86 -5.26 9.69
N PRO A 47 -3.81 -5.56 8.38
CA PRO A 47 -5.00 -5.77 7.57
C PRO A 47 -5.66 -7.11 7.85
N LEU A 48 -6.66 -7.46 7.05
CA LEU A 48 -7.38 -8.72 7.20
C LEU A 48 -6.65 -9.87 6.51
N ARG A 49 -6.09 -9.57 5.34
CA ARG A 49 -5.36 -10.57 4.57
C ARG A 49 -4.07 -9.98 3.99
N LEU A 50 -3.06 -10.83 3.82
CA LEU A 50 -1.78 -10.40 3.29
C LEU A 50 -1.18 -11.46 2.38
N THR A 51 -1.17 -11.19 1.08
CA THR A 51 -0.62 -12.12 0.10
C THR A 51 0.81 -11.76 -0.27
N TRP A 52 1.76 -12.52 0.27
CA TRP A 52 3.17 -12.27 0.01
C TRP A 52 3.67 -13.16 -1.12
N GLN A 53 4.61 -12.65 -1.91
CA GLN A 53 5.17 -13.40 -3.02
C GLN A 53 6.70 -13.41 -2.97
N GLY A 54 7.30 -14.46 -3.52
CA GLY A 54 8.75 -14.57 -3.52
C GLY A 54 9.37 -13.97 -4.77
N PRO A 55 9.46 -14.78 -5.83
CA PRO A 55 10.04 -14.34 -7.11
C PRO A 55 9.48 -13.01 -7.58
N ARG A 56 8.23 -12.73 -7.21
CA ARG A 56 7.57 -11.49 -7.58
C ARG A 56 7.90 -10.38 -6.60
N ARG A 57 8.32 -10.77 -5.39
CA ARG A 57 8.65 -9.80 -4.36
C ARG A 57 7.55 -8.74 -4.21
N ARG A 58 6.31 -9.20 -4.14
CA ARG A 58 5.17 -8.29 -4.01
C ARG A 58 4.27 -8.71 -2.84
N ALA A 59 3.63 -7.73 -2.23
CA ALA A 59 2.73 -7.99 -1.10
C ALA A 59 1.43 -7.21 -1.23
N PHE A 60 0.32 -7.93 -1.20
CA PHE A 60 -0.99 -7.29 -1.31
C PHE A 60 -1.73 -7.33 0.02
N LEU A 61 -2.32 -6.20 0.39
CA LEU A 61 -3.06 -6.09 1.65
C LEU A 61 -4.54 -5.83 1.39
N HIS A 62 -5.39 -6.63 2.02
CA HIS A 62 -6.83 -6.50 1.86
C HIS A 62 -7.46 -5.88 3.10
N TYR A 63 -7.82 -4.61 3.02
CA TYR A 63 -8.44 -3.90 4.14
C TYR A 63 -9.96 -3.96 4.06
N PRO A 64 -10.61 -3.89 5.23
CA PRO A 64 -12.08 -3.92 5.32
C PRO A 64 -12.74 -3.01 4.28
N ASP A 65 -12.51 -1.71 4.42
CA ASP A 65 -13.09 -0.73 3.50
C ASP A 65 -12.00 0.15 2.89
N SER A 66 -12.34 0.81 1.79
CA SER A 66 -11.39 1.68 1.10
C SER A 66 -10.67 2.59 2.10
N ALA A 67 -11.43 3.22 2.97
CA ALA A 67 -10.87 4.11 3.98
C ALA A 67 -9.74 3.43 4.75
N ALA A 68 -10.05 2.34 5.43
CA ALA A 68 -9.06 1.60 6.19
C ALA A 68 -7.73 1.53 5.45
N ALA A 69 -7.80 1.24 4.16
CA ALA A 69 -6.60 1.15 3.34
C ALA A 69 -5.86 2.48 3.28
N GLN A 70 -6.60 3.55 3.01
CA GLN A 70 -6.02 4.89 2.93
C GLN A 70 -5.30 5.25 4.23
N GLN A 71 -6.01 5.10 5.35
CA GLN A 71 -5.43 5.41 6.65
C GLN A 71 -4.08 4.74 6.83
N ALA A 72 -4.04 3.44 6.61
CA ALA A 72 -2.80 2.67 6.73
C ALA A 72 -1.72 3.22 5.81
N VAL A 73 -2.05 3.37 4.54
CA VAL A 73 -1.11 3.89 3.55
C VAL A 73 -0.30 5.06 4.12
N SER A 74 -0.99 6.13 4.49
CA SER A 74 -0.35 7.31 5.04
C SER A 74 0.72 6.91 6.06
N CYS A 75 0.41 5.91 6.87
CA CYS A 75 1.34 5.44 7.90
C CYS A 75 2.49 4.67 7.26
N LEU A 76 2.16 3.72 6.39
CA LEU A 76 3.18 2.91 5.72
C LEU A 76 4.23 3.79 5.06
N GLN A 77 3.76 4.82 4.35
CA GLN A 77 4.67 5.74 3.67
C GLN A 77 5.94 5.97 4.48
N GLY A 78 7.02 6.27 3.79
CA GLY A 78 8.29 6.51 4.47
C GLY A 78 8.97 5.22 4.90
N LEU A 79 8.22 4.35 5.57
CA LEU A 79 8.74 3.07 6.04
C LEU A 79 9.63 2.43 4.99
N ARG A 80 10.80 1.94 5.42
CA ARG A 80 11.73 1.31 4.50
C ARG A 80 12.67 0.37 5.26
N LEU A 81 13.10 -0.70 4.59
CA LEU A 81 13.98 -1.68 5.20
C LEU A 81 15.42 -1.51 4.68
N GLY A 82 16.38 -1.92 5.49
CA GLY A 82 17.77 -1.80 5.11
C GLY A 82 18.05 -0.55 4.30
N THR A 83 18.70 -0.72 3.16
CA THR A 83 19.03 0.41 2.30
C THR A 83 18.13 0.45 1.07
N ASP A 84 16.85 0.13 1.27
CA ASP A 84 15.88 0.14 0.19
C ASP A 84 14.52 0.64 0.68
N THR A 85 13.94 1.57 -0.08
CA THR A 85 12.64 2.14 0.28
C THR A 85 11.51 1.42 -0.44
N LEU A 86 10.84 0.52 0.27
CA LEU A 86 9.74 -0.25 -0.30
C LEU A 86 8.80 0.66 -1.09
N ARG A 87 8.01 0.06 -1.98
CA ARG A 87 7.08 0.82 -2.80
C ARG A 87 5.64 0.56 -2.34
N VAL A 88 5.11 1.48 -1.53
CA VAL A 88 3.75 1.36 -1.02
C VAL A 88 2.82 2.34 -1.72
N ALA A 89 1.73 1.82 -2.29
CA ALA A 89 0.77 2.67 -2.98
C ALA A 89 -0.57 1.94 -3.15
N LEU A 90 -1.65 2.70 -3.18
CA LEU A 90 -2.99 2.13 -3.33
C LEU A 90 -3.11 1.39 -4.66
N ALA A 91 -3.81 0.26 -4.63
CA ALA A 91 -4.00 -0.55 -5.83
C ALA A 91 -5.19 -0.04 -6.65
N ARG A 92 -5.28 1.28 -6.79
CA ARG A 92 -6.37 1.89 -7.54
C ARG A 92 -6.01 2.02 -9.02
N GLN A 93 -4.78 2.46 -9.29
CA GLN A 93 -4.32 2.62 -10.66
C GLN A 93 -3.67 1.34 -11.18
N GLN A 94 -4.28 0.20 -10.84
CA GLN A 94 -3.76 -1.10 -11.26
C GLN A 94 -3.96 -1.30 -12.76
N ARG A 95 -3.02 -2.00 -13.39
CA ARG A 95 -3.09 -2.26 -14.82
C ARG A 95 -3.10 -3.76 -15.10
N ASP A 96 -4.18 -4.24 -15.71
CA ASP A 96 -4.32 -5.65 -16.04
C ASP A 96 -3.32 -6.06 -17.12
N LYS A 97 -2.27 -6.76 -16.71
CA LYS A 97 -1.24 -7.22 -17.64
C LYS A 97 -1.83 -8.16 -18.68
N GLY A 1 0.64 36.67 -25.35
CA GLY A 1 0.32 36.33 -23.98
C GLY A 1 -0.69 35.20 -23.88
N SER A 2 -0.50 34.32 -22.90
CA SER A 2 -1.39 33.19 -22.71
C SER A 2 -2.56 33.56 -21.80
N SER A 3 -3.66 32.82 -21.92
CA SER A 3 -4.85 33.08 -21.12
C SER A 3 -5.66 31.79 -20.93
N GLY A 4 -6.34 31.70 -19.79
CA GLY A 4 -7.15 30.53 -19.50
C GLY A 4 -7.56 30.47 -18.05
N SER A 5 -8.42 29.50 -17.73
CA SER A 5 -8.90 29.33 -16.36
C SER A 5 -9.02 27.85 -16.01
N SER A 6 -8.95 27.55 -14.71
CA SER A 6 -9.05 26.17 -14.24
C SER A 6 -9.50 26.13 -12.78
N GLY A 7 -10.27 25.10 -12.43
CA GLY A 7 -10.76 24.96 -11.08
C GLY A 7 -11.92 23.99 -10.98
N PRO A 8 -12.77 24.18 -9.96
CA PRO A 8 -13.93 23.32 -9.73
C PRO A 8 -14.71 23.05 -11.02
N GLY A 9 -15.19 21.81 -11.16
CA GLY A 9 -15.94 21.45 -12.35
C GLY A 9 -17.14 20.57 -12.02
N SER A 10 -17.52 19.71 -12.96
CA SER A 10 -18.66 18.82 -12.77
C SER A 10 -18.35 17.76 -11.72
N PRO A 11 -19.37 17.41 -10.92
CA PRO A 11 -19.24 16.41 -9.86
C PRO A 11 -19.29 14.98 -10.41
N PRO A 12 -18.56 14.08 -9.74
CA PRO A 12 -18.51 12.66 -10.14
C PRO A 12 -19.75 11.89 -9.71
N GLY A 13 -20.43 11.29 -10.69
CA GLY A 13 -21.63 10.53 -10.40
C GLY A 13 -21.75 9.28 -11.24
N GLU A 14 -20.71 8.44 -11.20
CA GLU A 14 -20.70 7.21 -11.98
C GLU A 14 -20.50 6.00 -11.06
N GLY A 15 -21.47 5.08 -11.11
CA GLY A 15 -21.38 3.88 -10.28
C GLY A 15 -20.09 3.12 -10.50
N ALA A 16 -19.23 3.11 -9.49
CA ALA A 16 -17.96 2.40 -9.58
C ALA A 16 -17.63 1.68 -8.28
N PRO A 17 -17.01 0.50 -8.39
CA PRO A 17 -16.63 -0.30 -7.22
C PRO A 17 -15.37 0.21 -6.54
N LEU A 18 -15.24 -0.07 -5.26
CA LEU A 18 -14.08 0.38 -4.48
C LEU A 18 -13.30 -0.81 -3.96
N ALA A 19 -11.99 -0.63 -3.80
CA ALA A 19 -11.12 -1.69 -3.30
C ALA A 19 -10.19 -1.17 -2.21
N ALA A 20 -9.90 -2.02 -1.22
CA ALA A 20 -9.02 -1.64 -0.12
C ALA A 20 -7.77 -2.51 -0.10
N ASP A 21 -7.15 -2.68 -1.26
CA ASP A 21 -5.94 -3.49 -1.37
C ASP A 21 -4.72 -2.60 -1.66
N VAL A 22 -3.73 -2.69 -0.79
CA VAL A 22 -2.50 -1.91 -0.95
C VAL A 22 -1.38 -2.75 -1.56
N TYR A 23 -0.78 -2.24 -2.62
CA TYR A 23 0.31 -2.94 -3.30
C TYR A 23 1.65 -2.55 -2.71
N VAL A 24 2.49 -3.55 -2.43
CA VAL A 24 3.81 -3.31 -1.86
C VAL A 24 4.87 -4.12 -2.59
N GLY A 25 5.73 -3.44 -3.34
CA GLY A 25 6.78 -4.12 -4.07
C GLY A 25 8.16 -3.58 -3.74
N ASN A 26 9.13 -3.87 -4.60
CA ASN A 26 10.49 -3.42 -4.40
C ASN A 26 11.10 -4.06 -3.16
N LEU A 27 10.73 -5.32 -2.90
CA LEU A 27 11.24 -6.04 -1.74
C LEU A 27 12.67 -6.53 -1.99
N PRO A 28 13.48 -6.51 -0.93
CA PRO A 28 14.88 -6.95 -1.00
C PRO A 28 15.04 -8.28 -1.75
N ARG A 29 16.29 -8.67 -1.99
CA ARG A 29 16.56 -9.92 -2.70
C ARG A 29 16.17 -11.13 -1.85
N ASP A 30 16.56 -11.10 -0.58
CA ASP A 30 16.24 -12.19 0.33
C ASP A 30 15.46 -11.70 1.54
N ALA A 31 14.46 -10.86 1.28
CA ALA A 31 13.63 -10.30 2.34
C ALA A 31 12.79 -11.39 3.00
N ARG A 32 12.23 -11.07 4.17
CA ARG A 32 11.40 -12.02 4.90
C ARG A 32 9.98 -11.49 5.07
N VAL A 33 8.99 -12.36 4.85
CA VAL A 33 7.59 -11.97 4.98
C VAL A 33 7.31 -11.41 6.37
N SER A 34 8.13 -11.78 7.34
CA SER A 34 7.96 -11.33 8.71
C SER A 34 8.43 -9.88 8.86
N ASP A 35 9.65 -9.61 8.40
CA ASP A 35 10.22 -8.27 8.48
C ASP A 35 9.16 -7.21 8.15
N LEU A 36 8.42 -7.45 7.08
CA LEU A 36 7.38 -6.52 6.64
C LEU A 36 6.22 -6.50 7.64
N LYS A 37 5.78 -7.68 8.04
CA LYS A 37 4.67 -7.81 9.00
C LYS A 37 4.99 -7.04 10.28
N ARG A 38 6.05 -7.44 10.96
CA ARG A 38 6.46 -6.80 12.20
C ARG A 38 6.17 -5.30 12.16
N ALA A 39 6.55 -4.66 11.06
CA ALA A 39 6.33 -3.23 10.89
C ALA A 39 4.85 -2.91 10.88
N LEU A 40 4.08 -3.67 10.10
CA LEU A 40 2.64 -3.46 10.01
C LEU A 40 1.97 -3.65 11.36
N ARG A 41 2.37 -4.69 12.08
CA ARG A 41 1.81 -4.98 13.40
C ARG A 41 2.10 -3.85 14.37
N GLU A 42 3.29 -3.28 14.28
CA GLU A 42 3.68 -2.19 15.16
C GLU A 42 2.95 -0.91 14.79
N LEU A 43 2.58 -0.78 13.53
CA LEU A 43 1.87 0.40 13.05
C LEU A 43 0.37 0.14 12.98
N GLY A 44 -0.10 -0.80 13.80
CA GLY A 44 -1.51 -1.13 13.80
C GLY A 44 -2.11 -1.20 12.41
N SER A 45 -1.27 -1.51 11.43
CA SER A 45 -1.71 -1.61 10.04
C SER A 45 -1.88 -3.06 9.63
N VAL A 46 -2.57 -3.83 10.47
CA VAL A 46 -2.81 -5.25 10.19
C VAL A 46 -4.19 -5.47 9.57
N PRO A 47 -4.21 -5.72 8.26
CA PRO A 47 -5.47 -5.95 7.53
C PRO A 47 -6.06 -7.32 7.81
N LEU A 48 -7.19 -7.62 7.17
CA LEU A 48 -7.85 -8.90 7.35
C LEU A 48 -7.03 -10.04 6.75
N ARG A 49 -6.48 -9.80 5.57
CA ARG A 49 -5.66 -10.80 4.89
C ARG A 49 -4.48 -10.15 4.18
N LEU A 50 -3.36 -10.87 4.14
CA LEU A 50 -2.15 -10.36 3.49
C LEU A 50 -1.51 -11.44 2.62
N THR A 51 -1.43 -11.17 1.33
CA THR A 51 -0.83 -12.10 0.38
C THR A 51 0.59 -11.67 -0.01
N TRP A 52 1.55 -12.54 0.25
CA TRP A 52 2.94 -12.25 -0.08
C TRP A 52 3.48 -13.26 -1.08
N GLN A 53 4.34 -12.78 -1.99
CA GLN A 53 4.93 -13.64 -3.00
C GLN A 53 6.45 -13.46 -3.06
N GLY A 54 7.15 -14.54 -3.40
CA GLY A 54 8.60 -14.48 -3.48
C GLY A 54 9.09 -14.06 -4.85
N PRO A 55 9.04 -15.00 -5.81
CA PRO A 55 9.49 -14.75 -7.19
C PRO A 55 8.95 -13.43 -7.74
N ARG A 56 7.83 -12.98 -7.18
CA ARG A 56 7.22 -11.73 -7.62
C ARG A 56 7.77 -10.55 -6.84
N ARG A 57 8.22 -10.81 -5.61
CA ARG A 57 8.77 -9.78 -4.76
C ARG A 57 7.74 -8.67 -4.52
N ARG A 58 6.50 -9.06 -4.28
CA ARG A 58 5.43 -8.10 -4.03
C ARG A 58 4.42 -8.65 -3.03
N ALA A 59 3.72 -7.76 -2.35
CA ALA A 59 2.72 -8.15 -1.36
C ALA A 59 1.41 -7.39 -1.56
N PHE A 60 0.35 -7.88 -0.91
CA PHE A 60 -0.95 -7.24 -1.02
C PHE A 60 -1.65 -7.19 0.34
N LEU A 61 -2.08 -6.00 0.74
CA LEU A 61 -2.76 -5.82 2.01
C LEU A 61 -4.26 -5.60 1.81
N HIS A 62 -5.05 -6.63 2.08
CA HIS A 62 -6.49 -6.55 1.93
C HIS A 62 -7.14 -6.00 3.20
N TYR A 63 -7.40 -4.69 3.20
CA TYR A 63 -8.02 -4.03 4.35
C TYR A 63 -9.53 -4.08 4.25
N PRO A 64 -10.20 -3.97 5.41
CA PRO A 64 -11.67 -3.99 5.48
C PRO A 64 -12.31 -3.09 4.43
N ASP A 65 -12.06 -1.79 4.53
CA ASP A 65 -12.62 -0.83 3.58
C ASP A 65 -11.54 0.14 3.10
N SER A 66 -11.89 0.95 2.12
CA SER A 66 -10.95 1.92 1.55
C SER A 66 -10.34 2.78 2.66
N ALA A 67 -11.19 3.29 3.55
CA ALA A 67 -10.74 4.13 4.64
C ALA A 67 -9.58 3.47 5.39
N ALA A 68 -9.80 2.27 5.90
CA ALA A 68 -8.78 1.53 6.63
C ALA A 68 -7.46 1.55 5.87
N ALA A 69 -7.47 1.05 4.64
CA ALA A 69 -6.27 1.01 3.81
C ALA A 69 -5.62 2.39 3.71
N GLN A 70 -6.40 3.36 3.25
CA GLN A 70 -5.91 4.73 3.10
C GLN A 70 -5.20 5.19 4.37
N GLN A 71 -5.88 5.07 5.50
CA GLN A 71 -5.31 5.47 6.78
C GLN A 71 -3.96 4.80 7.01
N ALA A 72 -3.86 3.52 6.66
CA ALA A 72 -2.63 2.77 6.82
C ALA A 72 -1.53 3.31 5.91
N VAL A 73 -1.76 3.24 4.60
CA VAL A 73 -0.80 3.73 3.62
C VAL A 73 -0.05 4.95 4.15
N SER A 74 -0.77 6.07 4.24
CA SER A 74 -0.18 7.31 4.73
C SER A 74 0.86 7.04 5.81
N CYS A 75 0.53 6.13 6.71
CA CYS A 75 1.44 5.77 7.80
C CYS A 75 2.60 4.93 7.29
N LEU A 76 2.27 3.85 6.57
CA LEU A 76 3.29 2.97 6.03
C LEU A 76 4.38 3.75 5.32
N GLN A 77 3.98 4.79 4.58
CA GLN A 77 4.93 5.63 3.85
C GLN A 77 6.14 5.96 4.72
N GLY A 78 7.24 6.32 4.08
CA GLY A 78 8.45 6.67 4.81
C GLY A 78 9.19 5.44 5.32
N LEU A 79 8.46 4.55 5.98
CA LEU A 79 9.06 3.33 6.53
C LEU A 79 9.70 2.51 5.41
N ARG A 80 10.89 1.98 5.70
CA ARG A 80 11.61 1.17 4.73
C ARG A 80 12.56 0.20 5.42
N LEU A 81 13.04 -0.78 4.68
CA LEU A 81 13.96 -1.78 5.23
C LEU A 81 15.39 -1.52 4.76
N GLY A 82 16.28 -1.25 5.71
CA GLY A 82 17.66 -0.99 5.37
C GLY A 82 17.86 0.38 4.75
N THR A 83 17.96 0.42 3.43
CA THR A 83 18.16 1.67 2.71
C THR A 83 17.11 1.86 1.62
N ASP A 84 16.90 0.80 0.83
CA ASP A 84 15.93 0.84 -0.25
C ASP A 84 14.52 1.06 0.29
N THR A 85 13.88 2.13 -0.16
CA THR A 85 12.53 2.46 0.28
C THR A 85 11.49 1.64 -0.48
N LEU A 86 10.95 0.62 0.18
CA LEU A 86 9.94 -0.24 -0.44
C LEU A 86 8.83 0.59 -1.07
N ARG A 87 8.43 0.20 -2.28
CA ARG A 87 7.37 0.91 -2.99
C ARG A 87 6.00 0.55 -2.44
N VAL A 88 5.26 1.57 -1.99
CA VAL A 88 3.93 1.35 -1.44
C VAL A 88 2.91 2.28 -2.10
N ALA A 89 1.87 1.68 -2.66
CA ALA A 89 0.81 2.45 -3.33
C ALA A 89 -0.46 1.62 -3.47
N LEU A 90 -1.60 2.26 -3.26
CA LEU A 90 -2.89 1.59 -3.35
C LEU A 90 -3.00 0.81 -4.67
N ALA A 91 -3.43 -0.45 -4.57
CA ALA A 91 -3.57 -1.29 -5.75
C ALA A 91 -4.88 -0.99 -6.49
N ARG A 92 -5.07 0.28 -6.83
CA ARG A 92 -6.28 0.70 -7.53
C ARG A 92 -6.04 0.74 -9.04
N GLN A 93 -4.94 1.36 -9.44
CA GLN A 93 -4.59 1.47 -10.86
C GLN A 93 -4.37 0.10 -11.47
N GLN A 94 -4.33 -0.92 -10.63
CA GLN A 94 -4.12 -2.30 -11.09
C GLN A 94 -5.27 -3.19 -10.66
N ARG A 95 -5.72 -4.05 -11.58
CA ARG A 95 -6.81 -4.97 -11.29
C ARG A 95 -6.56 -6.33 -11.91
N ASP A 96 -6.69 -7.38 -11.10
CA ASP A 96 -6.47 -8.74 -11.56
C ASP A 96 -7.12 -8.97 -12.92
N LYS A 97 -6.42 -9.68 -13.80
CA LYS A 97 -6.93 -9.96 -15.14
C LYS A 97 -8.36 -10.51 -15.07
N GLY A 1 -10.87 36.06 21.68
CA GLY A 1 -11.49 35.47 20.52
C GLY A 1 -11.40 33.95 20.53
N SER A 2 -12.44 33.31 19.99
CA SER A 2 -12.49 31.84 19.95
C SER A 2 -13.59 31.37 19.01
N SER A 3 -13.19 30.71 17.93
CA SER A 3 -14.14 30.20 16.95
C SER A 3 -13.48 29.16 16.05
N GLY A 4 -14.25 28.11 15.72
CA GLY A 4 -13.73 27.05 14.88
C GLY A 4 -14.82 26.36 14.08
N SER A 5 -14.66 25.05 13.88
CA SER A 5 -15.64 24.29 13.12
C SER A 5 -15.46 22.79 13.37
N SER A 6 -16.45 22.17 13.99
CA SER A 6 -16.41 20.74 14.29
C SER A 6 -16.87 19.92 13.09
N GLY A 7 -15.96 19.62 12.18
CA GLY A 7 -16.30 18.84 11.01
C GLY A 7 -15.10 18.15 10.40
N PRO A 8 -15.33 16.99 9.76
CA PRO A 8 -14.27 16.20 9.13
C PRO A 8 -13.85 16.78 7.78
N GLY A 9 -12.64 17.31 7.72
CA GLY A 9 -12.14 17.89 6.48
C GLY A 9 -11.62 16.85 5.52
N SER A 10 -10.61 17.20 4.75
CA SER A 10 -10.03 16.29 3.76
C SER A 10 -10.99 16.06 2.60
N PRO A 11 -11.42 17.16 1.97
CA PRO A 11 -12.34 17.11 0.83
C PRO A 11 -11.97 16.03 -0.17
N PRO A 12 -12.70 14.90 -0.13
CA PRO A 12 -12.48 13.77 -1.03
C PRO A 12 -12.26 14.21 -2.47
N GLY A 13 -10.99 14.29 -2.89
CA GLY A 13 -10.68 14.69 -4.24
C GLY A 13 -11.55 14.00 -5.27
N GLU A 14 -12.22 14.79 -6.10
CA GLU A 14 -13.10 14.24 -7.13
C GLU A 14 -12.28 13.72 -8.31
N GLY A 15 -12.04 12.41 -8.32
CA GLY A 15 -11.28 11.80 -9.39
C GLY A 15 -10.40 10.66 -8.91
N ALA A 16 -9.46 10.98 -8.03
CA ALA A 16 -8.55 9.98 -7.48
C ALA A 16 -9.31 8.72 -7.07
N PRO A 17 -8.77 7.55 -7.46
CA PRO A 17 -9.38 6.25 -7.13
C PRO A 17 -9.12 5.84 -5.69
N LEU A 18 -10.04 5.03 -5.14
CA LEU A 18 -9.92 4.57 -3.77
C LEU A 18 -10.49 3.15 -3.62
N ALA A 19 -9.79 2.32 -2.85
CA ALA A 19 -10.22 0.94 -2.63
C ALA A 19 -9.53 0.34 -1.42
N ALA A 20 -9.93 -0.88 -1.07
CA ALA A 20 -9.34 -1.57 0.08
C ALA A 20 -8.21 -2.49 -0.36
N ASP A 21 -7.38 -2.01 -1.28
CA ASP A 21 -6.26 -2.80 -1.78
C ASP A 21 -4.99 -1.94 -1.85
N VAL A 22 -3.93 -2.42 -1.21
CA VAL A 22 -2.66 -1.71 -1.20
C VAL A 22 -1.57 -2.51 -1.89
N TYR A 23 -0.83 -1.85 -2.78
CA TYR A 23 0.24 -2.51 -3.52
C TYR A 23 1.60 -2.19 -2.90
N VAL A 24 2.37 -3.24 -2.62
CA VAL A 24 3.70 -3.07 -2.03
C VAL A 24 4.72 -3.95 -2.74
N GLY A 25 5.58 -3.33 -3.54
CA GLY A 25 6.60 -4.06 -4.26
C GLY A 25 8.00 -3.56 -3.96
N ASN A 26 8.94 -3.91 -4.82
CA ASN A 26 10.33 -3.49 -4.65
C ASN A 26 10.92 -4.10 -3.38
N LEU A 27 10.57 -5.36 -3.12
CA LEU A 27 11.06 -6.06 -1.94
C LEU A 27 12.49 -6.55 -2.16
N PRO A 28 13.30 -6.52 -1.09
CA PRO A 28 14.70 -6.97 -1.14
C PRO A 28 14.86 -8.30 -1.87
N ARG A 29 16.11 -8.72 -2.04
CA ARG A 29 16.40 -9.97 -2.74
C ARG A 29 16.00 -11.17 -1.87
N ASP A 30 16.28 -11.07 -0.57
CA ASP A 30 15.95 -12.14 0.37
C ASP A 30 15.13 -11.60 1.53
N ALA A 31 14.10 -10.83 1.22
CA ALA A 31 13.23 -10.26 2.25
C ALA A 31 12.36 -11.33 2.89
N ARG A 32 11.84 -11.03 4.08
CA ARG A 32 11.00 -11.97 4.80
C ARG A 32 9.66 -11.33 5.17
N VAL A 33 8.59 -12.10 5.07
CA VAL A 33 7.26 -11.61 5.40
C VAL A 33 7.19 -11.10 6.84
N SER A 34 7.86 -11.82 7.74
CA SER A 34 7.88 -11.45 9.15
C SER A 34 8.40 -10.02 9.33
N ASP A 35 9.53 -9.72 8.71
CA ASP A 35 10.12 -8.39 8.79
C ASP A 35 9.08 -7.31 8.52
N LEU A 36 8.29 -7.51 7.47
CA LEU A 36 7.25 -6.56 7.10
C LEU A 36 6.14 -6.52 8.14
N LYS A 37 5.49 -7.67 8.35
CA LYS A 37 4.42 -7.77 9.31
C LYS A 37 4.79 -7.07 10.63
N ARG A 38 5.96 -7.42 11.15
CA ARG A 38 6.43 -6.82 12.40
C ARG A 38 6.16 -5.32 12.42
N ALA A 39 6.37 -4.67 11.27
CA ALA A 39 6.14 -3.24 11.16
C ALA A 39 4.66 -2.89 11.25
N LEU A 40 3.84 -3.65 10.53
CA LEU A 40 2.40 -3.43 10.53
C LEU A 40 1.81 -3.65 11.92
N ARG A 41 2.33 -4.66 12.61
CA ARG A 41 1.86 -4.98 13.95
C ARG A 41 2.07 -3.80 14.90
N GLU A 42 3.24 -3.17 14.80
CA GLU A 42 3.57 -2.04 15.65
C GLU A 42 2.86 -0.77 15.18
N LEU A 43 2.73 -0.63 13.86
CA LEU A 43 2.06 0.53 13.27
C LEU A 43 0.55 0.30 13.19
N GLY A 44 0.03 -0.53 14.09
CA GLY A 44 -1.40 -0.81 14.10
C GLY A 44 -1.98 -0.82 12.71
N SER A 45 -1.23 -1.35 11.74
CA SER A 45 -1.69 -1.42 10.35
C SER A 45 -1.72 -2.86 9.87
N VAL A 46 -2.29 -3.75 10.68
CA VAL A 46 -2.39 -5.16 10.33
C VAL A 46 -3.69 -5.45 9.58
N PRO A 47 -3.57 -5.76 8.28
CA PRO A 47 -4.72 -6.07 7.43
C PRO A 47 -5.26 -7.47 7.67
N LEU A 48 -6.39 -7.77 7.05
CA LEU A 48 -7.02 -9.08 7.19
C LEU A 48 -6.27 -10.14 6.38
N ARG A 49 -6.01 -9.83 5.12
CA ARG A 49 -5.31 -10.75 4.23
C ARG A 49 -4.07 -10.08 3.64
N LEU A 50 -2.94 -10.79 3.70
CA LEU A 50 -1.68 -10.27 3.15
C LEU A 50 -1.10 -11.24 2.12
N THR A 51 -1.16 -10.83 0.86
CA THR A 51 -0.63 -11.66 -0.23
C THR A 51 0.83 -11.31 -0.52
N TRP A 52 1.74 -12.01 0.13
CA TRP A 52 3.17 -11.78 -0.07
C TRP A 52 3.74 -12.73 -1.11
N GLN A 53 4.73 -12.26 -1.87
CA GLN A 53 5.35 -13.08 -2.91
C GLN A 53 6.88 -12.96 -2.84
N GLY A 54 7.56 -14.08 -3.04
CA GLY A 54 9.01 -14.08 -2.99
C GLY A 54 9.63 -13.67 -4.32
N PRO A 55 9.89 -14.65 -5.19
CA PRO A 55 10.49 -14.41 -6.50
C PRO A 55 9.81 -13.26 -7.24
N ARG A 56 8.60 -12.94 -6.84
CA ARG A 56 7.84 -11.85 -7.47
C ARG A 56 8.17 -10.51 -6.80
N ARG A 57 8.49 -10.56 -5.52
CA ARG A 57 8.82 -9.36 -4.77
C ARG A 57 7.63 -8.39 -4.73
N ARG A 58 6.47 -8.91 -4.35
CA ARG A 58 5.26 -8.11 -4.28
C ARG A 58 4.50 -8.38 -2.98
N ALA A 59 3.57 -7.49 -2.64
CA ALA A 59 2.77 -7.64 -1.43
C ALA A 59 1.48 -6.83 -1.52
N PHE A 60 0.35 -7.52 -1.35
CA PHE A 60 -0.95 -6.86 -1.42
C PHE A 60 -1.66 -6.92 -0.06
N LEU A 61 -1.86 -5.75 0.54
CA LEU A 61 -2.51 -5.67 1.84
C LEU A 61 -4.00 -5.40 1.67
N HIS A 62 -4.84 -6.32 2.16
CA HIS A 62 -6.28 -6.18 2.07
C HIS A 62 -6.86 -5.70 3.40
N TYR A 63 -7.63 -4.62 3.34
CA TYR A 63 -8.25 -4.07 4.54
C TYR A 63 -9.77 -4.21 4.49
N PRO A 64 -10.40 -4.28 5.68
CA PRO A 64 -11.85 -4.42 5.79
C PRO A 64 -12.61 -3.47 4.87
N ASP A 65 -12.26 -2.19 4.93
CA ASP A 65 -12.89 -1.18 4.10
C ASP A 65 -11.86 -0.27 3.46
N SER A 66 -12.32 0.62 2.58
CA SER A 66 -11.42 1.55 1.89
C SER A 66 -10.63 2.39 2.89
N ALA A 67 -11.34 3.04 3.79
CA ALA A 67 -10.70 3.88 4.81
C ALA A 67 -9.52 3.16 5.44
N ALA A 68 -9.79 2.05 6.11
CA ALA A 68 -8.75 1.27 6.77
C ALA A 68 -7.48 1.23 5.92
N ALA A 69 -7.64 0.98 4.62
CA ALA A 69 -6.51 0.91 3.71
C ALA A 69 -5.84 2.27 3.59
N GLN A 70 -6.64 3.31 3.33
CA GLN A 70 -6.11 4.66 3.18
C GLN A 70 -5.26 5.05 4.39
N GLN A 71 -5.87 5.03 5.57
CA GLN A 71 -5.17 5.39 6.80
C GLN A 71 -3.83 4.67 6.88
N ALA A 72 -3.84 3.36 6.67
CA ALA A 72 -2.61 2.57 6.72
C ALA A 72 -1.59 3.10 5.73
N VAL A 73 -1.95 3.12 4.45
CA VAL A 73 -1.05 3.60 3.41
C VAL A 73 -0.24 4.80 3.89
N SER A 74 -0.94 5.86 4.27
CA SER A 74 -0.29 7.07 4.75
C SER A 74 0.80 6.74 5.76
N CYS A 75 0.51 5.80 6.64
CA CYS A 75 1.46 5.38 7.67
C CYS A 75 2.62 4.60 7.05
N LEU A 76 2.28 3.58 6.27
CA LEU A 76 3.29 2.75 5.63
C LEU A 76 4.28 3.60 4.84
N GLN A 77 3.76 4.56 4.09
CA GLN A 77 4.60 5.45 3.29
C GLN A 77 5.89 5.78 4.03
N GLY A 78 6.98 5.89 3.28
CA GLY A 78 8.26 6.20 3.87
C GLY A 78 8.92 5.00 4.51
N LEU A 79 8.12 4.19 5.19
CA LEU A 79 8.63 2.99 5.85
C LEU A 79 9.38 2.11 4.87
N ARG A 80 10.63 1.81 5.19
CA ARG A 80 11.46 0.96 4.33
C ARG A 80 12.32 0.02 5.15
N LEU A 81 12.97 -0.93 4.48
CA LEU A 81 13.83 -1.89 5.15
C LEU A 81 15.30 -1.64 4.85
N GLY A 82 16.18 -2.01 5.78
CA GLY A 82 17.60 -1.81 5.59
C GLY A 82 17.91 -0.49 4.91
N THR A 83 18.22 -0.54 3.62
CA THR A 83 18.54 0.66 2.86
C THR A 83 17.52 0.90 1.75
N ASP A 84 17.27 -0.13 0.95
CA ASP A 84 16.30 -0.03 -0.14
C ASP A 84 14.94 0.42 0.37
N THR A 85 14.29 1.30 -0.38
CA THR A 85 12.98 1.81 0.00
C THR A 85 11.87 1.08 -0.75
N LEU A 86 11.01 0.39 -0.01
CA LEU A 86 9.91 -0.34 -0.60
C LEU A 86 8.85 0.60 -1.16
N ARG A 87 8.35 0.30 -2.35
CA ARG A 87 7.33 1.13 -2.98
C ARG A 87 5.93 0.73 -2.52
N VAL A 88 5.18 1.71 -2.04
CA VAL A 88 3.82 1.46 -1.56
C VAL A 88 2.84 2.45 -2.16
N ALA A 89 1.70 1.94 -2.65
CA ALA A 89 0.68 2.80 -3.25
C ALA A 89 -0.61 2.01 -3.49
N LEU A 90 -1.74 2.65 -3.22
CA LEU A 90 -3.04 2.00 -3.40
C LEU A 90 -3.07 1.20 -4.70
N ALA A 91 -3.44 -0.06 -4.60
CA ALA A 91 -3.52 -0.95 -5.76
C ALA A 91 -4.90 -0.87 -6.42
N ARG A 92 -4.91 -0.75 -7.74
CA ARG A 92 -6.15 -0.68 -8.49
C ARG A 92 -5.96 -1.15 -9.93
N GLN A 93 -6.85 -2.03 -10.37
CA GLN A 93 -6.77 -2.56 -11.73
C GLN A 93 -7.84 -1.94 -12.62
N GLN A 94 -7.65 -2.04 -13.94
CA GLN A 94 -8.60 -1.49 -14.89
C GLN A 94 -8.33 -2.02 -16.29
N ARG A 95 -9.41 -2.31 -17.02
CA ARG A 95 -9.29 -2.83 -18.38
C ARG A 95 -9.12 -1.70 -19.38
N ASP A 96 -8.62 -2.04 -20.57
CA ASP A 96 -8.41 -1.05 -21.61
C ASP A 96 -9.67 -0.85 -22.45
N LYS A 97 -10.82 -0.81 -21.77
CA LYS A 97 -12.10 -0.62 -22.45
C LYS A 97 -12.01 0.51 -23.47
N GLY A 1 -23.05 3.83 35.79
CA GLY A 1 -22.41 4.74 34.86
C GLY A 1 -23.34 5.19 33.75
N SER A 2 -22.77 5.76 32.70
CA SER A 2 -23.55 6.23 31.56
C SER A 2 -22.64 6.62 30.40
N SER A 3 -23.25 6.88 29.25
CA SER A 3 -22.50 7.24 28.05
C SER A 3 -23.19 8.40 27.31
N GLY A 4 -22.54 8.90 26.28
CA GLY A 4 -23.10 9.99 25.50
C GLY A 4 -22.76 9.89 24.03
N SER A 5 -23.36 10.76 23.22
CA SER A 5 -23.12 10.76 21.77
C SER A 5 -21.75 11.32 21.45
N SER A 6 -21.32 11.16 20.20
CA SER A 6 -20.03 11.64 19.76
C SER A 6 -20.15 13.02 19.11
N GLY A 7 -21.15 13.17 18.25
CA GLY A 7 -21.37 14.44 17.57
C GLY A 7 -21.50 14.27 16.08
N PRO A 8 -21.65 15.40 15.36
CA PRO A 8 -21.80 15.40 13.91
C PRO A 8 -20.78 14.49 13.22
N GLY A 9 -21.27 13.40 12.65
CA GLY A 9 -20.40 12.45 11.97
C GLY A 9 -20.89 12.10 10.58
N SER A 10 -20.80 13.06 9.66
CA SER A 10 -21.25 12.84 8.29
C SER A 10 -20.20 12.07 7.49
N PRO A 11 -20.67 11.22 6.56
CA PRO A 11 -19.78 10.42 5.71
C PRO A 11 -19.18 11.23 4.58
N PRO A 12 -17.84 11.29 4.55
CA PRO A 12 -17.10 12.04 3.53
C PRO A 12 -17.03 11.28 2.21
N GLY A 13 -17.40 11.96 1.12
CA GLY A 13 -17.36 11.33 -0.19
C GLY A 13 -18.25 12.06 -1.20
N GLU A 14 -19.52 11.65 -1.26
CA GLU A 14 -20.46 12.26 -2.18
C GLU A 14 -19.91 12.26 -3.61
N GLY A 15 -19.34 11.12 -4.00
CA GLY A 15 -18.79 11.01 -5.34
C GLY A 15 -17.28 11.03 -5.34
N ALA A 16 -16.67 10.09 -4.62
CA ALA A 16 -15.21 10.02 -4.54
C ALA A 16 -14.73 8.57 -4.59
N PRO A 17 -13.58 8.35 -5.25
CA PRO A 17 -13.00 7.01 -5.38
C PRO A 17 -12.31 6.55 -4.11
N LEU A 18 -12.56 5.31 -3.72
CA LEU A 18 -11.96 4.74 -2.52
C LEU A 18 -11.55 3.28 -2.74
N ALA A 19 -10.35 2.93 -2.29
CA ALA A 19 -9.85 1.57 -2.44
C ALA A 19 -9.25 1.07 -1.14
N ALA A 20 -9.26 -0.25 -0.96
CA ALA A 20 -8.71 -0.86 0.23
C ALA A 20 -7.46 -1.68 -0.07
N ASP A 21 -7.53 -2.46 -1.14
CA ASP A 21 -6.39 -3.29 -1.55
C ASP A 21 -5.15 -2.44 -1.77
N VAL A 22 -4.07 -2.79 -1.07
CA VAL A 22 -2.81 -2.06 -1.18
C VAL A 22 -1.77 -2.89 -1.91
N TYR A 23 -0.97 -2.23 -2.74
CA TYR A 23 0.08 -2.91 -3.50
C TYR A 23 1.46 -2.49 -3.01
N VAL A 24 2.32 -3.48 -2.77
CA VAL A 24 3.67 -3.21 -2.30
C VAL A 24 4.70 -3.94 -3.16
N GLY A 25 5.77 -3.23 -3.51
CA GLY A 25 6.81 -3.83 -4.33
C GLY A 25 8.19 -3.32 -3.96
N ASN A 26 9.21 -3.82 -4.67
CA ASN A 26 10.58 -3.41 -4.41
C ASN A 26 11.10 -4.03 -3.12
N LEU A 27 10.68 -5.28 -2.86
CA LEU A 27 11.11 -5.98 -1.65
C LEU A 27 12.52 -6.53 -1.81
N PRO A 28 13.27 -6.57 -0.70
CA PRO A 28 14.65 -7.07 -0.69
C PRO A 28 14.79 -8.37 -1.47
N ARG A 29 15.97 -8.58 -2.06
CA ARG A 29 16.24 -9.78 -2.84
C ARG A 29 15.78 -11.02 -2.09
N ASP A 30 15.97 -11.02 -0.77
CA ASP A 30 15.57 -12.16 0.06
C ASP A 30 14.70 -11.70 1.22
N ALA A 31 13.80 -10.76 0.94
CA ALA A 31 12.91 -10.23 1.96
C ALA A 31 11.98 -11.33 2.49
N ARG A 32 11.54 -11.17 3.74
CA ARG A 32 10.65 -12.15 4.36
C ARG A 32 9.38 -11.47 4.87
N VAL A 33 8.23 -12.01 4.48
CA VAL A 33 6.95 -11.46 4.89
C VAL A 33 6.98 -11.02 6.34
N SER A 34 7.68 -11.79 7.17
CA SER A 34 7.79 -11.47 8.59
C SER A 34 8.29 -10.05 8.80
N ASP A 35 9.35 -9.69 8.07
CA ASP A 35 9.92 -8.35 8.16
C ASP A 35 8.86 -7.28 7.94
N LEU A 36 8.06 -7.47 6.90
CA LEU A 36 7.00 -6.52 6.57
C LEU A 36 5.92 -6.51 7.65
N LYS A 37 5.29 -7.66 7.86
CA LYS A 37 4.25 -7.78 8.87
C LYS A 37 4.66 -7.11 10.17
N ARG A 38 5.77 -7.54 10.73
CA ARG A 38 6.28 -6.97 11.98
C ARG A 38 6.00 -5.48 12.04
N ALA A 39 6.56 -4.74 11.09
CA ALA A 39 6.36 -3.29 11.03
C ALA A 39 4.88 -2.93 11.08
N LEU A 40 4.12 -3.46 10.13
CA LEU A 40 2.69 -3.19 10.05
C LEU A 40 2.03 -3.37 11.42
N ARG A 41 2.35 -4.47 12.09
CA ARG A 41 1.79 -4.76 13.40
C ARG A 41 1.84 -3.52 14.29
N GLU A 42 3.04 -2.97 14.47
CA GLU A 42 3.23 -1.78 15.30
C GLU A 42 2.54 -0.58 14.67
N LEU A 43 2.91 -0.27 13.43
CA LEU A 43 2.32 0.86 12.72
C LEU A 43 0.81 0.89 12.88
N GLY A 44 0.22 -0.27 13.13
CA GLY A 44 -1.21 -0.35 13.29
C GLY A 44 -1.94 -0.59 11.99
N SER A 45 -1.34 -1.37 11.11
CA SER A 45 -1.92 -1.67 9.81
C SER A 45 -1.93 -3.17 9.54
N VAL A 46 -2.67 -3.91 10.37
CA VAL A 46 -2.76 -5.37 10.22
C VAL A 46 -4.04 -5.76 9.51
N PRO A 47 -3.92 -6.13 8.22
CA PRO A 47 -5.07 -6.53 7.40
C PRO A 47 -5.54 -7.95 7.74
N LEU A 48 -6.73 -8.29 7.26
CA LEU A 48 -7.30 -9.61 7.51
C LEU A 48 -6.54 -10.69 6.74
N ARG A 49 -6.32 -10.44 5.45
CA ARG A 49 -5.61 -11.39 4.60
C ARG A 49 -4.43 -10.72 3.90
N LEU A 50 -3.31 -11.42 3.83
CA LEU A 50 -2.12 -10.89 3.18
C LEU A 50 -1.54 -11.89 2.18
N THR A 51 -1.30 -11.42 0.96
CA THR A 51 -0.76 -12.28 -0.09
C THR A 51 0.67 -11.87 -0.44
N TRP A 52 1.63 -12.49 0.21
CA TRP A 52 3.04 -12.19 -0.03
C TRP A 52 3.59 -13.06 -1.16
N GLN A 53 4.38 -12.46 -2.04
CA GLN A 53 4.98 -13.18 -3.16
C GLN A 53 6.46 -12.86 -3.29
N GLY A 54 7.30 -13.61 -2.60
CA GLY A 54 8.73 -13.38 -2.65
C GLY A 54 9.25 -13.31 -4.08
N PRO A 55 8.94 -14.33 -4.88
CA PRO A 55 9.37 -14.39 -6.28
C PRO A 55 9.07 -13.10 -7.04
N ARG A 56 7.87 -12.57 -6.83
CA ARG A 56 7.46 -11.34 -7.50
C ARG A 56 7.72 -10.13 -6.60
N ARG A 57 8.48 -10.33 -5.54
CA ARG A 57 8.80 -9.26 -4.60
C ARG A 57 7.64 -8.30 -4.47
N ARG A 58 6.42 -8.84 -4.41
CA ARG A 58 5.22 -8.02 -4.28
C ARG A 58 4.29 -8.59 -3.21
N ALA A 59 3.67 -7.69 -2.44
CA ALA A 59 2.75 -8.11 -1.39
C ALA A 59 1.44 -7.33 -1.47
N PHE A 60 0.33 -8.02 -1.22
CA PHE A 60 -0.99 -7.40 -1.26
C PHE A 60 -1.64 -7.40 0.11
N LEU A 61 -2.04 -6.21 0.57
CA LEU A 61 -2.68 -6.08 1.87
C LEU A 61 -4.17 -5.81 1.73
N HIS A 62 -4.98 -6.77 2.17
CA HIS A 62 -6.43 -6.64 2.09
C HIS A 62 -7.02 -6.21 3.43
N TYR A 63 -7.43 -4.96 3.52
CA TYR A 63 -8.00 -4.42 4.75
C TYR A 63 -9.53 -4.55 4.74
N PRO A 64 -10.13 -4.58 5.95
CA PRO A 64 -11.58 -4.70 6.11
C PRO A 64 -12.34 -3.72 5.21
N ASP A 65 -11.93 -2.46 5.24
CA ASP A 65 -12.57 -1.43 4.44
C ASP A 65 -11.52 -0.58 3.71
N SER A 66 -12.00 0.38 2.91
CA SER A 66 -11.11 1.25 2.16
C SER A 66 -10.33 2.17 3.10
N ALA A 67 -11.03 2.78 4.05
CA ALA A 67 -10.40 3.68 5.01
C ALA A 67 -9.21 3.01 5.67
N ALA A 68 -9.45 1.89 6.34
CA ALA A 68 -8.38 1.15 7.01
C ALA A 68 -7.09 1.20 6.21
N ALA A 69 -7.20 0.95 4.91
CA ALA A 69 -6.04 0.97 4.03
C ALA A 69 -5.45 2.37 3.92
N GLN A 70 -6.22 3.28 3.32
CA GLN A 70 -5.77 4.65 3.15
C GLN A 70 -5.05 5.16 4.39
N GLN A 71 -5.65 4.91 5.55
CA GLN A 71 -5.07 5.34 6.82
C GLN A 71 -3.66 4.78 6.99
N ALA A 72 -3.48 3.52 6.58
CA ALA A 72 -2.18 2.86 6.69
C ALA A 72 -1.19 3.43 5.68
N VAL A 73 -1.50 3.27 4.40
CA VAL A 73 -0.64 3.76 3.33
C VAL A 73 0.03 5.06 3.73
N SER A 74 -0.77 6.10 3.97
CA SER A 74 -0.25 7.40 4.35
C SER A 74 0.88 7.25 5.38
N CYS A 75 0.67 6.36 6.34
CA CYS A 75 1.66 6.12 7.38
C CYS A 75 2.84 5.32 6.84
N LEU A 76 2.55 4.14 6.30
CA LEU A 76 3.58 3.27 5.74
C LEU A 76 4.59 4.08 4.92
N GLN A 77 4.07 5.00 4.11
CA GLN A 77 4.92 5.83 3.27
C GLN A 77 6.24 6.16 3.98
N GLY A 78 7.30 6.32 3.20
CA GLY A 78 8.60 6.62 3.77
C GLY A 78 9.30 5.40 4.31
N LEU A 79 8.61 4.66 5.18
CA LEU A 79 9.16 3.45 5.78
C LEU A 79 10.08 2.73 4.80
N ARG A 80 11.35 2.60 5.17
CA ARG A 80 12.32 1.92 4.31
C ARG A 80 13.14 0.92 5.12
N LEU A 81 12.84 -0.36 4.94
CA LEU A 81 13.54 -1.42 5.66
C LEU A 81 15.05 -1.22 5.57
N GLY A 82 15.72 -1.34 6.70
CA GLY A 82 17.17 -1.17 6.72
C GLY A 82 17.62 0.07 5.98
N THR A 83 18.09 -0.12 4.76
CA THR A 83 18.56 1.00 3.94
C THR A 83 17.69 1.18 2.71
N ASP A 84 17.46 0.09 1.99
CA ASP A 84 16.63 0.14 0.78
C ASP A 84 15.20 0.54 1.11
N THR A 85 14.54 1.21 0.16
CA THR A 85 13.18 1.66 0.36
C THR A 85 12.18 0.76 -0.37
N LEU A 86 10.99 0.62 0.19
CA LEU A 86 9.95 -0.21 -0.42
C LEU A 86 8.89 0.64 -1.10
N ARG A 87 8.31 0.11 -2.17
CA ARG A 87 7.28 0.83 -2.91
C ARG A 87 5.89 0.49 -2.38
N VAL A 88 5.14 1.51 -2.00
CA VAL A 88 3.79 1.33 -1.48
C VAL A 88 2.80 2.26 -2.15
N ALA A 89 1.74 1.68 -2.71
CA ALA A 89 0.72 2.47 -3.39
C ALA A 89 -0.55 1.65 -3.59
N LEU A 90 -1.70 2.25 -3.28
CA LEU A 90 -2.98 1.58 -3.42
C LEU A 90 -3.04 0.77 -4.72
N ALA A 91 -3.55 -0.45 -4.62
CA ALA A 91 -3.65 -1.33 -5.79
C ALA A 91 -4.82 -0.92 -6.68
N ARG A 92 -4.82 -1.41 -7.91
CA ARG A 92 -5.88 -1.09 -8.86
C ARG A 92 -5.96 0.42 -9.10
N GLN A 93 -4.80 1.07 -9.15
CA GLN A 93 -4.75 2.50 -9.37
C GLN A 93 -4.88 2.83 -10.86
N GLN A 94 -4.03 2.21 -11.67
CA GLN A 94 -4.05 2.45 -13.11
C GLN A 94 -3.30 1.33 -13.84
N ARG A 95 -4.05 0.48 -14.54
CA ARG A 95 -3.46 -0.62 -15.29
C ARG A 95 -2.42 -0.11 -16.28
N ASP A 96 -1.69 -1.03 -16.89
CA ASP A 96 -0.67 -0.68 -17.86
C ASP A 96 -1.08 -1.10 -19.27
N LYS A 97 -0.75 -0.27 -20.26
CA LYS A 97 -1.09 -0.55 -21.64
C LYS A 97 -0.40 -1.82 -22.11
N GLY A 1 2.97 27.92 -1.74
CA GLY A 1 4.21 28.21 -2.44
C GLY A 1 4.88 29.47 -1.93
N SER A 2 5.09 29.54 -0.62
CA SER A 2 5.72 30.71 -0.01
C SER A 2 7.19 30.80 -0.41
N SER A 3 7.88 29.67 -0.34
CA SER A 3 9.30 29.62 -0.68
C SER A 3 9.57 28.50 -1.69
N GLY A 4 9.30 27.27 -1.29
CA GLY A 4 9.53 26.14 -2.18
C GLY A 4 8.51 26.06 -3.30
N SER A 5 8.87 25.39 -4.38
CA SER A 5 7.98 25.25 -5.53
C SER A 5 8.01 23.83 -6.06
N SER A 6 6.82 23.30 -6.37
CA SER A 6 6.71 21.94 -6.89
C SER A 6 5.66 21.86 -7.99
N GLY A 7 5.72 20.81 -8.80
CA GLY A 7 4.77 20.64 -9.89
C GLY A 7 3.98 19.35 -9.77
N PRO A 8 3.09 19.29 -8.76
CA PRO A 8 2.26 18.11 -8.52
C PRO A 8 1.10 18.02 -9.50
N GLY A 9 0.24 17.01 -9.30
CA GLY A 9 -0.91 16.83 -10.17
C GLY A 9 -1.72 15.61 -9.81
N SER A 10 -2.74 15.79 -8.99
CA SER A 10 -3.60 14.69 -8.56
C SER A 10 -4.32 14.08 -9.75
N PRO A 11 -4.72 12.80 -9.62
CA PRO A 11 -5.43 12.08 -10.67
C PRO A 11 -6.90 12.48 -10.77
N PRO A 12 -7.26 13.16 -11.87
CA PRO A 12 -8.63 13.62 -12.09
C PRO A 12 -9.56 12.48 -12.52
N GLY A 13 -9.46 11.36 -11.82
CA GLY A 13 -10.30 10.21 -12.13
C GLY A 13 -11.77 10.51 -11.96
N GLU A 14 -12.55 10.27 -13.01
CA GLU A 14 -13.99 10.51 -12.98
C GLU A 14 -14.77 9.20 -12.92
N GLY A 15 -15.48 9.00 -11.82
CA GLY A 15 -16.26 7.78 -11.66
C GLY A 15 -15.39 6.56 -11.44
N ALA A 16 -14.64 6.56 -10.34
CA ALA A 16 -13.76 5.44 -10.03
C ALA A 16 -14.38 4.55 -8.95
N PRO A 17 -14.15 3.23 -9.07
CA PRO A 17 -14.66 2.25 -8.11
C PRO A 17 -13.87 2.23 -6.82
N LEU A 18 -14.49 1.70 -5.76
CA LEU A 18 -13.84 1.63 -4.46
C LEU A 18 -12.86 0.46 -4.42
N ALA A 19 -11.79 0.61 -3.64
CA ALA A 19 -10.78 -0.42 -3.51
C ALA A 19 -10.06 -0.32 -2.17
N ALA A 20 -9.94 -1.46 -1.48
CA ALA A 20 -9.28 -1.50 -0.19
C ALA A 20 -8.05 -2.40 -0.23
N ASP A 21 -7.30 -2.32 -1.32
CA ASP A 21 -6.10 -3.13 -1.48
C ASP A 21 -4.86 -2.24 -1.68
N VAL A 22 -3.77 -2.61 -1.03
CA VAL A 22 -2.53 -1.85 -1.13
C VAL A 22 -1.42 -2.69 -1.76
N TYR A 23 -0.63 -2.07 -2.63
CA TYR A 23 0.46 -2.76 -3.30
C TYR A 23 1.81 -2.34 -2.73
N VAL A 24 2.63 -3.32 -2.37
CA VAL A 24 3.95 -3.05 -1.81
C VAL A 24 5.03 -3.84 -2.55
N GLY A 25 5.78 -3.15 -3.40
CA GLY A 25 6.84 -3.80 -4.15
C GLY A 25 8.22 -3.32 -3.75
N ASN A 26 9.20 -3.54 -4.62
CA ASN A 26 10.57 -3.13 -4.33
C ASN A 26 11.06 -3.73 -3.02
N LEU A 27 10.72 -4.98 -2.79
CA LEU A 27 11.13 -5.68 -1.57
C LEU A 27 12.59 -6.11 -1.65
N PRO A 28 13.29 -6.04 -0.51
CA PRO A 28 14.71 -6.43 -0.43
C PRO A 28 15.00 -7.72 -1.17
N ARG A 29 16.28 -8.07 -1.27
CA ARG A 29 16.69 -9.28 -1.96
C ARG A 29 16.12 -10.52 -1.27
N ASP A 30 16.33 -10.61 0.04
CA ASP A 30 15.84 -11.74 0.82
C ASP A 30 14.90 -11.27 1.92
N ALA A 31 13.97 -10.38 1.57
CA ALA A 31 13.01 -9.86 2.53
C ALA A 31 12.05 -10.95 3.00
N ARG A 32 11.85 -11.02 4.31
CA ARG A 32 10.97 -12.01 4.90
C ARG A 32 9.60 -11.41 5.22
N VAL A 33 8.54 -12.13 4.85
CA VAL A 33 7.18 -11.66 5.10
C VAL A 33 7.01 -11.22 6.56
N SER A 34 7.73 -11.88 7.46
CA SER A 34 7.65 -11.56 8.88
C SER A 34 8.22 -10.18 9.16
N ASP A 35 9.42 -9.93 8.65
CA ASP A 35 10.08 -8.64 8.84
C ASP A 35 9.10 -7.48 8.58
N LEU A 36 8.33 -7.59 7.50
CA LEU A 36 7.36 -6.56 7.15
C LEU A 36 6.24 -6.50 8.18
N LYS A 37 5.65 -7.66 8.47
CA LYS A 37 4.56 -7.74 9.45
C LYS A 37 4.97 -7.11 10.77
N ARG A 38 6.17 -7.44 11.25
CA ARG A 38 6.67 -6.90 12.50
C ARG A 38 6.24 -5.45 12.68
N ALA A 39 6.67 -4.60 11.76
CA ALA A 39 6.33 -3.18 11.82
C ALA A 39 4.83 -2.98 11.92
N LEU A 40 4.11 -3.33 10.85
CA LEU A 40 2.66 -3.19 10.82
C LEU A 40 2.05 -3.56 12.17
N ARG A 41 2.55 -4.64 12.76
CA ARG A 41 2.05 -5.10 14.05
C ARG A 41 1.99 -3.96 15.05
N GLU A 42 3.06 -3.16 15.10
CA GLU A 42 3.12 -2.02 16.02
C GLU A 42 2.41 -0.81 15.43
N LEU A 43 2.82 -0.41 14.23
CA LEU A 43 2.22 0.74 13.56
C LEU A 43 0.71 0.73 13.71
N GLY A 44 0.12 -0.47 13.73
CA GLY A 44 -1.31 -0.59 13.87
C GLY A 44 -2.02 -0.61 12.54
N SER A 45 -1.41 -1.26 11.55
CA SER A 45 -2.00 -1.35 10.21
C SER A 45 -2.03 -2.79 9.73
N VAL A 46 -2.55 -3.68 10.58
CA VAL A 46 -2.64 -5.10 10.24
C VAL A 46 -3.98 -5.42 9.57
N PRO A 47 -3.92 -5.72 8.26
CA PRO A 47 -5.12 -6.04 7.48
C PRO A 47 -5.63 -7.45 7.77
N LEU A 48 -6.82 -7.75 7.26
CA LEU A 48 -7.43 -9.07 7.46
C LEU A 48 -6.68 -10.14 6.68
N ARG A 49 -6.34 -9.82 5.43
CA ARG A 49 -5.62 -10.75 4.57
C ARG A 49 -4.33 -10.13 4.05
N LEU A 50 -3.30 -10.94 3.90
CA LEU A 50 -2.01 -10.48 3.40
C LEU A 50 -1.41 -11.47 2.41
N THR A 51 -1.09 -10.96 1.22
CA THR A 51 -0.51 -11.81 0.17
C THR A 51 0.94 -11.43 -0.08
N TRP A 52 1.80 -12.44 -0.23
CA TRP A 52 3.22 -12.21 -0.49
C TRP A 52 3.73 -13.14 -1.58
N GLN A 53 4.58 -12.62 -2.45
CA GLN A 53 5.15 -13.40 -3.54
C GLN A 53 6.66 -13.27 -3.58
N GLY A 54 7.35 -14.41 -3.75
CA GLY A 54 8.80 -14.39 -3.80
C GLY A 54 9.32 -13.91 -5.13
N PRO A 55 9.33 -14.80 -6.13
CA PRO A 55 9.82 -14.47 -7.48
C PRO A 55 9.29 -13.12 -7.97
N ARG A 56 8.20 -12.66 -7.37
CA ARG A 56 7.60 -11.40 -7.76
C ARG A 56 8.14 -10.26 -6.90
N ARG A 57 8.43 -10.56 -5.64
CA ARG A 57 8.96 -9.56 -4.71
C ARG A 57 7.93 -8.46 -4.46
N ARG A 58 6.69 -8.86 -4.22
CA ARG A 58 5.61 -7.91 -3.96
C ARG A 58 4.60 -8.48 -2.97
N ALA A 59 3.92 -7.59 -2.26
CA ALA A 59 2.92 -8.02 -1.28
C ALA A 59 1.65 -7.18 -1.41
N PHE A 60 0.50 -7.84 -1.23
CA PHE A 60 -0.79 -7.16 -1.33
C PHE A 60 -1.50 -7.16 0.02
N LEU A 61 -1.74 -5.96 0.55
CA LEU A 61 -2.41 -5.81 1.84
C LEU A 61 -3.90 -5.53 1.64
N HIS A 62 -4.73 -6.53 1.95
CA HIS A 62 -6.17 -6.39 1.82
C HIS A 62 -6.81 -5.94 3.13
N TYR A 63 -7.23 -4.69 3.19
CA TYR A 63 -7.83 -4.13 4.40
C TYR A 63 -9.36 -4.31 4.36
N PRO A 64 -9.98 -4.27 5.54
CA PRO A 64 -11.44 -4.42 5.67
C PRO A 64 -12.20 -3.51 4.71
N ASP A 65 -11.98 -2.21 4.85
CA ASP A 65 -12.65 -1.23 4.00
C ASP A 65 -11.64 -0.30 3.34
N SER A 66 -12.09 0.47 2.36
CA SER A 66 -11.22 1.40 1.65
C SER A 66 -10.51 2.33 2.63
N ALA A 67 -11.28 2.96 3.51
CA ALA A 67 -10.72 3.87 4.50
C ALA A 67 -9.47 3.27 5.15
N ALA A 68 -9.66 2.22 5.93
CA ALA A 68 -8.55 1.56 6.60
C ALA A 68 -7.31 1.55 5.73
N ALA A 69 -7.49 1.15 4.46
CA ALA A 69 -6.38 1.10 3.51
C ALA A 69 -5.73 2.46 3.34
N GLN A 70 -6.53 3.44 2.94
CA GLN A 70 -6.04 4.80 2.74
C GLN A 70 -5.35 5.32 3.99
N GLN A 71 -5.90 4.98 5.15
CA GLN A 71 -5.33 5.42 6.42
C GLN A 71 -4.00 4.73 6.70
N ALA A 72 -3.94 3.44 6.40
CA ALA A 72 -2.72 2.67 6.61
C ALA A 72 -1.59 3.18 5.72
N VAL A 73 -1.85 3.28 4.43
CA VAL A 73 -0.86 3.76 3.48
C VAL A 73 -0.08 4.94 4.04
N SER A 74 -0.79 6.03 4.32
CA SER A 74 -0.16 7.22 4.87
C SER A 74 0.90 6.86 5.90
N CYS A 75 0.60 5.86 6.74
CA CYS A 75 1.53 5.42 7.76
C CYS A 75 2.68 4.62 7.15
N LEU A 76 2.33 3.59 6.40
CA LEU A 76 3.33 2.74 5.75
C LEU A 76 4.42 3.58 5.10
N GLN A 77 4.01 4.59 4.33
CA GLN A 77 4.95 5.46 3.66
C GLN A 77 6.13 5.81 4.56
N GLY A 78 7.24 6.22 3.96
CA GLY A 78 8.42 6.57 4.73
C GLY A 78 9.19 5.35 5.19
N LEU A 79 8.52 4.44 5.88
CA LEU A 79 9.15 3.22 6.37
C LEU A 79 9.75 2.42 5.22
N ARG A 80 11.02 2.03 5.38
CA ARG A 80 11.71 1.26 4.36
C ARG A 80 12.57 0.17 4.99
N LEU A 81 12.68 -0.96 4.31
CA LEU A 81 13.47 -2.09 4.81
C LEU A 81 14.80 -2.17 4.09
N GLY A 82 15.81 -2.70 4.77
CA GLY A 82 17.13 -2.83 4.18
C GLY A 82 17.69 -1.50 3.70
N THR A 83 17.99 -1.42 2.41
CA THR A 83 18.53 -0.20 1.83
C THR A 83 17.74 0.21 0.59
N ASP A 84 16.42 0.11 0.67
CA ASP A 84 15.55 0.48 -0.44
C ASP A 84 14.14 0.79 0.06
N THR A 85 13.61 1.93 -0.37
CA THR A 85 12.26 2.35 0.03
C THR A 85 11.20 1.53 -0.71
N LEU A 86 10.55 0.63 0.02
CA LEU A 86 9.51 -0.21 -0.56
C LEU A 86 8.48 0.63 -1.29
N ARG A 87 8.10 0.19 -2.49
CA ARG A 87 7.12 0.90 -3.30
C ARG A 87 5.70 0.61 -2.81
N VAL A 88 5.21 1.47 -1.93
CA VAL A 88 3.86 1.31 -1.38
C VAL A 88 2.86 2.23 -2.09
N ALA A 89 1.76 1.66 -2.54
CA ALA A 89 0.73 2.42 -3.24
C ALA A 89 -0.53 1.59 -3.43
N LEU A 90 -1.69 2.23 -3.25
CA LEU A 90 -2.96 1.55 -3.41
C LEU A 90 -3.00 0.75 -4.71
N ALA A 91 -3.44 -0.51 -4.62
CA ALA A 91 -3.53 -1.38 -5.78
C ALA A 91 -4.85 -1.18 -6.51
N ARG A 92 -5.30 0.06 -6.58
CA ARG A 92 -6.55 0.39 -7.25
C ARG A 92 -6.68 -0.38 -8.58
N GLN A 93 -5.63 -0.30 -9.39
CA GLN A 93 -5.61 -0.97 -10.68
C GLN A 93 -5.69 -2.49 -10.51
N GLN A 94 -6.36 -3.15 -11.44
CA GLN A 94 -6.51 -4.60 -11.39
C GLN A 94 -6.85 -5.17 -12.76
N ARG A 95 -6.62 -6.46 -12.94
CA ARG A 95 -6.91 -7.12 -14.21
C ARG A 95 -8.12 -8.03 -14.09
N ASP A 96 -9.18 -7.69 -14.82
CA ASP A 96 -10.41 -8.48 -14.80
C ASP A 96 -10.97 -8.65 -16.21
N LYS A 97 -11.23 -9.90 -16.59
CA LYS A 97 -11.76 -10.20 -17.91
C LYS A 97 -13.12 -9.55 -18.11
N GLY A 1 26.74 28.34 -11.71
CA GLY A 1 26.32 27.17 -10.96
C GLY A 1 25.67 27.54 -9.63
N SER A 2 24.35 27.68 -9.64
CA SER A 2 23.61 28.04 -8.44
C SER A 2 22.22 27.40 -8.44
N SER A 3 21.74 27.02 -7.26
CA SER A 3 20.44 26.41 -7.13
C SER A 3 19.42 27.38 -6.56
N GLY A 4 18.14 27.02 -6.63
CA GLY A 4 17.10 27.88 -6.11
C GLY A 4 15.82 27.80 -6.93
N SER A 5 15.37 26.59 -7.19
CA SER A 5 14.16 26.37 -7.97
C SER A 5 13.43 25.11 -7.52
N SER A 6 12.20 25.29 -7.03
CA SER A 6 11.40 24.17 -6.56
C SER A 6 10.01 24.19 -7.19
N GLY A 7 9.60 23.06 -7.77
CA GLY A 7 8.30 22.98 -8.39
C GLY A 7 7.58 21.69 -8.05
N PRO A 8 7.09 21.59 -6.80
CA PRO A 8 6.37 20.41 -6.33
C PRO A 8 4.93 20.35 -6.83
N GLY A 9 4.24 19.25 -6.55
CA GLY A 9 2.87 19.11 -6.99
C GLY A 9 2.19 17.90 -6.36
N SER A 10 1.64 18.09 -5.17
CA SER A 10 0.96 17.02 -4.45
C SER A 10 -0.56 17.12 -4.62
N PRO A 11 -1.22 15.97 -4.70
CA PRO A 11 -2.67 15.90 -4.87
C PRO A 11 -3.42 16.14 -3.56
N PRO A 12 -4.61 16.74 -3.66
CA PRO A 12 -5.44 17.04 -2.48
C PRO A 12 -6.17 15.81 -1.95
N GLY A 13 -5.72 14.63 -2.39
CA GLY A 13 -6.33 13.39 -1.94
C GLY A 13 -7.01 12.65 -3.07
N GLU A 14 -6.87 11.32 -3.08
CA GLU A 14 -7.47 10.49 -4.12
C GLU A 14 -7.61 9.05 -3.65
N GLY A 15 -8.27 8.23 -4.45
CA GLY A 15 -8.45 6.83 -4.11
C GLY A 15 -9.33 6.09 -5.10
N ALA A 16 -9.36 4.78 -5.00
CA ALA A 16 -10.16 3.95 -5.90
C ALA A 16 -11.50 3.61 -5.27
N PRO A 17 -12.55 3.56 -6.09
CA PRO A 17 -13.92 3.24 -5.65
C PRO A 17 -14.11 1.75 -5.40
N LEU A 18 -14.91 1.42 -4.40
CA LEU A 18 -15.18 0.02 -4.06
C LEU A 18 -13.91 -0.83 -4.17
N ALA A 19 -12.81 -0.28 -3.64
CA ALA A 19 -11.53 -0.98 -3.67
C ALA A 19 -10.64 -0.53 -2.53
N ALA A 20 -10.24 -1.47 -1.68
CA ALA A 20 -9.38 -1.16 -0.54
C ALA A 20 -8.12 -2.03 -0.56
N ASP A 21 -7.57 -2.25 -1.75
CA ASP A 21 -6.37 -3.06 -1.90
C ASP A 21 -5.13 -2.19 -2.01
N VAL A 22 -4.11 -2.50 -1.23
CA VAL A 22 -2.87 -1.75 -1.25
C VAL A 22 -1.72 -2.57 -1.82
N TYR A 23 -0.99 -1.99 -2.76
CA TYR A 23 0.14 -2.67 -3.40
C TYR A 23 1.45 -2.35 -2.69
N VAL A 24 2.20 -3.38 -2.33
CA VAL A 24 3.48 -3.21 -1.65
C VAL A 24 4.56 -4.06 -2.29
N GLY A 25 5.33 -3.45 -3.19
CA GLY A 25 6.40 -4.17 -3.86
C GLY A 25 7.76 -3.57 -3.58
N ASN A 26 8.72 -3.85 -4.47
CA ASN A 26 10.08 -3.34 -4.31
C ASN A 26 10.72 -3.87 -3.04
N LEU A 27 10.56 -5.17 -2.81
CA LEU A 27 11.12 -5.81 -1.63
C LEU A 27 12.56 -6.27 -1.88
N PRO A 28 13.39 -6.20 -0.85
CA PRO A 28 14.81 -6.60 -0.93
C PRO A 28 14.98 -7.93 -1.65
N ARG A 29 16.15 -8.11 -2.26
CA ARG A 29 16.45 -9.34 -2.99
C ARG A 29 16.29 -10.56 -2.08
N ASP A 30 16.62 -10.38 -0.81
CA ASP A 30 16.52 -11.46 0.17
C ASP A 30 15.70 -11.03 1.38
N ALA A 31 14.66 -10.24 1.13
CA ALA A 31 13.80 -9.76 2.20
C ALA A 31 13.00 -10.90 2.82
N ARG A 32 12.40 -10.64 3.98
CA ARG A 32 11.61 -11.65 4.67
C ARG A 32 10.16 -11.20 4.82
N VAL A 33 9.27 -12.15 5.11
CA VAL A 33 7.86 -11.85 5.27
C VAL A 33 7.56 -11.40 6.70
N SER A 34 8.29 -11.97 7.66
CA SER A 34 8.10 -11.62 9.06
C SER A 34 8.64 -10.23 9.37
N ASP A 35 9.43 -9.70 8.43
CA ASP A 35 10.03 -8.38 8.60
C ASP A 35 9.02 -7.28 8.27
N LEU A 36 8.37 -7.43 7.11
CA LEU A 36 7.37 -6.45 6.67
C LEU A 36 6.19 -6.40 7.63
N LYS A 37 5.61 -7.56 7.89
CA LYS A 37 4.46 -7.65 8.80
C LYS A 37 4.77 -6.98 10.14
N ARG A 38 5.94 -7.30 10.69
CA ARG A 38 6.36 -6.72 11.96
C ARG A 38 6.01 -5.25 12.03
N ALA A 39 6.50 -4.48 11.07
CA ALA A 39 6.25 -3.05 11.01
C ALA A 39 4.76 -2.75 10.87
N LEU A 40 4.04 -3.68 10.24
CA LEU A 40 2.59 -3.53 10.04
C LEU A 40 1.84 -3.70 11.36
N ARG A 41 2.28 -4.67 12.17
CA ARG A 41 1.65 -4.94 13.44
C ARG A 41 1.80 -3.73 14.39
N GLU A 42 3.02 -3.22 14.49
CA GLU A 42 3.29 -2.08 15.36
C GLU A 42 2.64 -0.82 14.81
N LEU A 43 2.53 -0.73 13.48
CA LEU A 43 1.93 0.43 12.84
C LEU A 43 0.43 0.24 12.68
N GLY A 44 -0.15 -0.64 13.48
CA GLY A 44 -1.57 -0.90 13.42
C GLY A 44 -2.07 -1.09 12.00
N SER A 45 -1.16 -1.45 11.10
CA SER A 45 -1.50 -1.66 9.70
C SER A 45 -1.67 -3.14 9.40
N VAL A 46 -2.49 -3.81 10.20
CA VAL A 46 -2.73 -5.24 10.01
C VAL A 46 -4.06 -5.48 9.30
N PRO A 47 -3.98 -5.80 8.01
CA PRO A 47 -5.17 -6.06 7.18
C PRO A 47 -5.79 -7.43 7.47
N LEU A 48 -6.88 -7.73 6.79
CA LEU A 48 -7.57 -9.01 6.97
C LEU A 48 -6.80 -10.15 6.31
N ARG A 49 -6.26 -9.88 5.13
CA ARG A 49 -5.49 -10.88 4.40
C ARG A 49 -4.26 -10.26 3.76
N LEU A 50 -3.13 -10.95 3.86
CA LEU A 50 -1.87 -10.46 3.29
C LEU A 50 -1.28 -11.49 2.34
N THR A 51 -1.16 -11.13 1.06
CA THR A 51 -0.60 -12.02 0.07
C THR A 51 0.84 -11.65 -0.26
N TRP A 52 1.78 -12.30 0.43
CA TRP A 52 3.20 -12.03 0.22
C TRP A 52 3.78 -13.01 -0.79
N GLN A 53 4.75 -12.53 -1.58
CA GLN A 53 5.39 -13.36 -2.59
C GLN A 53 6.90 -13.45 -2.36
N GLY A 54 7.49 -14.56 -2.77
CA GLY A 54 8.92 -14.74 -2.59
C GLY A 54 9.72 -14.24 -3.77
N PRO A 55 9.59 -14.93 -4.92
CA PRO A 55 10.29 -14.56 -6.14
C PRO A 55 9.67 -13.38 -6.85
N ARG A 56 8.43 -13.07 -6.48
CA ARG A 56 7.70 -11.95 -7.08
C ARG A 56 8.01 -10.65 -6.35
N ARG A 57 8.56 -10.77 -5.15
CA ARG A 57 8.90 -9.61 -4.33
C ARG A 57 7.71 -8.67 -4.23
N ARG A 58 6.51 -9.21 -4.33
CA ARG A 58 5.28 -8.42 -4.24
C ARG A 58 4.52 -8.73 -2.95
N ALA A 59 3.81 -7.73 -2.45
CA ALA A 59 3.03 -7.90 -1.22
C ALA A 59 1.71 -7.13 -1.31
N PHE A 60 0.61 -7.87 -1.32
CA PHE A 60 -0.72 -7.25 -1.39
C PHE A 60 -1.39 -7.25 -0.02
N LEU A 61 -2.10 -6.17 0.28
CA LEU A 61 -2.79 -6.04 1.56
C LEU A 61 -4.29 -5.87 1.34
N HIS A 62 -5.07 -6.82 1.87
CA HIS A 62 -6.51 -6.78 1.74
C HIS A 62 -7.15 -6.09 2.94
N TYR A 63 -7.72 -4.91 2.72
CA TYR A 63 -8.35 -4.15 3.79
C TYR A 63 -9.87 -4.28 3.72
N PRO A 64 -10.53 -4.06 4.87
CA PRO A 64 -11.99 -4.14 4.97
C PRO A 64 -12.69 -2.92 4.38
N ASP A 65 -12.26 -1.73 4.81
CA ASP A 65 -12.85 -0.49 4.32
C ASP A 65 -11.77 0.44 3.79
N SER A 66 -12.10 1.18 2.73
CA SER A 66 -11.15 2.11 2.12
C SER A 66 -10.44 2.93 3.18
N ALA A 67 -11.19 3.40 4.18
CA ALA A 67 -10.63 4.19 5.26
C ALA A 67 -9.65 3.38 6.09
N ALA A 68 -9.95 2.10 6.26
CA ALA A 68 -9.09 1.20 7.03
C ALA A 68 -7.74 1.01 6.35
N ALA A 69 -7.71 1.24 5.04
CA ALA A 69 -6.49 1.09 4.27
C ALA A 69 -5.75 2.43 4.13
N GLN A 70 -6.49 3.45 3.75
CA GLN A 70 -5.92 4.79 3.58
C GLN A 70 -5.21 5.24 4.85
N GLN A 71 -5.86 5.03 6.00
CA GLN A 71 -5.29 5.42 7.28
C GLN A 71 -3.92 4.79 7.48
N ALA A 72 -3.79 3.52 7.10
CA ALA A 72 -2.53 2.81 7.24
C ALA A 72 -1.49 3.33 6.26
N VAL A 73 -1.80 3.27 4.97
CA VAL A 73 -0.90 3.74 3.93
C VAL A 73 -0.13 4.98 4.40
N SER A 74 -0.84 6.09 4.55
CA SER A 74 -0.24 7.33 4.99
C SER A 74 0.90 7.06 5.97
N CYS A 75 0.70 6.10 6.86
CA CYS A 75 1.71 5.74 7.85
C CYS A 75 2.78 4.86 7.24
N LEU A 76 2.36 3.82 6.54
CA LEU A 76 3.30 2.90 5.90
C LEU A 76 4.32 3.65 5.06
N GLN A 77 3.84 4.58 4.25
CA GLN A 77 4.72 5.37 3.39
C GLN A 77 6.02 5.71 4.11
N GLY A 78 7.08 5.94 3.33
CA GLY A 78 8.36 6.27 3.92
C GLY A 78 9.08 5.05 4.46
N LEU A 79 8.36 4.26 5.27
CA LEU A 79 8.95 3.06 5.86
C LEU A 79 9.80 2.30 4.85
N ARG A 80 11.07 2.11 5.18
CA ARG A 80 11.99 1.40 4.30
C ARG A 80 12.75 0.32 5.06
N LEU A 81 13.26 -0.67 4.34
CA LEU A 81 14.01 -1.76 4.95
C LEU A 81 15.49 -1.64 4.63
N GLY A 82 16.33 -2.15 5.54
CA GLY A 82 17.76 -2.09 5.33
C GLY A 82 18.21 -0.80 4.67
N THR A 83 18.46 -0.87 3.36
CA THR A 83 18.89 0.30 2.60
C THR A 83 17.97 0.56 1.42
N ASP A 84 17.17 -0.44 1.07
CA ASP A 84 16.23 -0.32 -0.04
C ASP A 84 14.85 0.08 0.45
N THR A 85 14.23 1.02 -0.26
CA THR A 85 12.90 1.50 0.10
C THR A 85 11.81 0.70 -0.61
N LEU A 86 10.69 0.50 0.07
CA LEU A 86 9.58 -0.25 -0.49
C LEU A 86 8.61 0.67 -1.22
N ARG A 87 7.97 0.15 -2.26
CA ARG A 87 7.01 0.92 -3.04
C ARG A 87 5.58 0.62 -2.62
N VAL A 88 4.97 1.56 -1.90
CA VAL A 88 3.60 1.39 -1.43
C VAL A 88 2.66 2.39 -2.10
N ALA A 89 1.49 1.91 -2.50
CA ALA A 89 0.51 2.76 -3.15
C ALA A 89 -0.83 2.03 -3.31
N LEU A 90 -1.92 2.74 -3.04
CA LEU A 90 -3.25 2.16 -3.16
C LEU A 90 -3.42 1.46 -4.50
N ALA A 91 -3.69 0.16 -4.45
CA ALA A 91 -3.89 -0.63 -5.67
C ALA A 91 -5.32 -0.51 -6.17
N ARG A 92 -5.54 -0.93 -7.42
CA ARG A 92 -6.86 -0.87 -8.02
C ARG A 92 -6.86 -1.53 -9.39
N GLN A 93 -8.05 -1.94 -9.85
CA GLN A 93 -8.18 -2.59 -11.15
C GLN A 93 -8.19 -1.55 -12.28
N GLN A 94 -7.20 -1.63 -13.16
CA GLN A 94 -7.10 -0.70 -14.28
C GLN A 94 -7.83 -1.24 -15.50
N ARG A 95 -9.15 -1.30 -15.41
CA ARG A 95 -9.97 -1.81 -16.51
C ARG A 95 -11.09 -0.83 -16.85
N ASP A 96 -11.45 -0.76 -18.12
CA ASP A 96 -12.51 0.13 -18.57
C ASP A 96 -13.89 -0.45 -18.24
N LYS A 97 -14.76 0.39 -17.71
CA LYS A 97 -16.11 -0.04 -17.34
C LYS A 97 -17.12 1.07 -17.59
N GLY A 1 -2.96 39.57 13.69
CA GLY A 1 -2.11 38.75 12.85
C GLY A 1 -1.80 39.40 11.51
N SER A 2 -1.55 38.58 10.50
CA SER A 2 -1.24 39.08 9.16
C SER A 2 -1.14 37.93 8.16
N SER A 3 -1.96 38.01 7.11
CA SER A 3 -1.97 36.97 6.07
C SER A 3 -2.63 37.49 4.80
N GLY A 4 -2.31 36.87 3.68
CA GLY A 4 -2.87 37.28 2.41
C GLY A 4 -2.51 36.33 1.28
N SER A 5 -2.60 35.03 1.54
CA SER A 5 -2.27 34.02 0.54
C SER A 5 -3.17 32.80 0.69
N SER A 6 -3.49 32.16 -0.44
CA SER A 6 -4.34 30.98 -0.44
C SER A 6 -4.27 30.26 -1.77
N GLY A 7 -4.55 28.96 -1.76
CA GLY A 7 -4.50 28.17 -2.97
C GLY A 7 -4.64 26.68 -2.71
N PRO A 8 -5.87 26.25 -2.38
CA PRO A 8 -6.15 24.83 -2.10
C PRO A 8 -5.51 23.90 -3.12
N GLY A 9 -5.70 24.20 -4.40
CA GLY A 9 -5.13 23.37 -5.45
C GLY A 9 -6.06 22.26 -5.88
N SER A 10 -5.98 21.88 -7.14
CA SER A 10 -6.83 20.82 -7.68
C SER A 10 -6.00 19.75 -8.36
N PRO A 11 -5.64 18.70 -7.61
CA PRO A 11 -4.84 17.58 -8.11
C PRO A 11 -5.30 17.13 -9.50
N PRO A 12 -4.34 16.69 -10.32
CA PRO A 12 -4.61 16.23 -11.68
C PRO A 12 -5.78 15.24 -11.72
N GLY A 13 -6.82 15.59 -12.48
CA GLY A 13 -7.98 14.73 -12.59
C GLY A 13 -8.98 14.95 -11.46
N GLU A 14 -10.14 14.30 -11.56
CA GLU A 14 -11.17 14.43 -10.55
C GLU A 14 -12.07 13.19 -10.52
N GLY A 15 -12.51 12.82 -9.32
CA GLY A 15 -13.37 11.65 -9.18
C GLY A 15 -12.69 10.38 -9.63
N ALA A 16 -12.58 9.41 -8.72
CA ALA A 16 -11.95 8.14 -9.02
C ALA A 16 -12.44 7.04 -8.08
N PRO A 17 -12.59 5.82 -8.62
CA PRO A 17 -13.06 4.67 -7.86
C PRO A 17 -12.33 4.54 -6.51
N LEU A 18 -12.86 3.67 -5.64
CA LEU A 18 -12.26 3.46 -4.33
C LEU A 18 -11.87 2.00 -4.15
N ALA A 19 -10.62 1.78 -3.75
CA ALA A 19 -10.12 0.43 -3.54
C ALA A 19 -9.47 0.29 -2.16
N ALA A 20 -9.40 -0.94 -1.67
CA ALA A 20 -8.80 -1.20 -0.37
C ALA A 20 -7.47 -1.91 -0.50
N ASP A 21 -7.34 -2.73 -1.54
CA ASP A 21 -6.10 -3.47 -1.80
C ASP A 21 -4.92 -2.51 -1.98
N VAL A 22 -3.91 -2.66 -1.14
CA VAL A 22 -2.72 -1.82 -1.21
C VAL A 22 -1.53 -2.59 -1.77
N TYR A 23 -0.93 -2.05 -2.82
CA TYR A 23 0.22 -2.69 -3.45
C TYR A 23 1.51 -2.27 -2.77
N VAL A 24 2.42 -3.23 -2.60
CA VAL A 24 3.70 -2.97 -1.95
C VAL A 24 4.83 -3.72 -2.65
N GLY A 25 5.72 -2.98 -3.30
CA GLY A 25 6.84 -3.59 -3.99
C GLY A 25 8.17 -3.14 -3.46
N ASN A 26 9.22 -3.30 -4.27
CA ASN A 26 10.57 -2.89 -3.88
C ASN A 26 11.01 -3.64 -2.63
N LEU A 27 10.75 -4.95 -2.60
CA LEU A 27 11.13 -5.78 -1.46
C LEU A 27 12.61 -6.16 -1.53
N PRO A 28 13.30 -6.04 -0.39
CA PRO A 28 14.72 -6.36 -0.28
C PRO A 28 15.07 -7.67 -0.98
N ARG A 29 16.36 -7.92 -1.15
CA ARG A 29 16.83 -9.14 -1.81
C ARG A 29 16.30 -10.38 -1.07
N ASP A 30 16.59 -10.46 0.22
CA ASP A 30 16.15 -11.59 1.03
C ASP A 30 15.25 -11.12 2.17
N ALA A 31 14.29 -10.27 1.85
CA ALA A 31 13.36 -9.75 2.85
C ALA A 31 12.58 -10.87 3.51
N ARG A 32 12.25 -10.69 4.78
CA ARG A 32 11.51 -11.70 5.53
C ARG A 32 10.06 -11.26 5.75
N VAL A 33 9.12 -12.08 5.27
CA VAL A 33 7.70 -11.76 5.41
C VAL A 33 7.37 -11.34 6.84
N SER A 34 8.21 -11.74 7.79
CA SER A 34 8.00 -11.40 9.18
C SER A 34 8.44 -9.97 9.48
N ASP A 35 9.54 -9.57 8.86
CA ASP A 35 10.07 -8.22 9.04
C ASP A 35 9.01 -7.18 8.72
N LEU A 36 8.25 -7.42 7.66
CA LEU A 36 7.19 -6.49 7.25
C LEU A 36 6.05 -6.49 8.25
N LYS A 37 5.64 -7.68 8.68
CA LYS A 37 4.56 -7.82 9.64
C LYS A 37 4.90 -7.13 10.96
N ARG A 38 6.09 -7.41 11.46
CA ARG A 38 6.55 -6.81 12.72
C ARG A 38 6.10 -5.36 12.83
N ALA A 39 6.53 -4.54 11.88
CA ALA A 39 6.18 -3.13 11.87
C ALA A 39 4.66 -2.94 11.84
N LEU A 40 4.05 -3.29 10.71
CA LEU A 40 2.60 -3.16 10.56
C LEU A 40 1.89 -3.45 11.87
N ARG A 41 2.20 -4.59 12.47
CA ARG A 41 1.59 -4.98 13.73
C ARG A 41 1.72 -3.86 14.78
N GLU A 42 2.93 -3.34 14.92
CA GLU A 42 3.19 -2.27 15.88
C GLU A 42 2.49 -0.98 15.45
N LEU A 43 2.39 -0.78 14.14
CA LEU A 43 1.73 0.42 13.61
C LEU A 43 0.23 0.19 13.44
N GLY A 44 -0.31 -0.74 14.22
CA GLY A 44 -1.73 -1.04 14.14
C GLY A 44 -2.22 -1.13 12.72
N SER A 45 -1.32 -1.46 11.79
CA SER A 45 -1.68 -1.58 10.39
C SER A 45 -1.78 -3.05 9.97
N VAL A 46 -2.60 -3.80 10.69
CA VAL A 46 -2.79 -5.21 10.40
C VAL A 46 -4.08 -5.44 9.62
N PRO A 47 -3.94 -5.68 8.30
CA PRO A 47 -5.08 -5.93 7.41
C PRO A 47 -5.66 -7.32 7.59
N LEU A 48 -6.76 -7.59 6.89
CA LEU A 48 -7.41 -8.90 6.96
C LEU A 48 -6.63 -9.94 6.18
N ARG A 49 -6.27 -9.60 4.95
CA ARG A 49 -5.50 -10.51 4.10
C ARG A 49 -4.20 -9.87 3.64
N LEU A 50 -3.12 -10.65 3.68
CA LEU A 50 -1.81 -10.15 3.27
C LEU A 50 -1.12 -11.15 2.35
N THR A 51 -0.90 -10.74 1.10
CA THR A 51 -0.25 -11.61 0.12
C THR A 51 1.22 -11.24 -0.02
N TRP A 52 2.07 -12.27 -0.16
CA TRP A 52 3.50 -12.06 -0.31
C TRP A 52 4.08 -12.97 -1.39
N GLN A 53 4.97 -12.41 -2.21
CA GLN A 53 5.59 -13.18 -3.28
C GLN A 53 7.11 -13.11 -3.20
N GLY A 54 7.77 -14.16 -3.67
CA GLY A 54 9.22 -14.19 -3.63
C GLY A 54 9.84 -13.76 -4.94
N PRO A 55 9.97 -14.69 -5.89
CA PRO A 55 10.56 -14.42 -7.20
C PRO A 55 9.97 -13.16 -7.84
N ARG A 56 8.82 -12.73 -7.34
CA ARG A 56 8.16 -11.54 -7.87
C ARG A 56 8.49 -10.32 -7.03
N ARG A 57 8.76 -10.54 -5.75
CA ARG A 57 9.10 -9.45 -4.83
C ARG A 57 7.94 -8.47 -4.73
N ARG A 58 6.72 -8.98 -4.60
CA ARG A 58 5.54 -8.14 -4.49
C ARG A 58 4.72 -8.53 -3.26
N ALA A 59 3.98 -7.55 -2.73
CA ALA A 59 3.15 -7.78 -1.56
C ALA A 59 1.85 -6.99 -1.64
N PHE A 60 0.77 -7.57 -1.11
CA PHE A 60 -0.53 -6.92 -1.12
C PHE A 60 -1.14 -6.88 0.27
N LEU A 61 -1.89 -5.82 0.56
CA LEU A 61 -2.52 -5.66 1.86
C LEU A 61 -3.99 -5.29 1.71
N HIS A 62 -4.87 -6.28 1.90
CA HIS A 62 -6.30 -6.05 1.78
C HIS A 62 -6.91 -5.65 3.12
N TYR A 63 -7.47 -4.46 3.18
CA TYR A 63 -8.08 -3.94 4.40
C TYR A 63 -9.59 -4.09 4.36
N PRO A 64 -10.21 -4.20 5.55
CA PRO A 64 -11.67 -4.35 5.69
C PRO A 64 -12.43 -3.38 4.79
N ASP A 65 -12.00 -2.12 4.78
CA ASP A 65 -12.65 -1.09 3.97
C ASP A 65 -11.62 -0.12 3.41
N SER A 66 -12.06 0.75 2.51
CA SER A 66 -11.18 1.74 1.89
C SER A 66 -10.47 2.57 2.96
N ALA A 67 -11.24 3.18 3.85
CA ALA A 67 -10.70 3.99 4.92
C ALA A 67 -9.57 3.26 5.65
N ALA A 68 -9.84 2.01 6.02
CA ALA A 68 -8.85 1.20 6.73
C ALA A 68 -7.53 1.17 5.98
N ALA A 69 -7.61 1.04 4.65
CA ALA A 69 -6.42 0.99 3.82
C ALA A 69 -5.74 2.36 3.76
N GLN A 70 -6.45 3.35 3.22
CA GLN A 70 -5.93 4.70 3.10
C GLN A 70 -5.19 5.11 4.38
N GLN A 71 -5.89 5.02 5.51
CA GLN A 71 -5.29 5.39 6.79
C GLN A 71 -3.91 4.77 6.95
N ALA A 72 -3.80 3.49 6.65
CA ALA A 72 -2.53 2.79 6.76
C ALA A 72 -1.50 3.37 5.80
N VAL A 73 -1.83 3.37 4.51
CA VAL A 73 -0.93 3.90 3.49
C VAL A 73 -0.15 5.10 4.01
N SER A 74 -0.86 6.18 4.31
CA SER A 74 -0.23 7.39 4.82
C SER A 74 0.87 7.05 5.81
N CYS A 75 0.59 6.13 6.72
CA CYS A 75 1.56 5.71 7.72
C CYS A 75 2.68 4.89 7.09
N LEU A 76 2.32 3.79 6.44
CA LEU A 76 3.28 2.92 5.80
C LEU A 76 4.38 3.74 5.12
N GLN A 77 3.97 4.81 4.44
CA GLN A 77 4.91 5.67 3.74
C GLN A 77 6.21 5.82 4.53
N GLY A 78 7.31 6.05 3.82
CA GLY A 78 8.60 6.20 4.47
C GLY A 78 9.20 4.87 4.89
N LEU A 79 8.41 4.05 5.57
CA LEU A 79 8.87 2.74 6.03
C LEU A 79 9.44 1.94 4.87
N ARG A 80 10.68 1.47 5.04
CA ARG A 80 11.34 0.68 4.00
C ARG A 80 12.15 -0.46 4.63
N LEU A 81 12.46 -1.46 3.83
CA LEU A 81 13.22 -2.61 4.29
C LEU A 81 14.56 -2.72 3.56
N GLY A 82 15.47 -3.50 4.13
CA GLY A 82 16.78 -3.67 3.52
C GLY A 82 17.41 -2.34 3.11
N THR A 83 17.54 -2.13 1.81
CA THR A 83 18.14 -0.91 1.29
C THR A 83 17.19 -0.22 0.30
N ASP A 84 16.29 -0.99 -0.28
CA ASP A 84 15.33 -0.46 -1.24
C ASP A 84 14.10 0.10 -0.54
N THR A 85 13.57 1.20 -1.06
CA THR A 85 12.39 1.83 -0.48
C THR A 85 11.11 1.20 -1.01
N LEU A 86 10.50 0.34 -0.20
CA LEU A 86 9.27 -0.33 -0.59
C LEU A 86 8.34 0.62 -1.34
N ARG A 87 7.62 0.08 -2.32
CA ARG A 87 6.70 0.88 -3.13
C ARG A 87 5.26 0.64 -2.70
N VAL A 88 4.81 1.38 -1.69
CA VAL A 88 3.45 1.26 -1.19
C VAL A 88 2.52 2.26 -1.84
N ALA A 89 1.42 1.76 -2.42
CA ALA A 89 0.45 2.63 -3.08
C ALA A 89 -0.84 1.87 -3.36
N LEU A 90 -1.97 2.58 -3.23
CA LEU A 90 -3.27 1.98 -3.46
C LEU A 90 -3.31 1.25 -4.80
N ALA A 91 -3.69 -0.02 -4.76
CA ALA A 91 -3.78 -0.82 -5.98
C ALA A 91 -5.19 -0.80 -6.56
N ARG A 92 -5.46 0.20 -7.39
CA ARG A 92 -6.77 0.34 -8.01
C ARG A 92 -6.66 0.25 -9.53
N GLN A 93 -7.56 -0.53 -10.14
CA GLN A 93 -7.57 -0.70 -11.59
C GLN A 93 -8.64 0.17 -12.23
N GLN A 94 -8.45 0.48 -13.51
CA GLN A 94 -9.39 1.31 -14.24
C GLN A 94 -10.50 0.45 -14.86
N ARG A 95 -11.72 0.98 -14.84
CA ARG A 95 -12.86 0.26 -15.40
C ARG A 95 -13.98 1.22 -15.80
N ASP A 96 -14.77 0.82 -16.78
CA ASP A 96 -15.88 1.65 -17.26
C ASP A 96 -16.97 0.80 -17.89
N LYS A 97 -18.21 1.28 -17.80
CA LYS A 97 -19.35 0.55 -18.37
C LYS A 97 -19.44 0.80 -19.87
N GLY A 1 11.35 25.74 5.09
CA GLY A 1 10.41 25.93 6.18
C GLY A 1 8.98 26.16 5.69
N SER A 2 8.16 25.12 5.79
CA SER A 2 6.77 25.20 5.36
C SER A 2 6.07 26.41 5.96
N SER A 3 6.00 27.50 5.19
CA SER A 3 5.37 28.72 5.66
C SER A 3 3.93 28.45 6.12
N GLY A 4 3.17 27.76 5.28
CA GLY A 4 1.80 27.44 5.62
C GLY A 4 0.93 27.22 4.40
N SER A 5 0.99 26.01 3.84
CA SER A 5 0.22 25.68 2.65
C SER A 5 -1.28 25.70 2.96
N SER A 6 -1.98 26.68 2.40
CA SER A 6 -3.42 26.82 2.62
C SER A 6 -4.18 25.74 1.85
N GLY A 7 -4.00 25.71 0.54
CA GLY A 7 -4.69 24.73 -0.28
C GLY A 7 -6.18 24.93 -0.30
N PRO A 8 -6.64 25.93 -1.08
CA PRO A 8 -8.06 26.25 -1.19
C PRO A 8 -8.80 25.27 -2.12
N GLY A 9 -10.09 25.50 -2.29
CA GLY A 9 -10.90 24.64 -3.14
C GLY A 9 -11.61 23.55 -2.35
N SER A 10 -12.94 23.63 -2.33
CA SER A 10 -13.74 22.65 -1.61
C SER A 10 -13.52 21.25 -2.15
N PRO A 11 -12.87 20.40 -1.34
CA PRO A 11 -12.56 19.01 -1.72
C PRO A 11 -13.75 18.32 -2.38
N PRO A 12 -13.71 18.20 -3.71
CA PRO A 12 -14.77 17.56 -4.48
C PRO A 12 -14.75 16.04 -4.37
N GLY A 13 -15.91 15.42 -4.50
CA GLY A 13 -16.00 13.97 -4.40
C GLY A 13 -17.38 13.45 -4.72
N GLU A 14 -17.56 12.94 -5.93
CA GLU A 14 -18.85 12.41 -6.35
C GLU A 14 -18.94 10.90 -6.09
N GLY A 15 -18.22 10.46 -5.06
CA GLY A 15 -18.23 9.04 -4.72
C GLY A 15 -16.83 8.49 -4.50
N ALA A 16 -16.72 7.48 -3.65
CA ALA A 16 -15.43 6.87 -3.36
C ALA A 16 -15.50 5.35 -3.52
N PRO A 17 -14.40 4.76 -4.02
CA PRO A 17 -14.30 3.32 -4.24
C PRO A 17 -14.06 2.54 -2.94
N LEU A 18 -14.92 1.57 -2.67
CA LEU A 18 -14.79 0.77 -1.45
C LEU A 18 -13.52 -0.07 -1.49
N ALA A 19 -12.89 -0.14 -2.66
CA ALA A 19 -11.66 -0.90 -2.83
C ALA A 19 -10.59 -0.44 -1.84
N ALA A 20 -10.30 -1.27 -0.85
CA ALA A 20 -9.29 -0.96 0.15
C ALA A 20 -8.05 -1.82 -0.01
N ASP A 21 -7.62 -1.98 -1.26
CA ASP A 21 -6.44 -2.78 -1.55
C ASP A 21 -5.18 -1.91 -1.62
N VAL A 22 -4.05 -2.47 -1.21
CA VAL A 22 -2.79 -1.74 -1.23
C VAL A 22 -1.68 -2.60 -1.83
N TYR A 23 -0.87 -1.98 -2.69
CA TYR A 23 0.23 -2.67 -3.35
C TYR A 23 1.56 -2.28 -2.72
N VAL A 24 2.38 -3.29 -2.43
CA VAL A 24 3.68 -3.06 -1.83
C VAL A 24 4.77 -3.90 -2.52
N GLY A 25 5.61 -3.22 -3.29
CA GLY A 25 6.67 -3.91 -4.00
C GLY A 25 8.06 -3.41 -3.61
N ASN A 26 9.03 -3.64 -4.48
CA ASN A 26 10.40 -3.20 -4.21
C ASN A 26 10.92 -3.80 -2.91
N LEU A 27 10.68 -5.09 -2.73
CA LEU A 27 11.13 -5.80 -1.53
C LEU A 27 12.63 -6.11 -1.61
N PRO A 28 13.31 -6.06 -0.46
CA PRO A 28 14.74 -6.34 -0.37
C PRO A 28 15.14 -7.59 -1.15
N ARG A 29 16.44 -7.76 -1.36
CA ARG A 29 16.94 -8.92 -2.08
C ARG A 29 16.42 -10.22 -1.49
N ASP A 30 16.64 -10.38 -0.19
CA ASP A 30 16.18 -11.59 0.51
C ASP A 30 15.24 -11.22 1.67
N ALA A 31 14.37 -10.25 1.43
CA ALA A 31 13.42 -9.81 2.43
C ALA A 31 12.58 -10.99 2.94
N ARG A 32 12.22 -10.94 4.22
CA ARG A 32 11.42 -11.99 4.83
C ARG A 32 10.00 -11.50 5.11
N VAL A 33 9.04 -12.43 5.05
CA VAL A 33 7.64 -12.10 5.29
C VAL A 33 7.41 -11.73 6.74
N SER A 34 8.38 -12.04 7.59
CA SER A 34 8.27 -11.74 9.02
C SER A 34 8.70 -10.30 9.31
N ASP A 35 9.68 -9.82 8.55
CA ASP A 35 10.17 -8.45 8.72
C ASP A 35 9.09 -7.44 8.36
N LEU A 36 8.43 -7.66 7.22
CA LEU A 36 7.38 -6.77 6.76
C LEU A 36 6.19 -6.78 7.72
N LYS A 37 5.75 -7.98 8.09
CA LYS A 37 4.63 -8.12 9.01
C LYS A 37 4.91 -7.44 10.34
N ARG A 38 6.11 -7.67 10.87
CA ARG A 38 6.51 -7.06 12.14
C ARG A 38 6.32 -5.55 12.10
N ALA A 39 6.55 -4.96 10.93
CA ALA A 39 6.41 -3.51 10.76
C ALA A 39 4.94 -3.11 10.69
N LEU A 40 4.13 -3.94 10.05
CA LEU A 40 2.70 -3.67 9.92
C LEU A 40 1.99 -3.82 11.27
N ARG A 41 2.45 -4.78 12.07
CA ARG A 41 1.85 -5.03 13.38
C ARG A 41 2.09 -3.84 14.31
N GLU A 42 3.35 -3.44 14.43
CA GLU A 42 3.72 -2.32 15.30
C GLU A 42 2.99 -1.04 14.86
N LEU A 43 2.72 -0.93 13.57
CA LEU A 43 2.03 0.23 13.03
C LEU A 43 0.52 0.02 13.00
N GLY A 44 0.07 -1.03 13.69
CA GLY A 44 -1.35 -1.32 13.72
C GLY A 44 -1.95 -1.41 12.34
N SER A 45 -1.11 -1.65 11.34
CA SER A 45 -1.58 -1.74 9.96
C SER A 45 -1.72 -3.20 9.53
N VAL A 46 -2.39 -3.99 10.36
CA VAL A 46 -2.59 -5.40 10.07
C VAL A 46 -3.97 -5.65 9.48
N PRO A 47 -4.02 -5.87 8.15
CA PRO A 47 -5.27 -6.13 7.44
C PRO A 47 -5.81 -7.53 7.70
N LEU A 48 -7.02 -7.80 7.19
CA LEU A 48 -7.65 -9.10 7.37
C LEU A 48 -6.91 -10.18 6.59
N ARG A 49 -6.63 -9.90 5.31
CA ARG A 49 -5.93 -10.84 4.47
C ARG A 49 -4.65 -10.22 3.91
N LEU A 50 -3.62 -11.06 3.73
CA LEU A 50 -2.34 -10.60 3.21
C LEU A 50 -1.75 -11.61 2.24
N THR A 51 -1.35 -11.13 1.06
CA THR A 51 -0.78 -11.99 0.04
C THR A 51 0.68 -11.62 -0.24
N TRP A 52 1.60 -12.41 0.30
CA TRP A 52 3.02 -12.16 0.12
C TRP A 52 3.60 -13.08 -0.96
N GLN A 53 4.54 -12.56 -1.75
CA GLN A 53 5.16 -13.33 -2.80
C GLN A 53 6.67 -13.45 -2.58
N GLY A 54 7.25 -14.56 -3.01
CA GLY A 54 8.67 -14.78 -2.85
C GLY A 54 9.48 -14.25 -4.02
N PRO A 55 9.28 -14.87 -5.20
CA PRO A 55 9.98 -14.48 -6.43
C PRO A 55 9.41 -13.21 -7.04
N ARG A 56 8.22 -12.83 -6.59
CA ARG A 56 7.56 -11.63 -7.11
C ARG A 56 7.99 -10.40 -6.34
N ARG A 57 8.77 -10.60 -5.28
CA ARG A 57 9.26 -9.51 -4.45
C ARG A 57 8.18 -8.46 -4.27
N ARG A 58 6.93 -8.90 -4.18
CA ARG A 58 5.80 -7.99 -4.01
C ARG A 58 4.81 -8.54 -2.98
N ALA A 59 3.93 -7.67 -2.48
CA ALA A 59 2.94 -8.07 -1.51
C ALA A 59 1.63 -7.29 -1.68
N PHE A 60 0.54 -7.86 -1.20
CA PHE A 60 -0.77 -7.21 -1.31
C PHE A 60 -1.48 -7.20 0.04
N LEU A 61 -2.02 -6.05 0.41
CA LEU A 61 -2.74 -5.90 1.66
C LEU A 61 -4.23 -5.70 1.43
N HIS A 62 -5.04 -6.50 2.11
CA HIS A 62 -6.50 -6.40 1.98
C HIS A 62 -7.13 -5.90 3.27
N TYR A 63 -7.43 -4.61 3.32
CA TYR A 63 -8.04 -4.01 4.50
C TYR A 63 -9.56 -4.06 4.41
N PRO A 64 -10.21 -4.03 5.59
CA PRO A 64 -11.68 -4.07 5.68
C PRO A 64 -12.35 -3.13 4.69
N ASP A 65 -12.07 -1.84 4.83
CA ASP A 65 -12.65 -0.82 3.95
C ASP A 65 -11.60 0.20 3.55
N SER A 66 -11.84 0.89 2.43
CA SER A 66 -10.92 1.91 1.94
C SER A 66 -10.34 2.73 3.08
N ALA A 67 -11.23 3.31 3.88
CA ALA A 67 -10.81 4.13 5.01
C ALA A 67 -9.56 3.55 5.67
N ALA A 68 -9.66 2.32 6.13
CA ALA A 68 -8.54 1.64 6.79
C ALA A 68 -7.32 1.61 5.87
N ALA A 69 -7.56 1.39 4.59
CA ALA A 69 -6.47 1.33 3.61
C ALA A 69 -5.80 2.69 3.46
N GLN A 70 -6.56 3.69 3.05
CA GLN A 70 -6.04 5.04 2.88
C GLN A 70 -5.35 5.53 4.14
N GLN A 71 -5.87 5.13 5.29
CA GLN A 71 -5.31 5.52 6.58
C GLN A 71 -3.97 4.84 6.82
N ALA A 72 -3.91 3.54 6.54
CA ALA A 72 -2.68 2.77 6.73
C ALA A 72 -1.60 3.24 5.76
N VAL A 73 -1.93 3.27 4.48
CA VAL A 73 -0.99 3.70 3.46
C VAL A 73 -0.17 4.91 3.92
N SER A 74 -0.87 6.01 4.19
CA SER A 74 -0.21 7.23 4.64
C SER A 74 0.86 6.92 5.68
N CYS A 75 0.55 5.99 6.58
CA CYS A 75 1.49 5.60 7.63
C CYS A 75 2.64 4.77 7.06
N LEU A 76 2.30 3.68 6.38
CA LEU A 76 3.30 2.80 5.79
C LEU A 76 4.33 3.62 5.01
N GLN A 77 3.86 4.58 4.23
CA GLN A 77 4.75 5.43 3.45
C GLN A 77 6.02 5.75 4.21
N GLY A 78 7.09 6.06 3.49
CA GLY A 78 8.36 6.38 4.13
C GLY A 78 9.06 5.15 4.67
N LEU A 79 8.32 4.32 5.38
CA LEU A 79 8.89 3.09 5.96
C LEU A 79 9.67 2.31 4.91
N ARG A 80 10.95 2.07 5.18
CA ARG A 80 11.80 1.33 4.26
C ARG A 80 12.64 0.30 5.02
N LEU A 81 12.82 -0.86 4.41
CA LEU A 81 13.59 -1.93 5.02
C LEU A 81 15.04 -1.90 4.53
N GLY A 82 15.98 -1.94 5.48
CA GLY A 82 17.39 -1.92 5.12
C GLY A 82 17.80 -0.61 4.47
N THR A 83 18.03 -0.65 3.17
CA THR A 83 18.44 0.54 2.43
C THR A 83 17.45 0.87 1.32
N ASP A 84 17.09 -0.13 0.53
CA ASP A 84 16.14 0.05 -0.56
C ASP A 84 14.75 0.38 -0.01
N THR A 85 14.15 1.43 -0.57
CA THR A 85 12.81 1.86 -0.14
C THR A 85 11.74 0.95 -0.70
N LEU A 86 10.60 0.90 -0.01
CA LEU A 86 9.49 0.05 -0.44
C LEU A 86 8.42 0.88 -1.14
N ARG A 87 7.98 0.42 -2.31
CA ARG A 87 6.96 1.12 -3.08
C ARG A 87 5.57 0.72 -2.60
N VAL A 88 4.96 1.57 -1.78
CA VAL A 88 3.62 1.31 -1.26
C VAL A 88 2.61 2.30 -1.82
N ALA A 89 1.60 1.78 -2.50
CA ALA A 89 0.56 2.62 -3.09
C ALA A 89 -0.70 1.81 -3.37
N LEU A 90 -1.86 2.44 -3.16
CA LEU A 90 -3.14 1.77 -3.39
C LEU A 90 -3.14 1.04 -4.73
N ALA A 91 -3.67 -0.18 -4.72
CA ALA A 91 -3.74 -0.99 -5.93
C ALA A 91 -5.05 -0.77 -6.66
N ARG A 92 -4.98 -0.07 -7.79
CA ARG A 92 -6.17 0.21 -8.59
C ARG A 92 -6.03 -0.36 -9.99
N GLN A 93 -7.06 -1.07 -10.44
CA GLN A 93 -7.06 -1.68 -11.77
C GLN A 93 -8.46 -1.70 -12.37
N GLN A 94 -8.58 -1.18 -13.59
CA GLN A 94 -9.86 -1.13 -14.27
C GLN A 94 -10.64 -2.43 -14.05
N ARG A 95 -9.98 -3.56 -14.31
CA ARG A 95 -10.61 -4.86 -14.14
C ARG A 95 -10.05 -5.58 -12.92
N ASP A 96 -10.95 -6.19 -12.14
CA ASP A 96 -10.54 -6.92 -10.94
C ASP A 96 -9.69 -8.14 -11.30
N LYS A 97 -8.67 -8.41 -10.50
CA LYS A 97 -7.79 -9.55 -10.73
C LYS A 97 -8.59 -10.85 -10.83
#